data_6RVH
#
_entry.id   6RVH
#
_cell.length_a   159.950
_cell.length_b   159.950
_cell.length_c   255.930
_cell.angle_alpha   90.00
_cell.angle_beta   90.00
_cell.angle_gamma   90.00
#
_symmetry.space_group_name_H-M   'P 42 21 2'
#
loop_
_entity.id
_entity.type
_entity.pdbx_description
1 polymer 'NADH oxidase'
2 non-polymer 'FLAVIN-ADENINE DINUCLEOTIDE'
3 non-polymer 'COENZYME A'
4 non-polymer MENADIONE
5 water water
#
_entity_poly.entity_id   1
_entity_poly.type   'polypeptide(L)'
_entity_poly.pdbx_seq_one_letter_code
;MGKRMVVVGGVAGGASAAAKAKRENPELEVVVYEKSGWVSYGACGLPYVLSGEIPRLERLVARTPEEFRKQGVLVHTRHE
VVDVDYELRTLTVHDHAEGRTFQDRFDHLVLATGARPSLPPIPGTEQEGVYTLRTMEDGERLLKALPQARRAAILGAGYI
GLEAAEAFRKRGLQVTLLEAKDRPLPHWDPEVGALLKEELERHGVEVWTGVKVEAFRGMGRVEAVETSEGVVPADLVLLA
TGIRPNTELAQAMGVALGPTGAIATDERMRTNLEGVYAAGDVAESFHRVLKRPYWLPLGDVANKHGRTAGSVIAGREARF
LGVVGTAIFKAFDLAVATTGLSLEGALKEGFWAKKVFIQSRDGAHYYPGSGPLWVELVYEEGTGRLLGGAVVARGHGALR
IDVLAALLHREGSVEDLLALDLAYAPPFSPVWDPLLIAAQQAR
;
_entity_poly.pdbx_strand_id   A,B,C,D
#
loop_
_chem_comp.id
_chem_comp.type
_chem_comp.name
_chem_comp.formula
COA non-polymer 'COENZYME A' 'C21 H36 N7 O16 P3 S'
FAD non-polymer 'FLAVIN-ADENINE DINUCLEOTIDE' 'C27 H33 N9 O15 P2'
VK3 non-polymer MENADIONE 'C11 H8 O2'
#
# COMPACT_ATOMS: atom_id res chain seq x y z
N MET A 1 -16.54 44.40 6.59
CA MET A 1 -17.89 44.84 6.20
C MET A 1 -18.93 43.62 6.07
N GLY A 2 -19.62 43.54 4.93
CA GLY A 2 -20.53 42.44 4.53
C GLY A 2 -20.33 42.04 3.05
N LYS A 3 -19.06 41.93 2.66
CA LYS A 3 -18.66 41.71 1.33
C LYS A 3 -18.86 40.20 0.92
N ARG A 4 -18.35 39.94 -0.28
CA ARG A 4 -18.49 38.67 -0.96
C ARG A 4 -17.13 37.96 -1.09
N MET A 5 -17.09 36.73 -0.55
CA MET A 5 -15.94 35.85 -0.56
C MET A 5 -16.21 34.77 -1.50
N VAL A 6 -15.35 34.65 -2.45
CA VAL A 6 -15.42 33.62 -3.46
C VAL A 6 -14.23 32.68 -3.22
N VAL A 7 -14.54 31.41 -3.03
CA VAL A 7 -13.50 30.40 -2.94
C VAL A 7 -13.43 29.52 -4.17
N VAL A 8 -12.43 29.74 -5.04
CA VAL A 8 -12.06 28.77 -6.07
C VAL A 8 -11.42 27.40 -5.54
N GLY A 9 -12.14 26.29 -5.70
CA GLY A 9 -11.67 25.03 -5.25
C GLY A 9 -12.14 24.90 -3.85
N GLY A 10 -12.76 23.77 -3.55
CA GLY A 10 -13.37 23.57 -2.26
C GLY A 10 -13.07 22.17 -1.77
N VAL A 11 -11.82 21.72 -1.93
CA VAL A 11 -11.51 20.41 -1.41
C VAL A 11 -11.11 20.43 0.04
N ALA A 12 -10.24 21.33 0.41
CA ALA A 12 -9.75 21.26 1.76
C ALA A 12 -9.16 22.56 2.21
N GLY A 13 -8.26 23.14 1.43
CA GLY A 13 -7.85 24.48 1.74
C GLY A 13 -9.12 25.26 1.66
N GLY A 14 -9.77 25.18 0.51
CA GLY A 14 -10.96 25.99 0.23
C GLY A 14 -12.18 25.80 1.15
N ALA A 15 -12.68 24.59 1.21
CA ALA A 15 -13.62 24.29 2.24
C ALA A 15 -13.21 24.88 3.66
N SER A 16 -11.96 24.71 4.08
CA SER A 16 -11.62 25.12 5.39
C SER A 16 -11.78 26.61 5.51
N ALA A 17 -11.46 27.31 4.45
CA ALA A 17 -11.54 28.75 4.49
C ALA A 17 -13.00 29.18 4.53
N ALA A 18 -13.80 28.65 3.60
CA ALA A 18 -15.22 29.04 3.53
C ALA A 18 -15.88 28.84 4.89
N ALA A 19 -15.77 27.67 5.48
CA ALA A 19 -16.47 27.38 6.73
C ALA A 19 -16.05 28.32 7.86
N LYS A 20 -14.80 28.72 7.86
CA LYS A 20 -14.26 29.46 8.96
C LYS A 20 -14.67 30.90 8.81
N ALA A 21 -14.70 31.36 7.60
CA ALA A 21 -15.02 32.74 7.38
C ALA A 21 -16.46 32.97 7.71
N LYS A 22 -17.35 32.06 7.28
CA LYS A 22 -18.77 32.24 7.50
C LYS A 22 -19.20 32.07 8.98
N ARG A 23 -18.53 31.18 9.68
CA ARG A 23 -18.63 31.07 11.12
C ARG A 23 -18.17 32.34 11.82
N GLU A 24 -17.17 33.04 11.30
CA GLU A 24 -16.47 34.00 12.12
C GLU A 24 -17.06 35.37 11.83
N ASN A 25 -17.65 35.45 10.64
CA ASN A 25 -18.41 36.61 10.28
C ASN A 25 -19.56 36.28 9.42
N PRO A 26 -20.70 35.92 10.00
CA PRO A 26 -21.84 35.36 9.26
C PRO A 26 -22.43 36.42 8.32
N GLU A 27 -21.93 37.64 8.39
CA GLU A 27 -22.37 38.70 7.47
C GLU A 27 -21.93 38.44 6.04
N LEU A 28 -21.01 37.50 5.86
CA LEU A 28 -20.31 37.47 4.58
C LEU A 28 -21.13 36.69 3.64
N GLU A 29 -21.01 37.06 2.36
CA GLU A 29 -21.57 36.23 1.31
C GLU A 29 -20.45 35.29 0.92
N VAL A 30 -20.60 33.97 1.12
CA VAL A 30 -19.51 32.99 0.88
C VAL A 30 -19.97 32.05 -0.16
N VAL A 31 -19.25 32.03 -1.25
CA VAL A 31 -19.58 31.11 -2.31
C VAL A 31 -18.33 30.27 -2.70
N VAL A 32 -18.49 28.95 -2.87
CA VAL A 32 -17.35 28.13 -3.24
C VAL A 32 -17.64 27.54 -4.56
N TYR A 33 -16.84 27.77 -5.61
CA TYR A 33 -16.91 27.09 -6.96
C TYR A 33 -15.91 25.94 -7.02
N GLU A 34 -16.41 24.76 -7.27
CA GLU A 34 -15.59 23.59 -7.30
C GLU A 34 -15.69 22.73 -8.58
N LYS A 35 -14.58 22.56 -9.29
CA LYS A 35 -14.58 21.88 -10.57
C LYS A 35 -15.03 20.42 -10.50
N SER A 36 -14.60 19.73 -9.48
CA SER A 36 -14.72 18.30 -9.45
C SER A 36 -16.09 17.78 -9.08
N GLY A 37 -17.04 18.62 -8.77
CA GLY A 37 -18.24 17.85 -8.45
C GLY A 37 -18.29 17.00 -7.16
N TRP A 38 -17.21 16.95 -6.40
CA TRP A 38 -17.28 16.59 -4.96
C TRP A 38 -16.51 17.63 -4.29
N VAL A 39 -16.75 17.80 -3.01
CA VAL A 39 -16.23 18.93 -2.24
C VAL A 39 -16.07 18.50 -0.80
N SER A 40 -15.22 19.16 -0.07
CA SER A 40 -14.91 18.75 1.30
C SER A 40 -14.78 17.19 1.58
N TYR A 41 -13.95 16.50 0.81
CA TYR A 41 -13.70 15.05 1.06
C TYR A 41 -12.27 14.81 1.38
N GLY A 42 -12.02 13.74 2.10
CA GLY A 42 -10.63 13.53 2.41
C GLY A 42 -9.81 12.63 1.54
N ALA A 43 -8.93 13.20 0.69
CA ALA A 43 -8.26 12.38 -0.32
C ALA A 43 -7.41 11.33 0.33
N CYS A 44 -7.03 11.66 1.55
CA CYS A 44 -6.10 10.93 2.40
C CYS A 44 -6.56 9.55 2.71
N GLY A 45 -7.85 9.31 2.48
CA GLY A 45 -8.52 8.12 2.92
C GLY A 45 -8.73 7.24 1.74
N LEU A 46 -8.68 7.78 0.52
CA LEU A 46 -8.85 6.96 -0.67
C LEU A 46 -8.22 5.51 -0.72
N PRO A 47 -6.95 5.35 -0.22
CA PRO A 47 -6.38 4.02 -0.16
C PRO A 47 -7.25 3.14 0.68
N TYR A 48 -7.77 3.71 1.75
CA TYR A 48 -8.62 2.89 2.64
C TYR A 48 -9.97 2.37 2.03
N VAL A 49 -10.42 3.09 1.02
CA VAL A 49 -11.66 2.77 0.32
C VAL A 49 -11.40 1.80 -0.78
N LEU A 50 -10.25 2.00 -1.43
CA LEU A 50 -9.71 1.16 -2.51
C LEU A 50 -9.46 -0.24 -1.95
N SER A 51 -8.96 -0.27 -0.68
CA SER A 51 -8.61 -1.52 -0.04
C SER A 51 -9.87 -2.33 0.44
N GLY A 52 -11.05 -1.71 0.37
CA GLY A 52 -12.23 -2.30 0.98
C GLY A 52 -12.35 -2.06 2.50
N GLU A 53 -11.29 -1.67 3.20
CA GLU A 53 -11.38 -1.42 4.64
C GLU A 53 -12.55 -0.48 5.03
N ILE A 54 -12.77 0.51 4.19
CA ILE A 54 -13.94 1.42 4.26
C ILE A 54 -14.90 1.15 3.05
N PRO A 55 -16.10 0.64 3.37
CA PRO A 55 -17.22 0.26 2.51
C PRO A 55 -17.45 1.24 1.31
N ARG A 56 -18.20 2.30 1.52
CA ARG A 56 -18.51 3.22 0.43
C ARG A 56 -17.65 4.54 0.30
N LEU A 57 -17.33 4.91 -0.91
CA LEU A 57 -16.56 6.10 -1.16
C LEU A 57 -17.08 7.43 -0.48
N GLU A 58 -18.38 7.56 -0.27
CA GLU A 58 -18.94 8.83 0.22
C GLU A 58 -18.69 8.94 1.68
N ARG A 59 -18.05 7.92 2.25
CA ARG A 59 -17.78 7.88 3.71
C ARG A 59 -16.68 8.87 4.01
N LEU A 60 -16.08 9.47 3.00
CA LEU A 60 -14.89 10.30 3.11
C LEU A 60 -15.20 11.81 3.07
N VAL A 61 -16.44 12.21 2.76
CA VAL A 61 -16.77 13.62 2.77
C VAL A 61 -17.01 14.01 4.23
N ALA A 62 -16.64 15.25 4.52
CA ALA A 62 -16.64 15.83 5.86
C ALA A 62 -17.90 16.75 6.10
N ARG A 63 -18.36 17.29 4.98
CA ARG A 63 -19.51 18.12 4.96
C ARG A 63 -20.06 18.08 3.49
N THR A 64 -21.40 18.09 3.36
CA THR A 64 -22.10 17.88 2.10
C THR A 64 -22.53 19.23 1.71
N PRO A 65 -22.79 19.43 0.39
CA PRO A 65 -23.18 20.75 -0.14
C PRO A 65 -24.49 21.23 0.52
N GLU A 66 -25.27 20.24 0.95
CA GLU A 66 -26.44 20.46 1.76
C GLU A 66 -26.05 21.02 3.16
N GLU A 67 -25.16 20.34 3.90
CA GLU A 67 -24.83 20.82 5.25
C GLU A 67 -24.18 22.22 5.11
N PHE A 68 -23.33 22.40 4.12
CA PHE A 68 -22.83 23.74 3.83
C PHE A 68 -23.93 24.83 3.65
N ARG A 69 -24.81 24.67 2.65
CA ARG A 69 -26.00 25.51 2.53
C ARG A 69 -26.68 25.77 3.85
N LYS A 70 -27.17 24.73 4.51
CA LYS A 70 -27.77 24.85 5.86
C LYS A 70 -26.93 25.73 6.83
N GLN A 71 -25.78 26.23 6.42
CA GLN A 71 -24.82 26.91 7.34
C GLN A 71 -24.26 28.21 6.73
N GLY A 72 -24.97 28.70 5.73
CA GLY A 72 -24.66 29.95 5.11
C GLY A 72 -23.73 29.82 3.89
N VAL A 73 -23.34 28.56 3.59
CA VAL A 73 -22.25 28.44 2.62
C VAL A 73 -22.71 27.84 1.31
N LEU A 74 -22.55 28.56 0.20
CA LEU A 74 -23.10 28.03 -1.02
C LEU A 74 -22.01 27.44 -1.85
N VAL A 75 -22.05 26.09 -2.00
CA VAL A 75 -21.12 25.40 -2.91
C VAL A 75 -21.72 25.00 -4.26
N HIS A 76 -20.92 25.02 -5.28
CA HIS A 76 -21.39 24.72 -6.60
C HIS A 76 -20.30 23.91 -7.17
N THR A 77 -20.54 22.61 -7.19
CA THR A 77 -19.68 21.65 -7.82
C THR A 77 -19.90 21.53 -9.32
N ARG A 78 -18.92 20.95 -9.99
CA ARG A 78 -19.00 20.91 -11.43
C ARG A 78 -19.00 22.32 -12.01
N HIS A 79 -18.46 23.28 -11.28
CA HIS A 79 -18.31 24.64 -11.75
C HIS A 79 -16.88 25.10 -11.81
N GLU A 80 -16.42 25.52 -12.97
CA GLU A 80 -15.01 25.82 -13.09
C GLU A 80 -14.74 27.27 -13.41
N VAL A 81 -14.05 28.00 -12.56
CA VAL A 81 -13.73 29.36 -12.95
C VAL A 81 -12.63 29.35 -13.95
N VAL A 82 -12.99 29.80 -15.12
CA VAL A 82 -12.17 29.83 -16.30
C VAL A 82 -11.36 31.12 -16.52
N ASP A 83 -11.88 32.27 -16.11
CA ASP A 83 -11.07 33.47 -16.09
C ASP A 83 -11.34 34.35 -14.83
N VAL A 84 -10.41 35.25 -14.50
CA VAL A 84 -10.61 36.19 -13.45
C VAL A 84 -10.15 37.55 -14.00
N ASP A 85 -10.97 38.59 -13.75
CA ASP A 85 -10.70 39.97 -14.20
C ASP A 85 -10.18 40.91 -13.12
N TYR A 86 -9.68 40.30 -12.06
CA TYR A 86 -8.73 40.87 -11.09
C TYR A 86 -8.58 42.37 -10.92
N GLU A 87 -7.28 42.62 -11.05
CA GLU A 87 -6.64 43.96 -11.12
C GLU A 87 -5.58 44.24 -12.40
N LEU A 88 -6.05 44.57 -13.65
CA LEU A 88 -7.48 44.79 -14.13
C LEU A 88 -8.54 45.35 -13.11
N ARG A 89 -9.71 44.74 -12.92
CA ARG A 89 -10.61 45.22 -11.91
C ARG A 89 -11.90 44.51 -11.83
N THR A 90 -11.95 43.89 -10.64
CA THR A 90 -12.90 42.91 -10.24
C THR A 90 -14.17 43.21 -10.95
N LEU A 91 -14.30 42.71 -12.20
CA LEU A 91 -15.61 42.03 -12.61
C LEU A 91 -15.42 40.65 -12.11
N THR A 92 -14.63 39.93 -12.90
CA THR A 92 -13.74 38.94 -12.38
C THR A 92 -14.53 37.70 -12.32
N VAL A 93 -13.96 36.55 -12.12
CA VAL A 93 -14.77 35.33 -12.24
C VAL A 93 -15.67 35.32 -13.53
N HIS A 94 -15.24 34.66 -14.60
CA HIS A 94 -16.17 34.02 -15.51
C HIS A 94 -16.18 32.56 -15.08
N ASP A 95 -17.33 31.93 -14.91
CA ASP A 95 -17.30 30.46 -14.88
C ASP A 95 -18.39 29.65 -15.40
N HIS A 96 -18.13 28.36 -15.48
CA HIS A 96 -18.92 27.35 -16.18
C HIS A 96 -19.78 26.34 -15.40
N ALA A 97 -21.15 26.35 -15.39
CA ALA A 97 -22.02 25.26 -14.73
C ALA A 97 -22.19 24.06 -15.63
N GLU A 98 -23.30 23.35 -15.36
CA GLU A 98 -23.93 22.34 -16.35
C GLU A 98 -25.13 22.87 -17.22
N GLY A 99 -24.80 22.93 -18.54
CA GLY A 99 -25.25 23.92 -19.49
C GLY A 99 -24.34 25.16 -19.53
N ARG A 100 -24.68 26.12 -18.66
CA ARG A 100 -24.38 27.52 -18.92
C ARG A 100 -22.96 27.96 -18.68
N THR A 101 -22.82 29.26 -18.48
CA THR A 101 -21.57 29.97 -18.23
C THR A 101 -21.79 31.47 -17.93
N PHE A 102 -21.31 31.91 -16.77
CA PHE A 102 -21.65 33.21 -16.25
C PHE A 102 -20.60 34.14 -15.56
N GLN A 103 -21.01 35.29 -15.13
CA GLN A 103 -20.13 36.10 -14.36
C GLN A 103 -20.41 36.11 -12.79
N ASP A 104 -19.39 36.49 -12.03
CA ASP A 104 -19.56 36.79 -10.62
C ASP A 104 -18.52 37.88 -10.20
N ARG A 105 -18.65 38.52 -9.03
CA ARG A 105 -17.69 39.54 -8.65
C ARG A 105 -17.24 39.02 -7.34
N PHE A 106 -16.12 39.59 -6.89
CA PHE A 106 -15.64 39.27 -5.56
C PHE A 106 -15.14 40.51 -4.83
N ASP A 107 -15.03 40.38 -3.51
CA ASP A 107 -14.40 41.37 -2.67
C ASP A 107 -13.18 40.62 -2.10
N HIS A 108 -13.43 39.36 -1.77
CA HIS A 108 -12.36 38.51 -1.26
C HIS A 108 -12.21 37.32 -2.19
N LEU A 109 -11.00 36.94 -2.56
CA LEU A 109 -10.79 35.74 -3.36
C LEU A 109 -9.84 34.93 -2.65
N VAL A 110 -10.33 33.70 -2.40
CA VAL A 110 -9.44 32.56 -2.05
C VAL A 110 -9.23 31.55 -3.21
N LEU A 111 -7.96 31.46 -3.67
CA LEU A 111 -7.48 30.43 -4.61
C LEU A 111 -7.09 29.12 -3.89
N ALA A 112 -7.71 27.95 -4.17
CA ALA A 112 -7.50 26.73 -3.37
C ALA A 112 -7.75 25.69 -4.31
N THR A 113 -7.07 25.83 -5.43
CA THR A 113 -7.25 24.98 -6.60
C THR A 113 -6.40 23.74 -6.52
N GLY A 114 -5.51 23.70 -5.53
CA GLY A 114 -4.74 22.53 -5.24
C GLY A 114 -3.69 22.09 -6.19
N ALA A 115 -3.65 20.79 -6.53
CA ALA A 115 -2.54 20.16 -7.28
C ALA A 115 -2.98 19.09 -8.12
N ARG A 116 -2.23 18.86 -9.17
CA ARG A 116 -2.59 17.80 -10.04
C ARG A 116 -1.43 16.83 -10.24
N PRO A 117 -1.72 15.58 -10.58
CA PRO A 117 -0.69 14.60 -10.89
C PRO A 117 0.37 15.14 -11.82
N SER A 118 1.65 14.94 -11.47
CA SER A 118 2.72 15.31 -12.36
C SER A 118 2.96 14.07 -13.12
N LEU A 119 2.78 14.13 -14.48
CA LEU A 119 2.95 12.95 -15.36
C LEU A 119 4.24 12.75 -16.07
N PRO A 120 4.84 11.56 -15.93
CA PRO A 120 6.13 11.45 -16.57
C PRO A 120 5.84 11.14 -18.00
N PRO A 121 6.83 11.45 -18.86
CA PRO A 121 6.68 11.44 -20.30
C PRO A 121 7.03 10.09 -20.72
N ILE A 122 6.03 9.21 -20.67
CA ILE A 122 6.06 7.87 -21.20
C ILE A 122 4.96 7.59 -22.20
N PRO A 123 5.36 7.06 -23.32
CA PRO A 123 4.41 6.66 -24.34
C PRO A 123 3.41 5.54 -23.87
N GLY A 124 2.11 5.76 -24.14
CA GLY A 124 1.10 4.78 -23.78
C GLY A 124 0.45 5.12 -22.47
N THR A 125 0.84 6.22 -21.83
CA THR A 125 0.10 6.65 -20.65
C THR A 125 -1.41 6.92 -20.87
N GLU A 126 -1.68 7.51 -22.04
CA GLU A 126 -2.96 7.92 -22.57
C GLU A 126 -3.96 6.71 -22.49
N GLN A 127 -3.46 5.48 -22.31
CA GLN A 127 -4.26 4.24 -22.40
C GLN A 127 -5.16 3.91 -21.29
N GLU A 128 -5.58 2.65 -21.29
CA GLU A 128 -6.88 2.36 -20.73
C GLU A 128 -6.84 1.79 -19.39
N GLY A 129 -5.77 1.11 -19.05
CA GLY A 129 -5.72 0.67 -17.66
C GLY A 129 -4.83 1.49 -16.78
N VAL A 130 -4.49 2.67 -17.25
CA VAL A 130 -3.55 3.53 -16.57
C VAL A 130 -4.33 4.60 -15.80
N TYR A 131 -4.10 4.60 -14.49
CA TYR A 131 -4.95 5.27 -13.55
C TYR A 131 -4.12 6.16 -12.71
N THR A 132 -4.75 7.19 -12.13
CA THR A 132 -4.12 8.11 -11.20
C THR A 132 -4.86 8.13 -9.80
N LEU A 133 -4.17 8.45 -8.67
CA LEU A 133 -4.99 8.53 -7.42
C LEU A 133 -4.92 9.84 -6.76
N ARG A 134 -5.89 10.74 -6.98
CA ARG A 134 -5.85 12.11 -6.45
C ARG A 134 -7.24 12.65 -6.05
N THR A 135 -8.27 12.43 -6.87
CA THR A 135 -9.62 12.93 -6.65
C THR A 135 -10.63 11.81 -6.42
N MET A 136 -11.90 12.19 -6.18
CA MET A 136 -12.88 11.13 -5.85
C MET A 136 -13.13 10.36 -7.11
N GLU A 137 -12.96 11.01 -8.24
CA GLU A 137 -13.33 10.42 -9.45
C GLU A 137 -12.35 9.35 -9.69
N ASP A 138 -11.07 9.67 -9.54
CA ASP A 138 -10.04 8.61 -9.55
C ASP A 138 -10.47 7.46 -8.65
N GLY A 139 -10.85 7.79 -7.43
CA GLY A 139 -11.55 6.82 -6.61
C GLY A 139 -12.49 5.85 -7.34
N GLU A 140 -13.65 6.37 -7.74
CA GLU A 140 -14.60 5.68 -8.58
C GLU A 140 -13.94 4.85 -9.68
N ARG A 141 -13.06 5.43 -10.49
CA ARG A 141 -12.48 4.68 -11.62
C ARG A 141 -11.78 3.39 -11.12
N LEU A 142 -10.87 3.65 -10.20
CA LEU A 142 -10.00 2.65 -9.68
C LEU A 142 -10.84 1.49 -9.07
N LEU A 143 -12.02 1.91 -8.58
CA LEU A 143 -12.88 1.14 -7.69
C LEU A 143 -13.62 0.15 -8.53
N LYS A 144 -13.85 0.63 -9.76
CA LYS A 144 -14.46 -0.14 -10.80
C LYS A 144 -13.55 -1.22 -11.33
N ALA A 145 -12.35 -0.78 -11.75
CA ALA A 145 -11.29 -1.68 -12.26
C ALA A 145 -10.84 -2.82 -11.34
N LEU A 146 -10.89 -2.56 -10.02
CA LEU A 146 -10.23 -3.38 -9.04
C LEU A 146 -10.69 -4.83 -8.85
N PRO A 147 -12.01 -5.07 -8.86
CA PRO A 147 -12.35 -6.55 -8.85
C PRO A 147 -12.09 -6.95 -10.27
N GLN A 148 -11.78 -8.18 -10.57
CA GLN A 148 -11.20 -8.42 -11.92
C GLN A 148 -9.73 -8.08 -11.89
N ALA A 149 -9.04 -8.59 -10.85
CA ALA A 149 -7.72 -8.09 -10.39
C ALA A 149 -6.91 -7.44 -11.49
N ARG A 150 -5.88 -8.08 -12.09
CA ARG A 150 -5.22 -9.33 -11.68
C ARG A 150 -3.83 -8.96 -11.24
N ARG A 151 -3.17 -8.14 -11.99
CA ARG A 151 -1.82 -7.81 -11.64
C ARG A 151 -1.48 -6.27 -11.84
N ALA A 152 -1.09 -5.62 -10.77
CA ALA A 152 -0.79 -4.20 -10.87
C ALA A 152 0.67 -3.82 -10.89
N ALA A 153 0.94 -2.65 -11.48
CA ALA A 153 2.21 -1.89 -11.37
C ALA A 153 2.02 -0.50 -10.88
N ILE A 154 2.79 -0.16 -9.91
CA ILE A 154 2.75 1.19 -9.42
C ILE A 154 4.13 1.79 -9.71
N LEU A 155 4.11 2.97 -10.33
CA LEU A 155 5.31 3.79 -10.54
C LEU A 155 5.46 4.80 -9.50
N GLY A 156 6.37 4.61 -8.58
CA GLY A 156 6.78 5.62 -7.65
C GLY A 156 6.69 5.06 -6.34
N ALA A 157 7.65 5.18 -5.49
CA ALA A 157 7.50 4.70 -4.15
C ALA A 157 7.48 5.81 -3.14
N GLY A 158 6.60 6.80 -3.35
CA GLY A 158 6.30 7.81 -2.37
C GLY A 158 5.34 7.33 -1.31
N TYR A 159 4.77 8.25 -0.53
CA TYR A 159 3.79 7.82 0.48
C TYR A 159 2.59 7.21 -0.21
N ILE A 160 1.95 7.98 -1.12
CA ILE A 160 0.78 7.43 -1.79
C ILE A 160 1.51 6.58 -2.72
N GLY A 161 1.00 5.39 -3.02
CA GLY A 161 1.91 4.56 -3.85
C GLY A 161 2.46 3.41 -3.06
N LEU A 162 3.30 3.70 -2.04
CA LEU A 162 3.42 2.75 -0.90
C LEU A 162 2.08 2.42 -0.24
N GLU A 163 1.34 3.46 0.20
CA GLU A 163 -0.07 3.29 0.65
C GLU A 163 -0.89 2.58 -0.40
N ALA A 164 -0.67 2.91 -1.67
CA ALA A 164 -1.39 2.24 -2.73
C ALA A 164 -1.15 0.70 -2.85
N ALA A 165 0.13 0.33 -2.78
CA ALA A 165 0.50 -1.08 -2.74
C ALA A 165 -0.22 -1.89 -1.66
N GLU A 166 -0.33 -1.32 -0.42
CA GLU A 166 -1.06 -2.02 0.65
C GLU A 166 -2.42 -2.26 0.11
N ALA A 167 -3.00 -1.20 -0.40
CA ALA A 167 -4.39 -1.23 -0.83
C ALA A 167 -4.57 -2.32 -1.81
N PHE A 168 -3.79 -2.26 -2.92
CA PHE A 168 -3.97 -3.24 -3.99
C PHE A 168 -3.76 -4.71 -3.56
N ARG A 169 -2.83 -4.95 -2.59
CA ARG A 169 -2.52 -6.33 -2.18
C ARG A 169 -3.71 -6.80 -1.42
N LYS A 170 -4.38 -5.86 -0.72
CA LYS A 170 -5.54 -6.16 0.12
C LYS A 170 -6.70 -6.62 -0.70
N ARG A 171 -6.85 -6.04 -1.83
CA ARG A 171 -7.72 -6.60 -2.86
C ARG A 171 -7.22 -7.79 -3.70
N GLY A 172 -6.19 -8.47 -3.18
CA GLY A 172 -5.67 -9.63 -3.85
C GLY A 172 -4.84 -9.62 -5.12
N LEU A 173 -4.45 -8.45 -5.69
CA LEU A 173 -3.71 -8.42 -6.94
C LEU A 173 -2.25 -8.67 -6.67
N GLN A 174 -1.49 -9.05 -7.69
CA GLN A 174 -0.12 -9.21 -7.40
C GLN A 174 0.51 -7.87 -7.69
N VAL A 175 1.27 -7.30 -6.79
CA VAL A 175 1.72 -6.00 -7.19
C VAL A 175 3.18 -5.83 -7.20
N THR A 176 3.60 -5.05 -8.13
CA THR A 176 5.02 -4.83 -8.26
C THR A 176 5.29 -3.30 -8.42
N LEU A 177 6.08 -2.78 -7.50
CA LEU A 177 6.41 -1.37 -7.47
C LEU A 177 7.62 -1.03 -8.34
N LEU A 178 7.50 0.00 -9.17
CA LEU A 178 8.67 0.46 -9.88
C LEU A 178 9.15 1.83 -9.41
N GLU A 179 10.28 1.91 -8.74
CA GLU A 179 10.91 3.24 -8.54
C GLU A 179 12.12 3.52 -9.47
N ALA A 180 12.31 4.76 -9.91
CA ALA A 180 13.58 5.20 -10.56
C ALA A 180 14.77 5.34 -9.64
N LYS A 181 14.55 5.82 -8.43
CA LYS A 181 15.69 6.01 -7.57
C LYS A 181 15.98 4.70 -6.88
N ASP A 182 17.06 4.69 -6.14
CA ASP A 182 17.56 3.45 -5.55
C ASP A 182 16.81 2.84 -4.39
N ARG A 183 15.96 3.59 -3.70
CA ARG A 183 15.21 3.02 -2.57
C ARG A 183 13.68 3.35 -2.61
N PRO A 184 12.82 2.55 -1.94
CA PRO A 184 11.52 3.16 -1.68
C PRO A 184 11.68 4.34 -0.74
N LEU A 185 10.74 5.27 -0.85
CA LEU A 185 10.78 6.51 -0.07
C LEU A 185 12.12 7.27 -0.23
N PRO A 186 12.54 7.41 -1.46
CA PRO A 186 13.81 7.99 -1.88
C PRO A 186 14.06 9.39 -1.34
N HIS A 187 13.07 9.93 -0.67
CA HIS A 187 13.21 11.33 -0.35
C HIS A 187 13.54 11.36 1.05
N TRP A 188 13.91 10.21 1.57
CA TRP A 188 14.48 10.20 2.88
C TRP A 188 15.74 9.29 3.06
N ASP A 189 16.50 9.50 4.13
CA ASP A 189 17.59 8.65 4.43
C ASP A 189 17.37 7.17 4.28
N PRO A 190 18.38 6.44 3.77
CA PRO A 190 18.23 5.10 3.17
C PRO A 190 17.75 4.02 4.11
N GLU A 191 17.94 4.21 5.45
CA GLU A 191 17.63 3.27 6.56
C GLU A 191 16.13 3.03 6.62
N VAL A 192 15.41 4.15 6.59
CA VAL A 192 13.97 4.07 6.44
C VAL A 192 13.50 3.34 5.21
N GLY A 193 13.89 3.79 4.00
CA GLY A 193 13.64 3.06 2.76
C GLY A 193 13.95 1.58 2.80
N ALA A 194 15.11 1.17 3.37
CA ALA A 194 15.46 -0.25 3.66
C ALA A 194 14.37 -1.06 4.40
N LEU A 195 13.97 -0.49 5.55
CA LEU A 195 12.87 -0.97 6.38
C LEU A 195 11.58 -1.24 5.63
N LEU A 196 11.38 -0.46 4.60
CA LEU A 196 10.14 -0.53 3.90
C LEU A 196 10.21 -1.54 2.82
N LYS A 197 11.35 -1.71 2.13
CA LYS A 197 11.52 -2.79 1.14
C LYS A 197 11.26 -4.15 1.84
N GLU A 198 11.79 -4.31 3.07
CA GLU A 198 11.68 -5.57 3.75
C GLU A 198 10.20 -5.75 4.00
N GLU A 199 9.54 -4.75 4.56
CA GLU A 199 8.12 -4.93 4.77
C GLU A 199 7.28 -5.08 3.53
N LEU A 200 7.61 -4.48 2.41
CA LEU A 200 6.76 -4.68 1.26
C LEU A 200 6.99 -6.05 0.72
N GLU A 201 8.26 -6.53 0.79
CA GLU A 201 8.57 -7.85 0.22
C GLU A 201 7.87 -8.90 1.12
N ARG A 202 7.96 -8.71 2.44
CA ARG A 202 7.32 -9.57 3.41
C ARG A 202 5.86 -9.71 3.12
N HIS A 203 5.27 -8.92 2.25
CA HIS A 203 3.83 -8.96 2.06
C HIS A 203 3.53 -9.08 0.59
N GLY A 204 4.51 -9.51 -0.16
CA GLY A 204 4.20 -10.06 -1.45
C GLY A 204 4.27 -9.05 -2.52
N VAL A 205 4.85 -7.89 -2.20
CA VAL A 205 5.02 -6.80 -3.16
C VAL A 205 6.43 -6.92 -3.67
N GLU A 206 6.54 -6.97 -4.98
CA GLU A 206 7.82 -7.05 -5.58
C GLU A 206 8.36 -5.66 -5.76
N VAL A 207 9.50 -5.31 -5.20
CA VAL A 207 10.00 -3.92 -5.47
C VAL A 207 11.25 -3.71 -6.40
N TRP A 208 11.04 -3.46 -7.69
CA TRP A 208 12.09 -2.97 -8.60
C TRP A 208 12.72 -1.51 -8.21
N THR A 209 14.01 -1.42 -7.99
CA THR A 209 14.62 -0.16 -7.70
C THR A 209 15.45 0.24 -8.92
N GLY A 210 15.84 1.50 -9.02
CA GLY A 210 16.62 1.95 -10.18
C GLY A 210 16.14 1.48 -11.56
N VAL A 211 14.92 1.80 -11.89
CA VAL A 211 14.31 1.29 -13.08
C VAL A 211 14.00 2.45 -13.94
N LYS A 212 14.27 2.30 -15.22
CA LYS A 212 13.83 3.31 -16.17
C LYS A 212 12.59 2.76 -16.84
N VAL A 213 11.42 3.31 -16.60
CA VAL A 213 10.30 2.82 -17.39
C VAL A 213 10.23 3.30 -18.81
N GLU A 214 10.29 2.43 -19.77
CA GLU A 214 10.38 2.91 -21.12
C GLU A 214 9.08 3.19 -21.85
N ALA A 215 8.07 2.31 -21.71
CA ALA A 215 6.74 2.55 -22.30
C ALA A 215 5.67 1.65 -21.79
N PHE A 216 4.38 1.99 -22.02
CA PHE A 216 3.30 1.12 -21.58
C PHE A 216 2.81 0.44 -22.81
N ARG A 217 2.89 -0.91 -22.84
CA ARG A 217 2.57 -1.73 -24.02
C ARG A 217 1.10 -1.96 -24.05
N GLY A 218 0.51 -1.77 -25.24
CA GLY A 218 -0.92 -2.03 -25.37
C GLY A 218 -1.39 -1.43 -26.65
N MET A 219 -2.58 -1.87 -27.06
CA MET A 219 -3.25 -1.36 -28.23
C MET A 219 -4.43 -0.47 -27.84
N GLY A 220 -4.16 0.50 -26.97
CA GLY A 220 -5.17 1.28 -26.26
C GLY A 220 -5.65 0.74 -24.89
N ARG A 221 -5.16 -0.46 -24.45
CA ARG A 221 -5.55 -1.05 -23.16
C ARG A 221 -4.50 -0.92 -22.15
N VAL A 222 -3.38 -1.59 -22.43
CA VAL A 222 -2.30 -1.84 -21.43
C VAL A 222 -2.34 -3.27 -20.85
N GLU A 223 -1.12 -3.78 -20.74
CA GLU A 223 -0.89 -5.14 -20.38
C GLU A 223 0.54 -5.33 -19.99
N ALA A 224 1.39 -4.36 -20.25
CA ALA A 224 2.79 -4.56 -19.96
C ALA A 224 3.61 -3.63 -19.00
N VAL A 225 4.13 -2.49 -19.49
CA VAL A 225 5.22 -1.78 -18.78
C VAL A 225 6.54 -2.46 -19.11
N GLU A 226 7.08 -2.09 -20.26
CA GLU A 226 8.45 -2.29 -20.64
C GLU A 226 9.32 -1.36 -19.85
N THR A 227 10.30 -1.95 -19.18
CA THR A 227 11.29 -1.21 -18.38
C THR A 227 12.71 -1.60 -18.71
N SER A 228 13.72 -0.84 -18.27
CA SER A 228 15.13 -1.16 -18.48
C SER A 228 15.42 -2.53 -17.88
N GLU A 229 14.86 -2.82 -16.75
CA GLU A 229 15.22 -4.08 -16.16
C GLU A 229 14.28 -5.18 -16.61
N GLY A 230 13.78 -5.16 -17.85
CA GLY A 230 12.78 -6.14 -18.18
C GLY A 230 11.32 -5.75 -18.25
N VAL A 231 10.46 -6.75 -18.43
CA VAL A 231 9.07 -6.47 -18.80
C VAL A 231 8.02 -7.00 -17.84
N VAL A 232 7.27 -6.07 -17.23
CA VAL A 232 6.30 -6.40 -16.21
C VAL A 232 4.90 -6.56 -16.73
N PRO A 233 4.38 -7.76 -16.63
CA PRO A 233 2.99 -7.88 -17.00
C PRO A 233 2.11 -7.15 -15.95
N ALA A 234 1.18 -6.34 -16.42
CA ALA A 234 0.29 -5.51 -15.60
C ALA A 234 -0.98 -5.14 -16.39
N ASP A 235 -2.14 -5.30 -15.79
CA ASP A 235 -3.33 -4.87 -16.49
C ASP A 235 -4.00 -3.65 -15.85
N LEU A 236 -3.61 -3.40 -14.62
CA LEU A 236 -3.77 -2.05 -14.08
C LEU A 236 -2.45 -1.49 -13.63
N VAL A 237 -2.20 -0.24 -14.05
CA VAL A 237 -1.06 0.56 -13.64
C VAL A 237 -1.46 1.92 -12.99
N LEU A 238 -0.81 2.28 -11.88
CA LEU A 238 -1.07 3.49 -11.16
C LEU A 238 0.20 4.30 -11.17
N LEU A 239 0.10 5.63 -11.44
CA LEU A 239 1.19 6.62 -11.55
C LEU A 239 1.17 7.38 -10.31
N ALA A 240 2.09 7.03 -9.44
CA ALA A 240 2.21 7.65 -8.16
C ALA A 240 3.50 8.43 -8.07
N THR A 241 3.71 9.33 -9.02
CA THR A 241 4.97 9.96 -9.39
C THR A 241 5.02 11.41 -9.09
N GLY A 242 4.24 11.79 -8.10
CA GLY A 242 4.21 13.16 -7.64
C GLY A 242 3.21 14.08 -8.25
N ILE A 243 3.10 15.25 -7.71
CA ILE A 243 2.10 16.22 -8.09
C ILE A 243 2.86 17.58 -8.28
N ARG A 244 2.11 18.59 -8.67
CA ARG A 244 2.60 19.89 -9.02
C ARG A 244 1.36 20.71 -8.76
N PRO A 245 1.58 21.89 -8.25
CA PRO A 245 0.47 22.79 -7.96
C PRO A 245 -0.23 23.41 -9.23
N ASN A 246 -1.57 23.37 -9.17
CA ASN A 246 -2.52 23.99 -10.09
C ASN A 246 -2.53 25.49 -10.12
N THR A 247 -1.48 26.09 -10.61
CA THR A 247 -1.36 27.52 -10.62
C THR A 247 -1.80 28.28 -11.91
N GLU A 248 -2.40 27.63 -12.92
CA GLU A 248 -2.54 28.26 -14.23
C GLU A 248 -3.43 29.44 -14.09
N LEU A 249 -4.54 29.20 -13.37
CA LEU A 249 -5.53 30.23 -13.15
C LEU A 249 -4.96 31.45 -12.44
N ALA A 250 -4.21 31.18 -11.40
CA ALA A 250 -3.53 32.24 -10.68
C ALA A 250 -2.57 33.08 -11.54
N GLN A 251 -1.89 32.46 -12.49
CA GLN A 251 -0.92 33.22 -13.24
C GLN A 251 -1.63 34.08 -14.17
N ALA A 252 -2.74 33.56 -14.70
CA ALA A 252 -3.62 34.37 -15.55
C ALA A 252 -3.75 35.75 -14.92
N MET A 253 -4.26 35.72 -13.67
CA MET A 253 -4.61 36.92 -13.00
C MET A 253 -3.43 37.67 -12.39
N GLY A 254 -2.20 37.11 -12.52
CA GLY A 254 -0.98 37.88 -12.24
C GLY A 254 -0.63 37.82 -10.77
N VAL A 255 -1.06 36.71 -10.20
CA VAL A 255 -0.62 36.36 -8.86
C VAL A 255 0.82 35.76 -8.95
N ALA A 256 1.72 36.26 -8.09
CA ALA A 256 3.10 35.81 -8.10
C ALA A 256 3.25 34.46 -7.52
N LEU A 257 4.05 33.68 -8.29
CA LEU A 257 4.53 32.35 -7.89
C LEU A 257 5.83 32.47 -7.04
N GLY A 258 5.97 31.62 -6.05
CA GLY A 258 7.25 31.57 -5.39
C GLY A 258 8.27 30.68 -6.11
N PRO A 259 9.44 30.50 -5.44
CA PRO A 259 10.55 29.80 -6.06
C PRO A 259 10.19 28.32 -6.25
N THR A 260 9.35 27.73 -5.41
CA THR A 260 8.86 26.33 -5.56
C THR A 260 7.90 26.16 -6.69
N GLY A 261 7.21 27.20 -7.14
CA GLY A 261 6.23 27.03 -8.20
C GLY A 261 4.81 27.10 -7.70
N ALA A 262 4.71 27.06 -6.39
CA ALA A 262 3.44 27.31 -5.80
C ALA A 262 3.22 28.84 -5.66
N ILE A 263 2.01 29.23 -5.23
CA ILE A 263 1.63 30.62 -5.07
C ILE A 263 2.30 31.05 -3.82
N ALA A 264 2.97 32.22 -3.94
CA ALA A 264 3.70 32.87 -2.87
C ALA A 264 2.72 33.51 -1.94
N THR A 265 2.88 33.31 -0.61
CA THR A 265 2.01 33.89 0.39
C THR A 265 2.74 34.45 1.54
N ASP A 266 2.10 35.28 2.34
CA ASP A 266 2.57 35.80 3.62
C ASP A 266 1.91 35.12 4.79
N GLU A 267 2.31 35.48 6.03
CA GLU A 267 1.77 34.90 7.26
C GLU A 267 0.24 35.03 7.39
N ARG A 268 -0.45 35.80 6.53
CA ARG A 268 -1.91 35.95 6.52
C ARG A 268 -2.42 35.28 5.27
N MET A 269 -1.57 34.65 4.49
CA MET A 269 -2.09 33.90 3.38
C MET A 269 -2.46 34.84 2.20
N ARG A 270 -2.01 36.08 2.29
CA ARG A 270 -2.28 37.04 1.28
C ARG A 270 -1.35 36.83 0.14
N THR A 271 -1.87 36.90 -1.10
CA THR A 271 -0.98 36.93 -2.25
C THR A 271 -0.47 38.37 -2.51
N ASN A 272 0.01 38.57 -3.72
CA ASN A 272 0.62 39.84 -4.01
C ASN A 272 -0.47 40.81 -4.36
N LEU A 273 -1.60 40.29 -4.81
CA LEU A 273 -2.72 41.16 -5.09
C LEU A 273 -3.57 41.46 -3.90
N GLU A 274 -3.90 42.72 -3.73
CA GLU A 274 -4.89 43.11 -2.71
C GLU A 274 -6.14 42.29 -2.79
N GLY A 275 -6.53 41.65 -1.70
CA GLY A 275 -7.78 40.91 -1.66
C GLY A 275 -7.87 39.47 -2.10
N VAL A 276 -6.74 38.93 -2.54
CA VAL A 276 -6.62 37.57 -3.04
C VAL A 276 -5.68 36.78 -2.21
N TYR A 277 -6.22 35.66 -1.75
CA TYR A 277 -5.43 34.82 -0.88
C TYR A 277 -5.29 33.46 -1.56
N ALA A 278 -4.31 32.67 -1.08
CA ALA A 278 -4.19 31.28 -1.47
C ALA A 278 -4.03 30.33 -0.29
N ALA A 279 -4.69 29.15 -0.45
CA ALA A 279 -4.78 28.10 0.55
C ALA A 279 -4.62 26.75 0.01
N GLY A 280 -3.79 25.94 0.69
CA GLY A 280 -3.61 24.50 0.42
C GLY A 280 -2.43 24.12 -0.49
N ASP A 281 -2.74 23.32 -1.48
CA ASP A 281 -1.67 22.71 -2.22
C ASP A 281 -1.24 23.63 -3.32
N VAL A 282 -1.91 24.75 -3.44
CA VAL A 282 -1.49 25.56 -4.49
C VAL A 282 -0.53 26.56 -3.85
N ALA A 283 -0.40 26.43 -2.53
CA ALA A 283 0.29 27.39 -1.66
C ALA A 283 1.65 26.98 -1.13
N GLU A 284 2.61 27.85 -1.33
CA GLU A 284 3.77 27.76 -0.53
C GLU A 284 3.50 28.03 0.99
N SER A 285 4.23 27.32 1.81
CA SER A 285 4.25 27.52 3.28
C SER A 285 5.70 27.81 3.58
N PHE A 286 5.91 28.30 4.80
CA PHE A 286 7.25 28.72 5.23
C PHE A 286 7.88 27.65 6.08
N HIS A 287 8.98 27.11 5.66
CA HIS A 287 9.66 26.10 6.39
C HIS A 287 10.52 26.68 7.45
N ARG A 288 10.17 26.47 8.68
CA ARG A 288 10.97 26.96 9.80
C ARG A 288 12.41 26.42 10.19
N VAL A 289 12.80 25.24 9.70
CA VAL A 289 14.17 24.81 9.77
C VAL A 289 14.92 25.37 8.61
N LEU A 290 14.40 25.22 7.35
CA LEU A 290 15.06 25.85 6.21
C LEU A 290 15.05 27.40 6.11
N LYS A 291 14.25 28.06 6.94
CA LYS A 291 13.99 29.53 6.94
C LYS A 291 13.78 30.03 5.57
N ARG A 292 12.83 29.48 4.80
CA ARG A 292 12.48 30.05 3.50
C ARG A 292 11.18 29.41 2.99
N PRO A 293 10.63 29.92 1.90
CA PRO A 293 9.45 29.27 1.36
C PRO A 293 9.75 27.89 0.82
N TYR A 294 8.72 27.07 0.93
CA TYR A 294 8.85 25.64 0.73
C TYR A 294 7.48 25.08 0.34
N TRP A 295 7.31 23.89 -0.21
CA TRP A 295 5.98 23.44 -0.64
C TRP A 295 5.62 22.18 0.02
N LEU A 296 4.56 22.24 0.79
CA LEU A 296 4.25 21.05 1.63
C LEU A 296 2.83 20.67 1.49
N PRO A 297 2.51 20.01 0.40
CA PRO A 297 1.18 19.61 -0.02
C PRO A 297 0.55 18.55 0.83
N LEU A 298 0.43 18.84 2.11
CA LEU A 298 -0.29 17.97 3.05
C LEU A 298 -1.65 18.50 3.53
N GLY A 299 -2.47 17.62 4.04
CA GLY A 299 -3.83 18.01 4.22
C GLY A 299 -4.02 18.76 5.48
N ASP A 300 -3.22 18.44 6.48
CA ASP A 300 -3.28 19.16 7.71
C ASP A 300 -2.74 20.62 7.39
N VAL A 301 -1.79 20.76 6.47
CA VAL A 301 -1.42 22.14 6.19
C VAL A 301 -2.46 22.83 5.34
N ALA A 302 -3.21 22.11 4.49
CA ALA A 302 -4.20 22.86 3.70
C ALA A 302 -5.20 23.47 4.70
N ASN A 303 -5.71 22.67 5.60
CA ASN A 303 -6.63 23.16 6.62
C ASN A 303 -6.13 24.36 7.41
N LYS A 304 -4.83 24.42 7.65
CA LYS A 304 -4.22 25.53 8.36
C LYS A 304 -4.23 26.75 7.52
N HIS A 305 -3.97 26.58 6.23
CA HIS A 305 -3.97 27.65 5.29
C HIS A 305 -5.32 28.18 5.22
N GLY A 306 -6.29 27.26 5.09
CA GLY A 306 -7.72 27.57 4.87
C GLY A 306 -8.25 28.36 6.03
N ARG A 307 -8.00 27.85 7.23
CA ARG A 307 -8.57 28.48 8.40
C ARG A 307 -7.97 29.86 8.54
N THR A 308 -6.73 30.04 8.16
CA THR A 308 -6.12 31.34 8.36
C THR A 308 -6.71 32.37 7.45
N ALA A 309 -6.77 32.11 6.12
CA ALA A 309 -7.40 33.02 5.11
C ALA A 309 -8.80 33.39 5.57
N GLY A 310 -9.59 32.35 5.80
CA GLY A 310 -10.92 32.59 6.32
C GLY A 310 -11.04 33.47 7.56
N SER A 311 -10.28 33.17 8.62
CA SER A 311 -10.27 33.99 9.77
C SER A 311 -9.81 35.47 9.43
N VAL A 312 -8.84 35.61 8.55
CA VAL A 312 -8.34 36.95 8.30
C VAL A 312 -9.42 37.66 7.58
N ILE A 313 -10.12 36.99 6.70
CA ILE A 313 -11.12 37.66 5.86
C ILE A 313 -12.23 38.10 6.68
N ALA A 314 -12.79 37.17 7.44
CA ALA A 314 -13.82 37.50 8.42
C ALA A 314 -13.44 38.59 9.49
N GLY A 315 -12.21 39.04 9.48
CA GLY A 315 -11.74 40.04 10.40
C GLY A 315 -11.25 39.65 11.82
N ARG A 316 -11.14 38.38 12.08
CA ARG A 316 -10.30 37.99 13.18
C ARG A 316 -8.80 38.18 12.87
N GLU A 317 -8.02 38.31 13.97
CA GLU A 317 -6.57 38.17 13.96
C GLU A 317 -6.06 36.71 13.89
N ALA A 318 -5.38 36.36 12.79
CA ALA A 318 -4.88 35.00 12.61
C ALA A 318 -3.65 35.12 11.79
N ARG A 319 -2.67 34.24 12.03
CA ARG A 319 -1.42 34.13 11.28
C ARG A 319 -1.02 32.67 11.15
N PHE A 320 -0.48 32.34 10.01
CA PHE A 320 0.12 31.05 9.72
C PHE A 320 1.65 31.08 9.88
N LEU A 321 2.15 30.41 10.90
CA LEU A 321 3.52 30.65 11.27
C LEU A 321 4.55 29.79 10.57
N GLY A 322 4.15 28.68 10.04
CA GLY A 322 4.96 28.05 9.07
C GLY A 322 4.80 26.57 9.41
N VAL A 323 5.46 25.69 8.61
CA VAL A 323 5.68 24.30 8.89
C VAL A 323 7.16 23.90 9.05
N VAL A 324 7.36 22.69 9.46
CA VAL A 324 8.63 22.16 9.80
C VAL A 324 8.81 20.84 8.97
N GLY A 325 7.78 20.42 8.26
CA GLY A 325 7.91 19.26 7.42
C GLY A 325 7.36 17.90 7.97
N THR A 326 6.56 17.99 8.95
CA THR A 326 6.14 16.77 9.51
C THR A 326 5.18 15.96 8.66
N ALA A 327 5.51 14.69 8.45
CA ALA A 327 4.62 13.77 7.68
C ALA A 327 4.42 12.38 8.25
N ILE A 328 3.27 11.76 8.16
CA ILE A 328 3.22 10.32 8.53
C ILE A 328 2.39 9.47 7.62
N PHE A 329 2.74 8.22 7.48
CA PHE A 329 1.89 7.45 6.58
C PHE A 329 1.88 6.02 6.98
N LYS A 330 0.89 5.23 6.64
CA LYS A 330 0.94 3.79 6.98
C LYS A 330 1.19 2.87 5.75
N ALA A 331 2.22 2.03 5.84
CA ALA A 331 2.40 1.01 4.84
C ALA A 331 2.44 -0.41 5.44
N PHE A 332 1.39 -1.21 5.25
CA PHE A 332 1.27 -2.45 5.96
C PHE A 332 1.39 -2.34 7.49
N ASP A 333 2.41 -2.95 8.06
CA ASP A 333 2.41 -3.12 9.49
C ASP A 333 3.36 -2.15 9.98
N LEU A 334 3.79 -1.26 9.10
CA LEU A 334 4.63 -0.15 9.52
C LEU A 334 3.98 1.18 9.45
N ALA A 335 4.33 2.01 10.41
CA ALA A 335 3.84 3.41 10.41
C ALA A 335 5.10 4.28 10.36
N VAL A 336 5.22 5.07 9.31
CA VAL A 336 6.48 5.81 9.06
C VAL A 336 6.40 7.33 9.19
N ALA A 337 7.11 7.87 10.13
CA ALA A 337 6.90 9.29 10.30
C ALA A 337 8.20 10.05 10.09
N THR A 338 8.20 11.23 9.51
CA THR A 338 9.43 11.99 9.30
C THR A 338 9.18 13.41 9.66
N THR A 339 10.15 14.32 9.53
CA THR A 339 10.01 15.69 9.88
C THR A 339 11.33 16.39 9.71
N GLY A 340 11.28 17.66 9.42
CA GLY A 340 12.49 18.41 9.21
C GLY A 340 13.21 17.96 7.97
N LEU A 341 14.52 18.10 7.99
CA LEU A 341 15.40 17.59 6.91
C LEU A 341 15.89 16.19 7.12
N SER A 342 16.18 15.54 6.04
CA SER A 342 16.94 14.33 6.19
C SER A 342 18.38 14.71 6.21
N LEU A 343 19.24 13.81 6.61
CA LEU A 343 20.65 14.06 6.58
C LEU A 343 21.04 14.33 5.18
N GLU A 344 20.62 13.46 4.25
CA GLU A 344 20.93 13.67 2.86
C GLU A 344 20.73 15.14 2.51
N GLY A 345 19.55 15.66 2.83
CA GLY A 345 19.20 17.04 2.47
C GLY A 345 19.75 18.10 3.39
N ALA A 346 19.98 17.76 4.68
CA ALA A 346 20.56 18.74 5.58
C ALA A 346 21.97 19.03 5.02
N LEU A 347 22.61 18.04 4.43
CA LEU A 347 23.92 18.21 3.84
C LEU A 347 23.80 19.02 2.59
N LYS A 348 22.88 18.72 1.66
CA LYS A 348 22.64 19.59 0.51
C LYS A 348 22.56 21.08 0.95
N GLU A 349 21.99 21.29 2.14
CA GLU A 349 21.89 22.70 2.63
C GLU A 349 23.16 23.21 3.20
N GLY A 350 24.20 22.42 3.26
CA GLY A 350 25.43 22.83 3.87
C GLY A 350 25.58 22.83 5.39
N PHE A 351 24.73 22.15 6.09
CA PHE A 351 25.05 22.05 7.51
C PHE A 351 26.14 20.98 7.73
N TRP A 352 26.95 21.14 8.74
CA TRP A 352 27.81 20.03 9.05
C TRP A 352 26.95 19.15 9.90
N ALA A 353 26.27 18.22 9.27
CA ALA A 353 25.17 17.45 9.82
C ALA A 353 25.51 15.99 10.03
N LYS A 354 25.22 15.47 11.17
CA LYS A 354 25.33 14.03 11.36
C LYS A 354 23.94 13.39 11.57
N LYS A 355 23.90 12.09 11.47
CA LYS A 355 22.67 11.32 11.75
C LYS A 355 22.84 10.19 12.78
N VAL A 356 21.77 9.83 13.40
CA VAL A 356 21.95 8.66 14.24
C VAL A 356 20.65 7.86 14.08
N PHE A 357 20.77 6.52 13.96
CA PHE A 357 19.64 5.61 13.69
C PHE A 357 19.67 4.48 14.65
N ILE A 358 18.70 4.46 15.54
CA ILE A 358 18.70 3.44 16.56
C ILE A 358 17.43 2.60 16.35
N GLN A 359 17.44 1.32 16.85
CA GLN A 359 16.24 0.52 16.91
C GLN A 359 15.91 0.16 18.41
N SER A 360 14.76 0.60 18.88
CA SER A 360 14.34 0.29 20.20
C SER A 360 13.05 -0.48 20.16
N ARG A 361 12.30 -0.44 21.26
CA ARG A 361 11.02 -1.13 21.24
C ARG A 361 9.86 -0.13 21.48
N ASP A 362 8.63 -0.66 21.37
CA ASP A 362 7.45 0.09 21.65
C ASP A 362 6.82 -0.41 22.90
N GLY A 363 7.57 -0.54 24.00
CA GLY A 363 7.14 -1.13 25.26
C GLY A 363 8.27 -1.87 25.97
N ALA A 364 8.13 -2.18 27.24
CA ALA A 364 9.25 -2.81 27.89
C ALA A 364 9.67 -4.13 27.17
N HIS A 365 10.98 -4.48 27.17
CA HIS A 365 11.44 -5.80 26.63
C HIS A 365 10.44 -6.92 26.93
N TYR A 366 9.95 -6.94 28.14
CA TYR A 366 9.21 -8.05 28.70
C TYR A 366 7.76 -7.98 28.37
N TYR A 367 7.30 -6.94 27.67
CA TYR A 367 5.83 -6.74 27.64
C TYR A 367 5.30 -7.37 26.38
N PRO A 368 4.24 -8.18 26.55
CA PRO A 368 3.55 -8.92 25.50
C PRO A 368 3.26 -8.06 24.27
N GLY A 369 3.69 -8.51 23.09
CA GLY A 369 3.34 -7.88 21.85
C GLY A 369 4.04 -6.57 21.60
N SER A 370 5.13 -6.29 22.33
CA SER A 370 5.84 -5.00 22.26
C SER A 370 6.48 -5.08 20.94
N GLY A 371 6.35 -4.04 20.13
CA GLY A 371 6.97 -4.12 18.80
C GLY A 371 8.40 -3.55 18.74
N PRO A 372 8.97 -3.48 17.56
CA PRO A 372 10.16 -2.62 17.35
C PRO A 372 9.68 -1.21 17.13
N LEU A 373 10.66 -0.35 17.23
CA LEU A 373 10.47 1.08 17.01
C LEU A 373 11.79 1.67 16.70
N TRP A 374 11.94 2.20 15.51
CA TRP A 374 13.19 2.88 15.14
C TRP A 374 13.04 4.39 15.33
N VAL A 375 14.12 5.10 15.42
CA VAL A 375 14.03 6.59 15.45
C VAL A 375 15.34 7.03 15.02
N GLU A 376 15.34 8.06 14.22
CA GLU A 376 16.56 8.75 13.65
C GLU A 376 16.58 10.16 14.07
N LEU A 377 17.69 10.82 13.87
CA LEU A 377 17.86 12.14 14.44
C LEU A 377 18.89 12.72 13.57
N VAL A 378 18.61 13.86 13.03
CA VAL A 378 19.53 14.45 12.05
C VAL A 378 19.83 15.66 12.77
N TYR A 379 21.09 15.89 13.05
CA TYR A 379 21.53 17.05 13.85
C TYR A 379 22.76 17.80 13.33
N GLU A 380 22.97 19.05 13.76
CA GLU A 380 24.09 19.86 13.29
C GLU A 380 25.25 19.53 14.22
N GLU A 381 26.45 19.36 13.70
CA GLU A 381 27.55 18.78 14.46
C GLU A 381 27.89 19.58 15.68
N GLY A 382 28.04 20.86 15.40
CA GLY A 382 28.60 21.75 16.40
C GLY A 382 27.67 21.91 17.56
N THR A 383 26.71 22.81 17.25
CA THR A 383 25.58 23.24 18.06
C THR A 383 24.75 22.14 18.73
N GLY A 384 24.51 21.05 18.02
CA GLY A 384 23.62 20.03 18.54
C GLY A 384 22.19 20.33 18.11
N ARG A 385 22.02 21.30 17.17
CA ARG A 385 20.71 21.74 16.69
C ARG A 385 19.94 20.61 16.01
N LEU A 386 18.73 20.30 16.45
CA LEU A 386 17.99 19.38 15.65
C LEU A 386 17.66 19.96 14.34
N LEU A 387 17.67 19.16 13.26
CA LEU A 387 17.26 19.61 11.96
C LEU A 387 16.28 18.67 11.31
N GLY A 388 16.11 17.43 11.79
CA GLY A 388 15.26 16.48 11.07
C GLY A 388 15.18 15.31 11.94
N GLY A 389 14.25 14.42 11.70
CA GLY A 389 14.25 13.16 12.41
C GLY A 389 13.19 12.26 11.89
N ALA A 390 13.23 10.99 12.20
CA ALA A 390 12.12 10.10 11.80
C ALA A 390 11.79 9.09 12.84
N VAL A 391 10.61 8.55 12.78
CA VAL A 391 10.41 7.48 13.74
C VAL A 391 9.58 6.49 13.05
N VAL A 392 9.85 5.20 13.22
CA VAL A 392 8.96 4.19 12.64
C VAL A 392 8.60 3.13 13.63
N ALA A 393 7.31 2.83 13.61
CA ALA A 393 6.68 1.94 14.57
C ALA A 393 5.70 1.02 13.86
N ARG A 394 5.23 -0.02 14.57
CA ARG A 394 3.97 -0.64 14.14
C ARG A 394 2.92 0.37 14.62
N GLY A 395 3.16 1.00 15.81
CA GLY A 395 2.20 1.72 16.67
C GLY A 395 1.28 2.86 16.19
N HIS A 396 -0.01 2.85 16.67
CA HIS A 396 -1.23 3.70 16.21
C HIS A 396 -1.37 5.00 17.01
N GLY A 397 -0.21 5.05 17.74
CA GLY A 397 0.93 5.92 17.55
C GLY A 397 2.42 5.43 17.74
N ALA A 398 3.25 6.49 17.72
CA ALA A 398 4.74 6.71 17.85
C ALA A 398 4.80 7.05 16.38
N LEU A 399 4.87 8.41 16.30
CA LEU A 399 3.76 9.50 16.55
C LEU A 399 4.41 10.38 17.63
N ARG A 400 5.45 9.72 18.21
CA ARG A 400 6.50 10.30 18.97
C ARG A 400 7.22 11.45 18.08
N ILE A 401 6.99 11.42 16.77
CA ILE A 401 7.68 12.30 15.92
C ILE A 401 7.20 13.72 16.40
N ASP A 402 5.99 13.72 17.02
CA ASP A 402 5.32 14.95 17.27
C ASP A 402 6.26 15.71 18.12
N VAL A 403 7.07 14.98 18.87
CA VAL A 403 7.98 15.66 19.80
C VAL A 403 9.09 16.39 19.07
N LEU A 404 9.60 15.74 18.04
CA LEU A 404 10.70 16.32 17.31
C LEU A 404 10.23 17.55 16.59
N ALA A 405 9.15 17.42 15.85
CA ALA A 405 8.44 18.60 15.40
C ALA A 405 8.32 19.80 16.34
N ALA A 406 7.93 19.46 17.59
CA ALA A 406 7.85 20.38 18.68
C ALA A 406 9.17 21.03 18.91
N LEU A 407 10.27 20.26 18.89
CA LEU A 407 11.62 20.78 19.18
C LEU A 407 12.13 21.51 18.06
N LEU A 408 11.84 20.99 16.84
CA LEU A 408 12.10 21.64 15.59
C LEU A 408 11.52 23.00 15.45
N HIS A 409 10.27 23.16 15.88
CA HIS A 409 9.56 24.48 15.92
C HIS A 409 10.32 25.83 16.43
N ARG A 410 10.60 25.95 17.73
CA ARG A 410 11.67 26.84 18.25
C ARG A 410 13.04 26.13 17.84
N GLU A 411 14.23 26.66 17.98
CA GLU A 411 15.26 25.82 17.37
C GLU A 411 15.98 24.93 18.35
N GLY A 412 15.35 23.78 18.59
CA GLY A 412 15.65 22.96 19.74
C GLY A 412 16.76 22.08 19.29
N SER A 413 17.50 21.60 20.30
CA SER A 413 18.73 20.78 20.17
C SER A 413 18.64 19.42 20.77
N VAL A 414 19.69 18.66 20.58
CA VAL A 414 19.72 17.33 21.10
C VAL A 414 19.89 17.37 22.64
N GLU A 415 20.51 18.41 23.14
CA GLU A 415 20.50 18.61 24.55
C GLU A 415 19.12 18.78 25.13
N ASP A 416 18.29 19.52 24.40
CA ASP A 416 16.93 19.81 24.78
C ASP A 416 16.11 18.52 24.77
N LEU A 417 16.19 17.81 23.66
CA LEU A 417 15.57 16.49 23.57
C LEU A 417 15.91 15.64 24.78
N LEU A 418 17.15 15.61 25.17
CA LEU A 418 17.63 14.84 26.31
C LEU A 418 17.05 15.19 27.69
N ALA A 419 16.85 16.47 27.96
CA ALA A 419 16.24 16.98 29.16
C ALA A 419 14.75 16.62 29.35
N LEU A 420 14.08 16.21 28.28
CA LEU A 420 12.64 16.13 28.28
C LEU A 420 12.17 15.08 29.19
N ASP A 421 11.09 15.42 29.84
CA ASP A 421 10.53 14.50 30.81
C ASP A 421 9.46 13.61 30.10
N LEU A 422 9.90 12.54 29.45
CA LEU A 422 8.87 11.73 28.82
C LEU A 422 8.12 10.68 29.64
N ALA A 423 7.03 10.23 29.09
CA ALA A 423 6.25 9.19 29.75
C ALA A 423 6.75 7.83 29.48
N TYR A 424 6.78 7.13 30.60
CA TYR A 424 7.12 5.73 30.66
C TYR A 424 6.05 4.95 31.26
N ALA A 425 5.78 3.79 30.66
CA ALA A 425 5.14 2.64 31.34
C ALA A 425 5.15 1.50 30.42
N PRO A 426 5.18 0.28 30.99
CA PRO A 426 5.65 -0.88 30.29
C PRO A 426 4.98 -1.11 28.93
N PRO A 427 3.70 -0.80 28.77
CA PRO A 427 3.05 -1.13 27.49
C PRO A 427 3.36 -0.20 26.34
N PHE A 428 4.03 0.93 26.62
CA PHE A 428 4.05 2.03 25.67
C PHE A 428 5.44 2.42 25.35
N SER A 429 6.37 2.00 26.17
CA SER A 429 7.74 2.52 25.98
C SER A 429 8.68 1.74 26.87
N PRO A 430 9.90 1.45 26.42
CA PRO A 430 11.00 0.99 27.30
C PRO A 430 11.30 2.04 28.39
N VAL A 431 12.20 1.82 29.35
CA VAL A 431 12.26 2.82 30.42
C VAL A 431 12.98 4.14 29.99
N TRP A 432 13.85 3.97 29.03
CA TRP A 432 14.28 5.15 28.26
C TRP A 432 13.40 5.32 27.01
N ASP A 433 12.58 6.36 26.95
CA ASP A 433 11.94 6.48 25.61
C ASP A 433 13.01 6.37 24.45
N PRO A 434 12.69 5.65 23.30
CA PRO A 434 13.46 5.59 22.05
C PRO A 434 14.01 6.91 21.67
N LEU A 435 13.22 8.01 21.63
CA LEU A 435 13.73 9.40 21.50
C LEU A 435 14.90 9.64 22.39
N LEU A 436 14.80 9.37 23.70
CA LEU A 436 15.93 9.61 24.57
C LEU A 436 17.17 8.73 24.27
N ILE A 437 17.01 7.45 24.08
CA ILE A 437 18.21 6.60 23.86
C ILE A 437 18.90 7.29 22.64
N ALA A 438 18.11 7.65 21.64
CA ALA A 438 18.64 8.12 20.36
C ALA A 438 19.37 9.40 20.61
N ALA A 439 18.87 10.15 21.57
CA ALA A 439 19.47 11.41 21.86
C ALA A 439 20.91 11.15 22.37
N GLN A 440 21.84 11.71 21.56
CA GLN A 440 23.34 11.59 21.56
C GLN A 440 23.77 10.09 21.57
N GLN A 441 23.67 9.72 22.88
CA GLN A 441 23.12 8.50 23.37
C GLN A 441 23.10 7.54 22.10
N ALA A 442 23.72 6.34 22.31
CA ALA A 442 24.14 5.32 21.33
C ALA A 442 24.42 5.90 19.91
N ARG A 443 25.52 5.43 19.25
CA ARG A 443 26.06 5.84 17.90
C ARG A 443 25.44 5.00 16.70
N MET B 1 40.24 9.16 39.59
CA MET B 1 41.24 8.13 39.93
C MET B 1 40.85 6.62 39.56
N GLY B 2 40.99 5.71 40.57
CA GLY B 2 40.62 4.29 40.56
C GLY B 2 39.96 3.84 41.88
N LYS B 3 39.07 4.72 42.33
CA LYS B 3 38.35 4.62 43.57
C LYS B 3 37.24 3.53 43.51
N ARG B 4 36.63 3.42 44.68
CA ARG B 4 35.63 2.43 45.03
C ARG B 4 34.27 3.15 45.18
N MET B 5 33.38 2.80 44.26
CA MET B 5 31.96 3.14 44.33
C MET B 5 31.12 1.98 44.96
N VAL B 6 30.44 2.38 46.01
CA VAL B 6 29.49 1.50 46.69
C VAL B 6 28.04 2.02 46.38
N VAL B 7 27.22 1.16 45.84
CA VAL B 7 25.82 1.53 45.63
C VAL B 7 25.02 0.75 46.62
N VAL B 8 24.29 1.46 47.47
CA VAL B 8 23.30 0.87 48.37
C VAL B 8 21.91 0.82 47.69
N GLY B 9 21.34 -0.40 47.59
CA GLY B 9 20.14 -0.65 46.79
C GLY B 9 20.44 -0.72 45.28
N GLY B 10 19.93 -1.73 44.61
CA GLY B 10 20.32 -1.96 43.23
C GLY B 10 19.14 -2.28 42.35
N VAL B 11 18.03 -1.63 42.68
CA VAL B 11 16.87 -1.88 41.88
C VAL B 11 16.84 -1.05 40.58
N ALA B 12 17.06 0.25 40.65
CA ALA B 12 16.88 0.97 39.40
C ALA B 12 17.74 2.22 39.38
N GLY B 13 17.66 2.96 40.44
CA GLY B 13 18.51 4.09 40.49
C GLY B 13 19.85 3.41 40.63
N GLY B 14 19.92 2.50 41.60
CA GLY B 14 21.19 1.93 41.98
C GLY B 14 21.84 1.21 40.83
N ALA B 15 21.14 0.19 40.31
CA ALA B 15 21.64 -0.45 39.08
C ALA B 15 22.08 0.55 38.03
N SER B 16 21.23 1.49 37.72
CA SER B 16 21.56 2.45 36.69
C SER B 16 22.94 3.10 36.82
N ALA B 17 23.19 3.45 38.07
CA ALA B 17 24.31 4.22 38.47
C ALA B 17 25.53 3.35 38.30
N ALA B 18 25.41 2.10 38.76
CA ALA B 18 26.57 1.25 38.77
C ALA B 18 26.94 0.82 37.34
N ALA B 19 25.97 0.68 36.50
CA ALA B 19 26.27 0.14 35.21
C ALA B 19 26.95 1.19 34.39
N LYS B 20 26.52 2.41 34.62
CA LYS B 20 27.02 3.50 33.80
C LYS B 20 28.36 3.91 34.26
N ALA B 21 28.53 3.97 35.58
CA ALA B 21 29.82 4.23 36.23
C ALA B 21 30.94 3.30 35.74
N LYS B 22 30.67 2.00 35.77
CA LYS B 22 31.64 1.02 35.34
C LYS B 22 31.93 1.06 33.83
N ARG B 23 30.93 1.46 33.05
CA ARG B 23 31.07 1.55 31.63
C ARG B 23 31.91 2.74 31.28
N GLU B 24 31.86 3.80 32.09
CA GLU B 24 32.37 5.11 31.63
C GLU B 24 33.73 5.27 32.12
N ASN B 25 33.99 4.62 33.25
CA ASN B 25 35.32 4.50 33.83
C ASN B 25 35.58 3.11 34.38
N PRO B 26 36.15 2.20 33.56
CA PRO B 26 36.27 0.83 33.97
C PRO B 26 37.27 0.60 35.14
N GLU B 27 38.12 1.60 35.35
CA GLU B 27 39.02 1.61 36.50
C GLU B 27 38.38 1.60 37.89
N LEU B 28 37.08 1.77 37.95
CA LEU B 28 36.45 1.85 39.25
C LEU B 28 36.10 0.44 39.76
N GLU B 29 36.18 0.33 41.08
CA GLU B 29 35.75 -0.87 41.74
C GLU B 29 34.31 -0.54 42.04
N VAL B 30 33.39 -1.31 41.46
CA VAL B 30 31.98 -0.98 41.62
C VAL B 30 31.29 -2.13 42.27
N VAL B 31 30.72 -1.78 43.44
CA VAL B 31 29.98 -2.76 44.29
C VAL B 31 28.53 -2.30 44.57
N VAL B 32 27.57 -3.22 44.45
CA VAL B 32 26.19 -2.98 44.79
C VAL B 32 25.70 -3.88 45.95
N TYR B 33 25.09 -3.29 46.96
CA TYR B 33 24.62 -4.04 48.09
C TYR B 33 23.16 -3.83 48.05
N GLU B 34 22.45 -4.97 47.88
CA GLU B 34 21.00 -5.02 47.70
C GLU B 34 20.34 -5.83 48.76
N LYS B 35 19.49 -5.23 49.58
CA LYS B 35 18.73 -5.97 50.64
C LYS B 35 17.72 -7.11 50.22
N SER B 36 17.04 -6.85 49.12
CA SER B 36 15.99 -7.69 48.64
C SER B 36 16.42 -8.96 47.87
N GLY B 37 17.70 -9.25 47.69
CA GLY B 37 17.86 -10.52 46.96
C GLY B 37 17.38 -10.71 45.50
N TRP B 38 16.67 -9.74 44.92
CA TRP B 38 16.74 -9.55 43.46
C TRP B 38 17.18 -8.09 43.17
N VAL B 39 17.80 -7.87 42.01
CA VAL B 39 18.35 -6.56 41.74
C VAL B 39 18.02 -6.36 40.27
N SER B 40 18.04 -5.12 39.83
CA SER B 40 17.79 -4.87 38.39
C SER B 40 16.50 -5.52 37.71
N TYR B 41 15.35 -5.41 38.38
CA TYR B 41 14.07 -5.87 37.86
C TYR B 41 13.07 -4.75 37.67
N GLY B 42 12.27 -4.73 36.60
CA GLY B 42 11.27 -3.67 36.54
C GLY B 42 9.96 -3.85 37.33
N ALA B 43 9.82 -3.30 38.55
CA ALA B 43 8.54 -3.44 39.34
C ALA B 43 7.34 -3.01 38.56
N CYS B 44 7.57 -2.28 37.47
CA CYS B 44 6.53 -1.60 36.74
C CYS B 44 5.78 -2.62 36.00
N GLY B 45 6.35 -3.78 35.83
CA GLY B 45 5.71 -4.91 35.15
C GLY B 45 4.99 -5.94 36.06
N LEU B 46 5.09 -5.73 37.35
CA LEU B 46 4.43 -6.61 38.28
C LEU B 46 2.96 -6.89 38.03
N PRO B 47 2.16 -5.86 37.79
CA PRO B 47 0.78 -6.12 37.47
C PRO B 47 0.74 -7.04 36.28
N TYR B 48 1.58 -6.85 35.23
CA TYR B 48 1.42 -7.76 34.07
C TYR B 48 1.76 -9.30 34.35
N VAL B 49 2.46 -9.56 35.48
CA VAL B 49 2.88 -10.93 35.76
C VAL B 49 1.73 -11.58 36.54
N LEU B 50 1.10 -10.69 37.32
CA LEU B 50 0.08 -11.09 38.27
C LEU B 50 -1.13 -11.52 37.46
N SER B 51 -1.42 -10.67 36.47
CA SER B 51 -2.49 -10.85 35.50
C SER B 51 -2.27 -12.08 34.62
N GLY B 52 -1.05 -12.61 34.60
CA GLY B 52 -0.78 -13.80 33.80
C GLY B 52 -0.35 -13.51 32.37
N GLU B 53 -0.56 -12.27 31.91
CA GLU B 53 -0.09 -11.84 30.59
C GLU B 53 1.41 -12.24 30.36
N ILE B 54 2.21 -12.04 31.40
CA ILE B 54 3.61 -12.43 31.36
C ILE B 54 3.78 -13.65 32.20
N PRO B 55 4.14 -14.77 31.60
CA PRO B 55 4.38 -16.12 32.12
C PRO B 55 5.12 -16.19 33.47
N ARG B 56 6.46 -16.10 33.51
CA ARG B 56 7.23 -16.14 34.76
C ARG B 56 7.77 -14.76 35.30
N LEU B 57 7.75 -14.63 36.60
CA LEU B 57 8.20 -13.41 37.21
C LEU B 57 9.70 -13.01 36.82
N GLU B 58 10.62 -13.96 36.66
CA GLU B 58 12.02 -13.60 36.32
C GLU B 58 12.12 -12.90 35.00
N ARG B 59 11.02 -12.90 34.23
CA ARG B 59 11.03 -12.26 32.92
C ARG B 59 11.17 -10.68 32.99
N LEU B 60 11.11 -10.14 34.23
CA LEU B 60 11.18 -8.71 34.62
C LEU B 60 12.64 -8.12 34.89
N VAL B 61 13.56 -9.04 35.12
CA VAL B 61 14.89 -8.59 35.37
C VAL B 61 15.54 -8.14 34.09
N ALA B 62 16.35 -7.06 34.17
CA ALA B 62 17.05 -6.43 33.05
C ALA B 62 18.51 -6.95 32.84
N ARG B 63 19.12 -7.20 33.98
CA ARG B 63 20.45 -7.76 34.03
C ARG B 63 20.56 -8.65 35.26
N THR B 64 21.16 -9.85 35.12
CA THR B 64 21.37 -10.74 36.30
C THR B 64 22.71 -10.51 36.96
N PRO B 65 22.83 -10.90 38.23
CA PRO B 65 24.06 -10.69 38.98
C PRO B 65 25.21 -11.31 38.25
N GLU B 66 24.86 -12.28 37.43
CA GLU B 66 25.88 -12.89 36.62
C GLU B 66 26.31 -11.92 35.58
N GLU B 67 25.36 -11.46 34.76
CA GLU B 67 25.76 -10.56 33.66
C GLU B 67 26.57 -9.35 34.25
N PHE B 68 26.10 -8.86 35.41
CA PHE B 68 26.74 -7.75 36.05
C PHE B 68 28.22 -8.07 36.26
N ARG B 69 28.46 -9.19 36.99
CA ARG B 69 29.84 -9.71 37.28
C ARG B 69 30.65 -9.74 36.02
N LYS B 70 30.12 -10.41 34.97
CA LYS B 70 30.76 -10.52 33.64
C LYS B 70 31.10 -9.14 32.99
N GLN B 71 30.77 -8.08 33.71
CA GLN B 71 30.87 -6.69 33.19
C GLN B 71 31.47 -5.75 34.20
N GLY B 72 32.16 -6.29 35.18
CA GLY B 72 32.98 -5.50 36.07
C GLY B 72 32.27 -5.14 37.33
N VAL B 73 30.98 -5.52 37.39
CA VAL B 73 30.16 -5.06 38.50
C VAL B 73 29.81 -6.17 39.50
N LEU B 74 30.21 -5.98 40.76
CA LEU B 74 29.90 -6.99 41.75
C LEU B 74 28.68 -6.68 42.57
N VAL B 75 27.63 -7.48 42.43
CA VAL B 75 26.41 -7.22 43.21
C VAL B 75 26.19 -8.28 44.27
N HIS B 76 25.67 -7.84 45.41
CA HIS B 76 25.37 -8.75 46.50
C HIS B 76 23.99 -8.51 46.95
N THR B 77 23.18 -9.53 46.75
CA THR B 77 21.81 -9.53 47.17
C THR B 77 21.64 -10.10 48.55
N ARG B 78 20.52 -9.75 49.19
CA ARG B 78 20.31 -10.21 50.53
C ARG B 78 21.49 -9.72 51.38
N HIS B 79 22.11 -8.60 50.98
CA HIS B 79 23.04 -7.80 51.80
C HIS B 79 22.49 -6.45 52.31
N GLU B 80 22.37 -6.28 53.63
CA GLU B 80 21.80 -5.02 54.09
C GLU B 80 22.78 -4.00 54.68
N VAL B 81 23.02 -2.84 54.08
CA VAL B 81 23.87 -1.92 54.80
C VAL B 81 23.18 -1.30 55.97
N VAL B 82 23.81 -1.58 57.14
CA VAL B 82 23.26 -1.30 58.47
C VAL B 82 23.73 -0.01 59.07
N ASP B 83 25.01 0.25 58.92
CA ASP B 83 25.42 1.60 59.29
C ASP B 83 26.41 2.18 58.31
N VAL B 84 26.51 3.49 58.26
CA VAL B 84 27.58 4.14 57.48
C VAL B 84 28.34 5.09 58.36
N ASP B 85 29.66 5.02 58.24
CA ASP B 85 30.59 5.80 59.08
C ASP B 85 31.22 7.00 58.36
N TYR B 86 30.52 7.37 57.32
CA TYR B 86 30.52 8.71 56.75
C TYR B 86 31.64 9.70 57.02
N GLU B 87 31.11 10.81 57.49
CA GLU B 87 31.81 12.03 57.97
C GLU B 87 31.27 12.72 59.38
N LEU B 88 31.66 12.17 60.57
CA LEU B 88 32.59 11.01 60.81
C LEU B 88 33.74 10.79 59.70
N ARG B 89 33.98 9.59 59.19
CA ARG B 89 35.02 9.45 58.17
C ARG B 89 35.32 8.02 57.77
N THR B 90 35.02 7.90 56.48
CA THR B 90 34.77 6.67 55.78
C THR B 90 35.67 5.63 56.33
N LEU B 91 35.22 4.88 57.37
CA LEU B 91 35.33 3.35 57.43
C LEU B 91 34.14 2.94 56.60
N THR B 92 33.01 2.99 57.31
CA THR B 92 31.77 3.34 56.71
C THR B 92 31.26 1.99 56.30
N VAL B 93 29.96 1.85 56.12
CA VAL B 93 29.50 0.62 55.53
C VAL B 93 29.90 -0.50 56.53
N HIS B 94 28.94 -0.84 57.39
CA HIS B 94 28.87 -2.17 58.07
C HIS B 94 27.74 -2.75 57.30
N ASP B 95 27.96 -3.93 56.73
CA ASP B 95 26.77 -4.72 56.41
C ASP B 95 26.68 -6.22 56.60
N HIS B 96 25.43 -6.71 56.49
CA HIS B 96 25.03 -8.06 56.80
C HIS B 96 24.77 -9.00 55.58
N ALA B 97 25.59 -10.07 55.31
CA ALA B 97 25.29 -11.27 54.35
C ALA B 97 24.30 -12.27 54.86
N GLU B 98 24.45 -13.48 54.30
CA GLU B 98 23.86 -14.74 54.90
C GLU B 98 24.86 -15.67 55.57
N GLY B 99 24.61 -15.68 56.91
CA GLY B 99 25.57 -15.95 57.98
C GLY B 99 25.99 -14.61 58.56
N ARG B 100 26.99 -14.03 57.89
CA ARG B 100 27.87 -13.02 58.53
C ARG B 100 27.46 -11.54 58.61
N THR B 101 28.48 -10.71 58.74
CA THR B 101 28.32 -9.26 58.83
C THR B 101 29.72 -8.59 58.85
N PHE B 102 29.91 -7.53 58.10
CA PHE B 102 31.26 -7.07 57.82
C PHE B 102 31.40 -5.62 57.47
N GLN B 103 32.64 -5.21 57.15
CA GLN B 103 33.02 -3.80 56.90
C GLN B 103 33.45 -3.66 55.42
N ASP B 104 33.17 -2.48 54.91
CA ASP B 104 33.68 -2.08 53.62
C ASP B 104 34.05 -0.54 53.70
N ARG B 105 34.83 -0.01 52.74
CA ARG B 105 35.03 1.46 52.66
C ARG B 105 34.54 1.89 51.32
N PHE B 106 34.39 3.21 51.21
CA PHE B 106 34.03 3.80 49.94
C PHE B 106 34.74 5.11 49.75
N ASP B 107 34.69 5.53 48.49
CA ASP B 107 35.27 6.83 48.04
C ASP B 107 34.10 7.53 47.38
N HIS B 108 33.25 6.74 46.74
CA HIS B 108 31.98 7.22 46.25
C HIS B 108 30.81 6.44 46.83
N LEU B 109 29.83 7.14 47.37
CA LEU B 109 28.64 6.46 47.87
C LEU B 109 27.41 6.86 47.11
N VAL B 110 26.69 5.88 46.53
CA VAL B 110 25.37 6.17 45.94
C VAL B 110 24.26 5.58 46.82
N LEU B 111 23.38 6.42 47.37
CA LEU B 111 22.21 5.94 48.04
C LEU B 111 21.05 5.80 47.08
N ALA B 112 20.58 4.55 46.94
CA ALA B 112 19.50 4.18 46.03
C ALA B 112 18.62 3.10 46.68
N THR B 113 18.26 3.42 47.91
CA THR B 113 17.44 2.62 48.76
C THR B 113 15.89 2.70 48.49
N GLY B 114 15.53 3.63 47.66
CA GLY B 114 14.19 3.58 47.19
C GLY B 114 13.08 3.98 48.13
N ALA B 115 12.02 3.20 48.10
CA ALA B 115 10.84 3.60 48.84
C ALA B 115 9.92 2.44 49.16
N ARG B 116 9.15 2.60 50.21
CA ARG B 116 8.49 1.51 50.77
C ARG B 116 7.05 1.93 50.97
N PRO B 117 6.14 0.97 50.88
CA PRO B 117 4.72 1.18 51.05
C PRO B 117 4.43 2.02 52.26
N SER B 118 3.61 3.08 52.13
CA SER B 118 3.17 3.87 53.31
C SER B 118 1.91 3.30 53.79
N LEU B 119 1.92 2.84 55.04
CA LEU B 119 0.69 2.13 55.49
C LEU B 119 -0.28 2.92 56.35
N PRO B 120 -1.53 2.89 55.96
CA PRO B 120 -2.45 3.56 56.84
C PRO B 120 -2.64 2.69 58.09
N PRO B 121 -2.81 3.38 59.20
CA PRO B 121 -3.00 2.83 60.52
C PRO B 121 -4.42 2.18 60.60
N ILE B 122 -4.45 0.91 60.14
CA ILE B 122 -5.67 0.10 60.24
C ILE B 122 -5.42 -1.21 60.99
N PRO B 123 -6.26 -1.46 62.00
CA PRO B 123 -6.24 -2.75 62.70
C PRO B 123 -6.51 -3.92 61.74
N GLY B 124 -5.64 -4.90 61.75
CA GLY B 124 -5.88 -6.08 60.98
C GLY B 124 -4.93 -6.18 59.82
N THR B 125 -4.23 -5.10 59.56
CA THR B 125 -3.29 -5.05 58.46
C THR B 125 -2.28 -6.17 58.57
N GLU B 126 -1.82 -6.30 59.81
CA GLU B 126 -0.82 -7.30 60.27
C GLU B 126 -1.15 -8.76 59.76
N GLN B 127 -2.44 -9.01 59.40
CA GLN B 127 -2.92 -10.35 59.04
C GLN B 127 -2.51 -10.91 57.69
N GLU B 128 -3.20 -12.01 57.38
CA GLU B 128 -2.73 -13.03 56.46
C GLU B 128 -3.06 -12.97 54.93
N GLY B 129 -4.23 -12.50 54.52
CA GLY B 129 -4.45 -12.30 53.10
C GLY B 129 -4.28 -10.80 52.79
N VAL B 130 -3.57 -10.05 53.68
CA VAL B 130 -3.26 -8.68 53.33
C VAL B 130 -1.87 -8.61 52.71
N TYR B 131 -1.86 -8.01 51.50
CA TYR B 131 -0.73 -7.89 50.57
C TYR B 131 -0.43 -6.42 50.10
N THR B 132 0.81 -6.27 49.62
CA THR B 132 1.35 -5.03 49.13
C THR B 132 2.05 -5.29 47.78
N LEU B 133 2.04 -4.32 46.91
CA LEU B 133 2.74 -4.65 45.65
C LEU B 133 3.97 -3.73 45.38
N ARG B 134 5.17 -4.19 45.64
CA ARG B 134 6.19 -3.18 45.49
C ARG B 134 7.50 -3.85 45.08
N THR B 135 7.71 -5.07 45.55
CA THR B 135 8.97 -5.78 45.27
C THR B 135 8.77 -7.08 44.51
N MET B 136 9.88 -7.78 44.19
CA MET B 136 9.76 -9.13 43.59
C MET B 136 9.11 -10.12 44.51
N GLU B 137 9.40 -9.98 45.79
CA GLU B 137 8.84 -10.84 46.80
C GLU B 137 7.32 -10.67 46.86
N ASP B 138 6.86 -9.42 47.03
CA ASP B 138 5.42 -9.15 46.89
C ASP B 138 4.88 -9.89 45.69
N GLY B 139 5.59 -9.76 44.58
CA GLY B 139 5.23 -10.57 43.42
C GLY B 139 4.96 -12.07 43.73
N GLU B 140 6.04 -12.74 44.17
CA GLU B 140 5.91 -14.12 44.54
C GLU B 140 4.68 -14.30 45.43
N ARG B 141 4.58 -13.57 46.58
CA ARG B 141 3.48 -13.77 47.53
C ARG B 141 2.09 -13.76 46.83
N LEU B 142 1.78 -12.61 46.25
CA LEU B 142 0.55 -12.34 45.55
C LEU B 142 0.24 -13.44 44.51
N LEU B 143 1.29 -14.01 43.93
CA LEU B 143 1.18 -14.79 42.75
C LEU B 143 0.72 -16.25 43.11
N LYS B 144 1.11 -16.58 44.37
CA LYS B 144 0.79 -17.81 45.09
C LYS B 144 -0.69 -17.67 45.45
N ALA B 145 -1.04 -16.61 46.15
CA ALA B 145 -2.45 -16.47 46.59
C ALA B 145 -3.55 -16.44 45.50
N LEU B 146 -3.17 -16.06 44.27
CA LEU B 146 -4.10 -15.64 43.24
C LEU B 146 -4.95 -16.75 42.73
N PRO B 147 -4.34 -17.84 42.22
CA PRO B 147 -5.32 -18.92 41.86
C PRO B 147 -5.98 -19.25 43.19
N GLN B 148 -7.18 -19.75 43.24
CA GLN B 148 -7.86 -19.81 44.58
C GLN B 148 -8.39 -18.43 44.90
N ALA B 149 -9.09 -17.89 43.90
CA ALA B 149 -9.50 -16.46 43.82
C ALA B 149 -9.55 -15.78 45.22
N ARG B 150 -10.74 -15.42 45.74
CA ARG B 150 -12.04 -15.48 45.08
C ARG B 150 -12.57 -14.04 44.95
N ARG B 151 -12.36 -13.26 46.00
CA ARG B 151 -12.84 -11.88 45.97
C ARG B 151 -11.81 -10.89 46.57
N ALA B 152 -11.41 -9.89 45.75
CA ALA B 152 -10.40 -8.91 46.19
C ALA B 152 -10.88 -7.47 46.58
N ALA B 153 -10.09 -6.90 47.49
CA ALA B 153 -10.31 -5.48 47.86
C ALA B 153 -8.99 -4.73 47.71
N ILE B 154 -9.03 -3.67 46.92
CA ILE B 154 -7.88 -2.80 46.73
C ILE B 154 -8.15 -1.48 47.46
N LEU B 155 -7.37 -1.18 48.45
CA LEU B 155 -7.43 0.21 48.88
C LEU B 155 -6.49 1.24 48.08
N GLY B 156 -7.10 2.16 47.35
CA GLY B 156 -6.42 3.32 46.82
C GLY B 156 -6.68 3.22 45.33
N ALA B 157 -7.09 4.31 44.69
CA ALA B 157 -7.18 4.23 43.24
C ALA B 157 -6.13 5.08 42.52
N GLY B 158 -4.84 4.81 42.78
CA GLY B 158 -3.70 5.47 42.18
C GLY B 158 -3.33 4.72 40.96
N TYR B 159 -2.18 5.06 40.41
CA TYR B 159 -1.88 4.33 39.23
C TYR B 159 -1.75 2.79 39.58
N ILE B 160 -0.91 2.44 40.57
CA ILE B 160 -0.85 0.99 40.85
C ILE B 160 -2.12 0.84 41.59
N GLY B 161 -2.83 -0.27 41.50
CA GLY B 161 -4.07 -0.11 42.25
C GLY B 161 -5.13 -0.05 41.18
N LEU B 162 -5.24 1.02 40.40
CA LEU B 162 -6.01 0.81 39.15
C LEU B 162 -5.39 -0.25 38.30
N GLU B 163 -4.09 -0.11 37.94
CA GLU B 163 -3.26 -1.22 37.34
C GLU B 163 -3.51 -2.64 37.94
N ALA B 164 -3.57 -2.63 39.28
CA ALA B 164 -3.91 -3.82 40.07
C ALA B 164 -5.31 -4.57 39.79
N ALA B 165 -6.37 -3.78 39.81
CA ALA B 165 -7.68 -4.21 39.52
C ALA B 165 -7.72 -4.75 38.17
N GLU B 166 -7.10 -4.16 37.17
CA GLU B 166 -7.07 -4.86 35.87
C GLU B 166 -6.52 -6.30 36.07
N ALA B 167 -5.38 -6.32 36.78
CA ALA B 167 -4.62 -7.54 36.85
C ALA B 167 -5.54 -8.58 37.48
N PHE B 168 -6.03 -8.22 38.68
CA PHE B 168 -6.95 -9.06 39.39
C PHE B 168 -8.14 -9.57 38.56
N ARG B 169 -8.89 -8.62 37.97
CA ARG B 169 -10.04 -8.99 37.09
C ARG B 169 -9.58 -9.97 36.03
N LYS B 170 -8.37 -9.81 35.49
CA LYS B 170 -7.98 -10.76 34.46
C LYS B 170 -7.80 -12.18 34.99
N ARG B 171 -7.42 -12.28 36.29
CA ARG B 171 -7.30 -13.56 37.02
C ARG B 171 -8.67 -14.14 37.53
N GLY B 172 -9.76 -13.54 37.06
CA GLY B 172 -11.08 -13.91 37.50
C GLY B 172 -11.62 -13.46 38.86
N LEU B 173 -10.86 -12.78 39.73
CA LEU B 173 -11.50 -12.43 41.03
C LEU B 173 -12.51 -11.34 40.94
N GLN B 174 -13.42 -11.25 41.89
CA GLN B 174 -14.34 -10.11 41.78
C GLN B 174 -13.65 -9.04 42.53
N VAL B 175 -13.46 -7.92 41.89
CA VAL B 175 -12.73 -6.95 42.66
C VAL B 175 -13.51 -5.71 42.99
N THR B 176 -13.24 -5.23 44.19
CA THR B 176 -13.87 -3.98 44.53
C THR B 176 -12.82 -2.98 45.10
N LEU B 177 -12.74 -1.79 44.51
CA LEU B 177 -11.82 -0.70 44.85
C LEU B 177 -12.40 0.24 45.93
N LEU B 178 -11.64 0.52 46.98
CA LEU B 178 -12.08 1.48 48.01
C LEU B 178 -11.08 2.63 47.99
N GLU B 179 -11.51 3.82 47.58
CA GLU B 179 -10.74 5.02 47.72
C GLU B 179 -11.44 5.95 48.74
N ALA B 180 -10.61 6.78 49.37
CA ALA B 180 -11.05 7.65 50.43
C ALA B 180 -11.49 8.93 49.86
N LYS B 181 -10.81 9.30 48.79
CA LYS B 181 -11.19 10.55 48.16
C LYS B 181 -12.40 10.34 47.19
N ASP B 182 -12.97 11.42 46.68
CA ASP B 182 -14.16 11.28 45.94
C ASP B 182 -14.03 10.69 44.57
N ARG B 183 -12.83 10.50 43.98
CA ARG B 183 -12.85 9.96 42.59
C ARG B 183 -11.72 8.92 42.44
N PRO B 184 -11.73 8.09 41.39
CA PRO B 184 -10.49 7.35 41.17
C PRO B 184 -9.50 8.37 40.59
N LEU B 185 -8.20 8.04 40.70
CA LEU B 185 -7.13 8.96 40.35
C LEU B 185 -7.35 10.40 40.88
N PRO B 186 -7.48 10.51 42.20
CA PRO B 186 -7.85 11.68 42.95
C PRO B 186 -6.82 12.79 42.82
N HIS B 187 -5.69 12.45 42.23
CA HIS B 187 -4.63 13.40 42.25
C HIS B 187 -4.67 14.24 41.06
N TRP B 188 -5.75 14.18 40.33
CA TRP B 188 -5.83 14.80 39.07
C TRP B 188 -7.28 15.26 38.85
N ASP B 189 -7.45 16.26 38.02
CA ASP B 189 -8.76 16.78 37.70
C ASP B 189 -9.87 15.72 37.45
N PRO B 190 -11.10 16.05 37.85
CA PRO B 190 -12.07 14.99 38.09
C PRO B 190 -12.51 14.33 36.77
N GLU B 191 -12.37 15.04 35.64
CA GLU B 191 -12.80 14.52 34.31
C GLU B 191 -12.20 13.17 34.03
N VAL B 192 -10.91 13.13 34.28
CA VAL B 192 -10.15 11.94 34.04
C VAL B 192 -10.68 10.87 34.92
N GLY B 193 -10.72 11.09 36.27
CA GLY B 193 -11.30 10.18 37.26
C GLY B 193 -12.67 9.56 36.92
N ALA B 194 -13.58 10.45 36.52
CA ALA B 194 -14.80 10.09 35.82
C ALA B 194 -14.62 9.01 34.72
N LEU B 195 -13.76 9.29 33.76
CA LEU B 195 -13.57 8.36 32.67
C LEU B 195 -13.15 6.94 33.07
N LEU B 196 -12.53 6.88 34.25
CA LEU B 196 -11.87 5.69 34.73
C LEU B 196 -12.84 4.94 35.55
N LYS B 197 -13.72 5.66 36.25
CA LYS B 197 -14.87 5.01 36.94
C LYS B 197 -15.67 4.21 35.92
N GLU B 198 -16.01 4.91 34.86
CA GLU B 198 -16.76 4.32 33.79
C GLU B 198 -16.07 3.06 33.30
N GLU B 199 -14.79 3.20 32.93
CA GLU B 199 -14.08 1.97 32.49
C GLU B 199 -13.85 0.87 33.51
N LEU B 200 -13.66 1.25 34.76
CA LEU B 200 -13.61 0.25 35.77
C LEU B 200 -14.93 -0.56 35.88
N GLU B 201 -16.00 0.24 35.94
CA GLU B 201 -17.30 -0.32 36.14
C GLU B 201 -17.61 -1.13 34.90
N ARG B 202 -17.30 -0.59 33.70
CA ARG B 202 -17.52 -1.34 32.48
C ARG B 202 -16.92 -2.77 32.49
N HIS B 203 -16.10 -3.10 33.48
CA HIS B 203 -15.30 -4.31 33.38
C HIS B 203 -15.48 -5.08 34.56
N GLY B 204 -16.43 -4.66 35.38
CA GLY B 204 -16.81 -5.50 36.51
C GLY B 204 -16.19 -5.09 37.81
N VAL B 205 -15.54 -3.96 37.78
CA VAL B 205 -14.92 -3.64 39.02
C VAL B 205 -15.89 -2.74 39.70
N GLU B 206 -16.04 -2.96 41.02
CA GLU B 206 -16.95 -2.15 41.83
C GLU B 206 -16.22 -0.97 42.38
N VAL B 207 -16.66 0.28 42.22
CA VAL B 207 -15.78 1.30 42.80
C VAL B 207 -16.41 2.21 43.92
N TRP B 208 -16.10 1.93 45.22
CA TRP B 208 -16.53 2.70 46.41
C TRP B 208 -15.74 4.06 46.50
N THR B 209 -16.39 5.18 46.51
CA THR B 209 -15.61 6.43 46.54
C THR B 209 -15.89 6.96 47.90
N GLY B 210 -15.11 7.91 48.37
CA GLY B 210 -15.37 8.44 49.72
C GLY B 210 -15.62 7.45 50.88
N VAL B 211 -14.69 6.54 51.06
CA VAL B 211 -14.86 5.45 51.99
C VAL B 211 -13.90 5.55 53.14
N LYS B 212 -14.34 5.46 54.38
CA LYS B 212 -13.35 5.41 55.46
C LYS B 212 -13.12 3.96 55.84
N VAL B 213 -11.93 3.46 55.64
CA VAL B 213 -11.76 2.03 55.98
C VAL B 213 -11.47 1.78 57.45
N GLU B 214 -12.40 1.16 58.14
CA GLU B 214 -12.29 1.07 59.61
C GLU B 214 -11.37 -0.02 60.10
N ALA B 215 -11.51 -1.25 59.57
CA ALA B 215 -10.56 -2.33 59.95
C ALA B 215 -10.74 -3.56 59.10
N PHE B 216 -9.76 -4.46 59.17
CA PHE B 216 -9.77 -5.77 58.47
C PHE B 216 -10.18 -6.97 59.33
N ARG B 217 -11.37 -7.50 59.06
CA ARG B 217 -11.94 -8.52 59.93
C ARG B 217 -11.26 -9.84 59.65
N GLY B 218 -10.91 -10.53 60.71
CA GLY B 218 -10.28 -11.82 60.60
C GLY B 218 -9.69 -12.20 61.94
N MET B 219 -9.43 -13.50 62.04
CA MET B 219 -8.81 -14.10 63.20
C MET B 219 -7.37 -14.43 62.80
N GLY B 220 -6.67 -13.46 62.22
CA GLY B 220 -5.35 -13.69 61.67
C GLY B 220 -5.35 -14.07 60.20
N ARG B 221 -6.56 -14.15 59.59
CA ARG B 221 -6.68 -14.46 58.15
C ARG B 221 -7.12 -13.30 57.31
N VAL B 222 -8.35 -12.89 57.56
CA VAL B 222 -8.93 -11.79 56.77
C VAL B 222 -9.94 -12.40 55.84
N GLU B 223 -11.02 -11.64 55.72
CA GLU B 223 -12.25 -12.05 55.07
C GLU B 223 -13.15 -10.79 54.94
N ALA B 224 -12.78 -9.68 55.58
CA ALA B 224 -13.74 -8.64 55.41
C ALA B 224 -13.33 -7.28 54.84
N VAL B 225 -12.72 -6.45 55.64
CA VAL B 225 -12.81 -4.99 55.38
C VAL B 225 -14.20 -4.40 55.70
N GLU B 226 -14.31 -3.97 56.97
CA GLU B 226 -15.35 -3.14 57.47
C GLU B 226 -14.96 -1.69 57.08
N THR B 227 -15.92 -0.96 56.52
CA THR B 227 -15.78 0.40 56.05
C THR B 227 -16.93 1.22 56.57
N SER B 228 -16.84 2.51 56.53
CA SER B 228 -18.01 3.35 56.82
C SER B 228 -19.23 2.99 55.93
N GLU B 229 -18.99 2.70 54.65
CA GLU B 229 -20.12 2.46 53.74
C GLU B 229 -20.56 0.98 53.72
N GLY B 230 -20.40 0.27 54.83
CA GLY B 230 -20.70 -1.14 54.81
C GLY B 230 -19.54 -2.15 54.86
N VAL B 231 -19.84 -3.40 54.59
CA VAL B 231 -18.80 -4.33 54.83
C VAL B 231 -18.51 -5.14 53.55
N VAL B 232 -17.25 -5.05 53.05
CA VAL B 232 -16.87 -5.76 51.82
C VAL B 232 -16.30 -7.12 52.13
N PRO B 233 -16.98 -8.18 51.75
CA PRO B 233 -16.29 -9.49 51.86
C PRO B 233 -15.05 -9.57 50.92
N ALA B 234 -13.96 -10.15 51.40
CA ALA B 234 -12.70 -10.20 50.64
C ALA B 234 -11.75 -11.20 51.25
N ASP B 235 -11.09 -12.01 50.41
CA ASP B 235 -10.19 -12.98 51.03
C ASP B 235 -8.72 -12.72 50.61
N LEU B 236 -8.55 -11.80 49.64
CA LEU B 236 -7.28 -11.06 49.51
C LEU B 236 -7.57 -9.57 49.45
N VAL B 237 -6.78 -8.89 50.26
CA VAL B 237 -6.73 -7.41 50.09
C VAL B 237 -5.31 -6.83 49.81
N LEU B 238 -5.29 -5.77 49.01
CA LEU B 238 -4.04 -5.06 48.58
C LEU B 238 -4.07 -3.66 48.99
N LEU B 239 -2.98 -3.30 49.62
CA LEU B 239 -2.77 -1.92 50.02
C LEU B 239 -2.00 -1.13 48.94
N ALA B 240 -2.68 -0.19 48.30
CA ALA B 240 -2.11 0.58 47.19
C ALA B 240 -2.32 2.03 47.56
N THR B 241 -1.91 2.28 48.79
CA THR B 241 -2.10 3.54 49.47
C THR B 241 -0.87 4.53 49.50
N GLY B 242 0.01 4.43 48.51
CA GLY B 242 1.07 5.36 48.35
C GLY B 242 2.28 4.74 48.96
N ILE B 243 3.41 5.43 48.70
CA ILE B 243 4.74 5.08 49.19
C ILE B 243 5.41 6.24 49.95
N ARG B 244 6.51 5.89 50.59
CA ARG B 244 7.29 6.88 51.24
C ARG B 244 8.79 6.53 51.03
N PRO B 245 9.67 7.57 50.98
CA PRO B 245 11.05 7.22 50.61
C PRO B 245 11.80 6.59 51.80
N ASN B 246 12.46 5.48 51.55
CA ASN B 246 13.44 4.90 52.45
C ASN B 246 14.69 5.72 52.79
N THR B 247 14.54 6.67 53.69
CA THR B 247 15.60 7.59 54.03
C THR B 247 16.26 7.25 55.39
N GLU B 248 15.91 6.12 56.04
CA GLU B 248 16.33 5.97 57.48
C GLU B 248 17.82 6.01 57.47
N LEU B 249 18.40 5.20 56.57
CA LEU B 249 19.84 5.04 56.53
C LEU B 249 20.52 6.37 56.25
N ALA B 250 19.90 7.15 55.40
CA ALA B 250 20.55 8.39 54.99
C ALA B 250 20.61 9.28 56.13
N GLN B 251 19.61 9.25 56.99
CA GLN B 251 19.58 10.23 58.09
C GLN B 251 20.54 9.87 59.18
N ALA B 252 20.82 8.58 59.30
CA ALA B 252 21.88 8.06 60.18
C ALA B 252 23.17 8.82 59.85
N MET B 253 23.53 8.81 58.60
CA MET B 253 24.80 9.40 58.25
C MET B 253 24.78 10.97 58.09
N GLY B 254 23.62 11.58 58.39
CA GLY B 254 23.42 13.01 58.38
C GLY B 254 23.35 13.59 57.00
N VAL B 255 22.80 12.82 56.03
CA VAL B 255 22.45 13.36 54.71
C VAL B 255 21.14 14.10 54.91
N ALA B 256 21.12 15.34 54.35
CA ALA B 256 19.98 16.28 54.36
C ALA B 256 18.80 15.89 53.42
N LEU B 257 17.60 15.97 54.07
CA LEU B 257 16.28 15.64 53.49
C LEU B 257 15.69 16.92 53.02
N GLY B 258 15.02 16.90 51.86
CA GLY B 258 14.47 18.13 51.34
C GLY B 258 13.05 18.25 51.88
N PRO B 259 12.33 19.28 51.41
CA PRO B 259 11.00 19.60 51.97
C PRO B 259 10.01 18.40 51.82
N THR B 260 10.20 17.60 50.78
CA THR B 260 9.27 16.52 50.50
C THR B 260 9.59 15.33 51.39
N GLY B 261 10.73 15.38 52.04
CA GLY B 261 11.14 14.23 52.84
C GLY B 261 12.01 13.20 52.18
N ALA B 262 12.19 13.29 50.90
CA ALA B 262 13.18 12.49 50.20
C ALA B 262 14.57 13.19 50.32
N ILE B 263 15.61 12.54 49.80
CA ILE B 263 16.93 13.08 49.91
C ILE B 263 17.03 14.24 49.01
N ALA B 264 17.50 15.40 49.54
CA ALA B 264 17.82 16.56 48.76
C ALA B 264 19.07 16.32 47.95
N THR B 265 18.97 16.62 46.63
CA THR B 265 20.09 16.60 45.65
C THR B 265 20.35 17.91 44.86
N ASP B 266 21.45 17.99 44.12
CA ASP B 266 21.70 19.05 43.13
C ASP B 266 21.65 18.56 41.64
N GLU B 267 22.06 19.39 40.69
CA GLU B 267 21.94 18.89 39.33
C GLU B 267 22.89 17.68 39.06
N ARG B 268 23.84 17.43 39.98
CA ARG B 268 24.82 16.36 39.85
C ARG B 268 24.43 15.18 40.67
N MET B 269 23.31 15.29 41.37
CA MET B 269 22.77 14.18 42.18
C MET B 269 23.56 14.11 43.50
N ARG B 270 24.35 15.13 43.76
CA ARG B 270 25.15 15.12 44.96
C ARG B 270 24.22 15.41 46.12
N THR B 271 24.49 14.77 47.25
CA THR B 271 23.88 15.26 48.50
C THR B 271 24.68 16.38 49.13
N ASN B 272 24.28 16.70 50.35
CA ASN B 272 25.07 17.63 51.21
C ASN B 272 26.51 17.17 51.59
N LEU B 273 26.69 15.86 51.80
CA LEU B 273 28.01 15.29 52.02
C LEU B 273 28.81 15.10 50.74
N GLU B 274 30.08 15.54 50.82
CA GLU B 274 31.07 15.30 49.77
C GLU B 274 31.13 13.79 49.55
N GLY B 275 31.06 13.38 48.26
CA GLY B 275 31.22 12.00 47.81
C GLY B 275 30.01 11.06 47.90
N VAL B 276 28.92 11.59 48.42
CA VAL B 276 27.63 10.91 48.55
C VAL B 276 26.53 11.47 47.61
N TYR B 277 26.06 10.62 46.72
CA TYR B 277 24.98 10.94 45.82
C TYR B 277 23.61 10.23 46.27
N ALA B 278 22.49 10.67 45.68
CA ALA B 278 21.26 9.91 45.79
C ALA B 278 20.63 9.70 44.42
N ALA B 279 19.94 8.57 44.28
CA ALA B 279 19.30 8.32 43.03
C ALA B 279 17.97 7.44 43.14
N GLY B 280 17.01 7.69 42.23
CA GLY B 280 15.72 7.04 42.22
C GLY B 280 14.72 7.55 43.25
N ASP B 281 14.21 6.66 44.03
CA ASP B 281 12.99 7.04 44.69
C ASP B 281 13.24 7.56 46.07
N VAL B 282 14.48 7.64 46.44
CA VAL B 282 14.74 8.13 47.74
C VAL B 282 15.19 9.61 47.39
N ALA B 283 15.02 10.03 46.14
CA ALA B 283 15.56 11.28 45.70
C ALA B 283 14.54 12.27 45.36
N GLU B 284 14.84 13.49 45.73
CA GLU B 284 14.13 14.64 45.22
C GLU B 284 14.60 14.94 43.84
N SER B 285 13.67 15.23 42.89
CA SER B 285 14.01 15.78 41.57
C SER B 285 13.50 17.20 41.59
N PHE B 286 13.90 18.05 40.65
CA PHE B 286 13.53 19.46 40.71
C PHE B 286 12.41 19.64 39.71
N HIS B 287 11.34 20.28 40.11
CA HIS B 287 10.17 20.38 39.22
C HIS B 287 10.25 21.70 38.45
N ARG B 288 10.24 21.62 37.12
CA ARG B 288 10.48 22.79 36.27
C ARG B 288 9.34 23.77 36.09
N VAL B 289 8.12 23.37 36.42
CA VAL B 289 6.97 24.20 36.24
C VAL B 289 6.79 24.80 37.61
N LEU B 290 6.82 23.92 38.62
CA LEU B 290 6.80 24.44 40.02
C LEU B 290 7.99 25.20 40.46
N LYS B 291 9.09 25.13 39.71
CA LYS B 291 10.38 25.77 40.07
C LYS B 291 10.83 25.47 41.60
N ARG B 292 10.74 24.19 42.00
CA ARG B 292 11.28 23.75 43.30
C ARG B 292 11.39 22.24 43.43
N PRO B 293 11.96 21.82 44.56
CA PRO B 293 12.16 20.39 44.74
C PRO B 293 10.81 19.74 44.88
N TYR B 294 10.78 18.50 44.48
CA TYR B 294 9.56 17.84 44.33
C TYR B 294 9.90 16.36 44.29
N TRP B 295 9.01 15.48 44.80
CA TRP B 295 9.18 13.98 44.75
C TRP B 295 8.50 13.29 43.51
N LEU B 296 9.24 12.62 42.64
CA LEU B 296 8.61 12.00 41.54
C LEU B 296 9.17 10.61 41.43
N PRO B 297 8.58 9.62 42.17
CA PRO B 297 9.05 8.24 42.30
C PRO B 297 8.67 7.46 41.15
N LEU B 298 9.15 7.80 39.97
CA LEU B 298 8.98 6.96 38.78
C LEU B 298 10.25 6.30 38.28
N GLY B 299 10.01 5.25 37.51
CA GLY B 299 11.05 4.37 37.01
C GLY B 299 11.97 5.08 36.06
N ASP B 300 11.41 5.88 35.17
CA ASP B 300 12.20 6.63 34.22
C ASP B 300 13.09 7.68 34.94
N VAL B 301 12.53 8.36 35.94
CA VAL B 301 13.33 9.29 36.65
C VAL B 301 14.35 8.58 37.51
N ALA B 302 14.08 7.40 38.03
CA ALA B 302 15.13 6.72 38.78
C ALA B 302 16.36 6.44 37.91
N ASN B 303 16.13 6.00 36.66
CA ASN B 303 17.14 5.76 35.65
C ASN B 303 17.94 6.92 35.22
N LYS B 304 17.32 8.04 35.10
CA LYS B 304 17.98 9.32 34.90
C LYS B 304 18.82 9.68 36.05
N HIS B 305 18.27 9.69 37.27
CA HIS B 305 19.11 9.87 38.49
C HIS B 305 20.33 9.01 38.44
N GLY B 306 20.16 7.71 38.30
CA GLY B 306 21.24 6.78 38.38
C GLY B 306 22.27 7.15 37.37
N ARG B 307 21.85 7.19 36.11
CA ARG B 307 22.81 7.47 35.09
C ARG B 307 23.63 8.81 35.35
N THR B 308 23.04 9.80 36.00
CA THR B 308 23.75 11.06 36.14
C THR B 308 24.78 10.84 37.25
N ALA B 309 24.41 10.30 38.40
CA ALA B 309 25.38 10.02 39.43
C ALA B 309 26.51 9.16 38.86
N GLY B 310 26.18 8.07 38.21
CA GLY B 310 27.23 7.24 37.63
C GLY B 310 28.19 8.04 36.77
N SER B 311 27.61 8.65 35.79
CA SER B 311 28.40 9.46 34.90
C SER B 311 29.35 10.43 35.62
N VAL B 312 28.86 11.03 36.70
CA VAL B 312 29.52 12.12 37.40
C VAL B 312 30.72 11.53 38.18
N ILE B 313 30.49 10.33 38.73
CA ILE B 313 31.49 9.61 39.55
C ILE B 313 32.57 9.13 38.62
N ALA B 314 32.14 8.63 37.42
CA ALA B 314 33.06 8.14 36.43
C ALA B 314 33.87 9.25 35.81
N GLY B 315 33.63 10.47 36.26
CA GLY B 315 34.29 11.69 35.76
C GLY B 315 33.90 12.29 34.43
N ARG B 316 32.83 11.80 33.80
CA ARG B 316 32.14 12.52 32.75
C ARG B 316 31.37 13.78 33.25
N GLU B 317 31.13 14.71 32.33
CA GLU B 317 30.24 15.82 32.60
C GLU B 317 28.79 15.39 32.35
N ALA B 318 27.98 15.46 33.40
CA ALA B 318 26.56 15.08 33.36
C ALA B 318 25.79 15.82 34.46
N ARG B 319 24.56 16.21 34.14
CA ARG B 319 23.70 16.93 35.01
C ARG B 319 22.27 16.50 34.72
N PHE B 320 21.50 16.42 35.77
CA PHE B 320 20.09 16.13 35.67
C PHE B 320 19.30 17.47 35.91
N LEU B 321 18.45 17.77 34.94
CA LEU B 321 18.00 19.12 34.69
C LEU B 321 16.63 19.36 35.23
N GLY B 322 15.97 18.26 35.60
CA GLY B 322 14.77 18.29 36.38
C GLY B 322 13.66 17.58 35.68
N VAL B 323 12.52 17.50 36.33
CA VAL B 323 11.31 16.89 35.80
C VAL B 323 10.11 17.91 35.76
N VAL B 324 9.06 17.50 35.05
CA VAL B 324 7.91 18.32 34.70
C VAL B 324 6.71 17.48 35.09
N GLY B 325 6.87 16.22 35.49
CA GLY B 325 5.79 15.48 36.13
C GLY B 325 5.14 14.43 35.24
N THR B 326 5.68 14.17 34.07
CA THR B 326 4.94 13.35 33.14
C THR B 326 4.82 11.90 33.65
N ALA B 327 3.60 11.33 33.53
CA ALA B 327 3.31 9.94 33.95
C ALA B 327 2.34 9.28 33.02
N ILE B 328 2.45 7.95 32.89
CA ILE B 328 1.41 7.26 32.11
C ILE B 328 1.21 5.91 32.64
N PHE B 329 -0.03 5.44 32.58
CA PHE B 329 -0.35 4.05 33.01
C PHE B 329 -1.58 3.54 32.25
N LYS B 330 -1.77 2.22 32.33
CA LYS B 330 -2.83 1.49 31.54
C LYS B 330 -3.76 0.78 32.43
N ALA B 331 -4.96 1.29 32.45
CA ALA B 331 -6.12 0.59 33.10
C ALA B 331 -7.18 0.05 32.14
N PHE B 332 -7.09 -1.23 31.82
CA PHE B 332 -8.02 -1.84 30.85
C PHE B 332 -7.85 -1.36 29.41
N ASP B 333 -8.82 -0.62 28.91
CA ASP B 333 -8.79 -0.27 27.53
C ASP B 333 -8.47 1.21 27.45
N LEU B 334 -8.13 1.77 28.61
CA LEU B 334 -7.67 3.15 28.61
C LEU B 334 -6.21 3.20 28.96
N ALA B 335 -5.60 4.19 28.35
CA ALA B 335 -4.20 4.61 28.56
C ALA B 335 -4.27 6.06 29.04
N VAL B 336 -3.82 6.28 30.29
CA VAL B 336 -3.99 7.61 30.91
C VAL B 336 -2.66 8.37 31.15
N ALA B 337 -2.53 9.57 30.60
CA ALA B 337 -1.20 10.20 30.58
C ALA B 337 -1.47 11.57 31.14
N THR B 338 -0.71 11.98 32.14
CA THR B 338 -0.77 13.34 32.64
C THR B 338 0.64 13.99 32.60
N THR B 339 0.75 15.23 33.03
CA THR B 339 1.99 16.00 33.00
C THR B 339 1.79 17.39 33.57
N GLY B 340 2.79 17.80 34.30
CA GLY B 340 2.68 19.09 34.92
C GLY B 340 1.67 19.04 36.00
N LEU B 341 1.09 20.20 36.18
CA LEU B 341 0.07 20.43 37.19
C LEU B 341 -1.30 20.17 36.62
N SER B 342 -2.21 19.68 37.48
CA SER B 342 -3.64 19.74 37.25
C SER B 342 -4.14 21.12 37.58
N LEU B 343 -5.36 21.46 37.14
CA LEU B 343 -5.98 22.71 37.39
C LEU B 343 -6.20 22.81 38.92
N GLU B 344 -6.56 21.71 39.50
CA GLU B 344 -6.77 21.71 40.95
C GLU B 344 -5.52 22.30 41.56
N GLY B 345 -4.41 21.73 41.20
CA GLY B 345 -3.14 22.04 41.79
C GLY B 345 -2.51 23.36 41.24
N ALA B 346 -2.77 23.71 39.98
CA ALA B 346 -2.22 24.92 39.45
C ALA B 346 -2.85 26.04 40.25
N LEU B 347 -4.05 25.84 40.73
CA LEU B 347 -4.73 26.82 41.57
C LEU B 347 -4.24 26.88 43.03
N LYS B 348 -4.00 25.76 43.67
CA LYS B 348 -3.31 25.63 44.97
C LYS B 348 -2.07 26.48 44.90
N GLU B 349 -1.43 26.50 43.74
CA GLU B 349 -0.15 27.22 43.62
C GLU B 349 -0.41 28.64 43.33
N GLY B 350 -1.67 29.03 43.23
CA GLY B 350 -2.04 30.41 42.98
C GLY B 350 -1.90 30.97 41.59
N PHE B 351 -1.97 30.14 40.59
CA PHE B 351 -1.96 30.74 39.28
C PHE B 351 -3.37 31.13 38.97
N TRP B 352 -3.55 32.11 38.11
CA TRP B 352 -4.88 32.29 37.61
C TRP B 352 -5.03 31.39 36.41
N ALA B 353 -5.53 30.18 36.66
CA ALA B 353 -5.44 29.01 35.82
C ALA B 353 -6.80 28.60 35.34
N LYS B 354 -6.98 28.47 34.01
CA LYS B 354 -8.17 27.81 33.49
C LYS B 354 -7.78 26.39 32.95
N LYS B 355 -8.73 25.45 32.86
CA LYS B 355 -8.49 24.18 32.17
C LYS B 355 -9.44 24.07 30.89
N VAL B 356 -9.03 23.36 29.85
CA VAL B 356 -10.00 22.95 28.85
C VAL B 356 -9.94 21.42 28.68
N PHE B 357 -11.09 20.77 28.56
CA PHE B 357 -11.14 19.33 28.37
C PHE B 357 -11.97 19.00 27.12
N ILE B 358 -11.35 18.38 26.12
CA ILE B 358 -12.06 18.04 24.88
C ILE B 358 -12.11 16.52 24.63
N GLN B 359 -12.97 16.10 23.70
CA GLN B 359 -12.93 14.71 23.34
C GLN B 359 -12.89 14.68 21.86
N SER B 360 -11.83 14.06 21.34
CA SER B 360 -11.68 13.86 19.88
C SER B 360 -11.56 12.40 19.58
N ARG B 361 -10.97 12.08 18.46
CA ARG B 361 -10.77 10.69 18.07
C ARG B 361 -9.29 10.38 17.95
N ASP B 362 -8.93 9.12 17.71
CA ASP B 362 -7.56 8.71 17.44
C ASP B 362 -7.45 8.24 15.98
N GLY B 363 -7.96 9.03 15.05
CA GLY B 363 -7.94 8.63 13.67
C GLY B 363 -9.08 9.35 13.06
N ALA B 364 -9.11 9.42 11.74
CA ALA B 364 -10.16 10.13 10.97
C ALA B 364 -11.57 9.69 11.32
N HIS B 365 -12.61 10.58 11.32
CA HIS B 365 -13.98 10.11 11.72
C HIS B 365 -14.41 8.83 11.01
N TYR B 366 -13.99 8.76 9.74
CA TYR B 366 -14.25 7.63 8.80
C TYR B 366 -13.37 6.35 8.87
N TYR B 367 -12.30 6.35 9.67
CA TYR B 367 -11.37 5.23 9.64
C TYR B 367 -11.73 4.18 10.65
N PRO B 368 -11.76 2.90 10.18
CA PRO B 368 -12.11 1.69 10.91
C PRO B 368 -11.38 1.60 12.21
N GLY B 369 -12.13 1.61 13.29
CA GLY B 369 -11.53 1.19 14.54
C GLY B 369 -10.93 2.30 15.33
N SER B 370 -11.19 3.53 14.87
CA SER B 370 -10.60 4.74 15.43
C SER B 370 -11.25 4.94 16.79
N GLY B 371 -10.46 5.08 17.84
CA GLY B 371 -11.04 5.24 19.14
C GLY B 371 -11.45 6.68 19.43
N PRO B 372 -11.85 6.89 20.70
CA PRO B 372 -11.93 8.21 21.34
C PRO B 372 -10.55 8.59 21.98
N LEU B 373 -10.36 9.89 22.08
CA LEU B 373 -9.12 10.43 22.54
C LEU B 373 -9.44 11.77 23.16
N TRP B 374 -9.27 11.88 24.53
CA TRP B 374 -9.57 13.17 25.19
C TRP B 374 -8.23 13.74 25.42
N VAL B 375 -8.20 15.08 25.49
CA VAL B 375 -7.02 15.83 25.89
C VAL B 375 -7.50 17.03 26.67
N GLU B 376 -6.93 17.24 27.90
CA GLU B 376 -6.98 18.45 28.76
C GLU B 376 -5.72 19.33 28.63
N LEU B 377 -5.85 20.59 28.99
CA LEU B 377 -4.81 21.60 28.92
C LEU B 377 -5.02 22.49 30.13
N VAL B 378 -4.08 22.58 31.01
CA VAL B 378 -4.27 23.43 32.13
C VAL B 378 -3.31 24.63 31.77
N TYR B 379 -3.80 25.87 31.85
CA TYR B 379 -3.02 27.00 31.38
C TYR B 379 -3.31 28.15 32.23
N GLU B 380 -2.35 29.05 32.25
CA GLU B 380 -2.42 30.35 32.91
C GLU B 380 -3.25 31.30 32.01
N GLU B 381 -4.26 31.87 32.64
CA GLU B 381 -5.20 32.73 32.01
C GLU B 381 -4.57 33.82 31.19
N GLY B 382 -3.71 34.66 31.79
CA GLY B 382 -3.25 35.84 31.13
C GLY B 382 -2.31 35.55 29.99
N THR B 383 -1.12 35.06 30.36
CA THR B 383 -0.03 34.70 29.50
C THR B 383 -0.37 33.69 28.46
N GLY B 384 -1.19 32.71 28.84
CA GLY B 384 -1.34 31.47 28.09
C GLY B 384 -0.32 30.38 28.43
N ARG B 385 0.42 30.49 29.52
CA ARG B 385 1.50 29.57 29.74
C ARG B 385 0.89 28.23 30.02
N LEU B 386 1.34 27.17 29.38
CA LEU B 386 0.92 25.83 29.77
C LEU B 386 1.41 25.56 31.15
N LEU B 387 0.71 24.71 31.86
CA LEU B 387 1.18 24.34 33.19
C LEU B 387 0.91 22.87 33.48
N GLY B 388 0.28 22.18 32.55
CA GLY B 388 -0.27 20.87 32.92
C GLY B 388 -1.13 20.50 31.70
N GLY B 389 -1.40 19.19 31.51
CA GLY B 389 -2.35 18.66 30.59
C GLY B 389 -2.47 17.18 30.83
N ALA B 390 -3.49 16.55 30.26
CA ALA B 390 -3.54 15.08 30.26
C ALA B 390 -3.96 14.66 28.84
N VAL B 391 -3.66 13.41 28.45
CA VAL B 391 -4.39 12.89 27.34
C VAL B 391 -4.78 11.46 27.62
N VAL B 392 -6.03 11.02 27.34
CA VAL B 392 -6.29 9.61 27.51
C VAL B 392 -6.80 9.15 26.22
N ALA B 393 -6.38 7.91 25.88
CA ALA B 393 -6.58 7.19 24.61
C ALA B 393 -6.86 5.75 24.93
N ARG B 394 -7.21 4.91 23.92
CA ARG B 394 -7.07 3.42 24.02
C ARG B 394 -5.59 3.18 23.68
N GLY B 395 -5.00 4.13 22.91
CA GLY B 395 -3.81 3.97 22.05
C GLY B 395 -2.42 3.70 22.61
N HIS B 396 -1.64 2.76 21.98
CA HIS B 396 -0.35 2.09 22.46
C HIS B 396 0.83 2.95 22.10
N GLY B 397 0.25 4.08 21.54
CA GLY B 397 0.32 5.51 21.90
C GLY B 397 -0.86 6.56 21.88
N ALA B 398 -0.44 7.81 22.04
CA ALA B 398 -1.11 9.02 22.55
C ALA B 398 -1.09 9.01 24.18
N LEU B 399 -0.07 9.58 24.89
CA LEU B 399 1.39 9.54 24.42
C LEU B 399 1.80 10.83 23.71
N ARG B 400 0.76 11.44 23.19
CA ARG B 400 0.81 12.69 22.56
C ARG B 400 1.18 13.55 23.74
N ILE B 401 1.14 12.97 24.95
CA ILE B 401 1.35 13.78 26.12
C ILE B 401 2.70 14.34 26.05
N ASP B 402 3.54 13.63 25.25
CA ASP B 402 5.03 13.82 25.27
C ASP B 402 5.27 15.26 24.76
N VAL B 403 4.29 15.79 24.03
CA VAL B 403 4.42 17.07 23.31
C VAL B 403 4.29 18.14 24.35
N LEU B 404 3.45 17.85 25.31
CA LEU B 404 3.04 18.86 26.29
C LEU B 404 4.22 19.00 27.15
N ALA B 405 4.78 17.84 27.47
CA ALA B 405 5.91 17.70 28.38
C ALA B 405 7.07 18.51 27.84
N ALA B 406 7.20 18.40 26.49
CA ALA B 406 8.14 19.14 25.63
C ALA B 406 8.02 20.67 25.80
N LEU B 407 6.79 21.12 25.67
CA LEU B 407 6.39 22.52 25.76
C LEU B 407 6.54 22.91 27.16
N LEU B 408 6.09 22.10 28.09
CA LEU B 408 6.28 22.44 29.50
C LEU B 408 7.72 22.76 29.77
N HIS B 409 8.62 22.06 29.06
CA HIS B 409 10.04 21.99 29.46
C HIS B 409 10.77 23.32 29.47
N ARG B 410 10.86 23.92 28.29
CA ARG B 410 10.98 25.39 28.08
C ARG B 410 9.63 26.07 28.50
N GLU B 411 9.47 27.36 28.73
CA GLU B 411 8.10 27.61 29.28
C GLU B 411 7.07 27.95 28.26
N GLY B 412 6.69 26.95 27.54
CA GLY B 412 5.85 27.21 26.40
C GLY B 412 4.42 27.52 26.79
N SER B 413 3.66 27.83 25.72
CA SER B 413 2.33 28.41 25.85
C SER B 413 1.30 27.86 24.98
N VAL B 414 0.06 28.23 25.14
CA VAL B 414 -0.92 27.65 24.25
C VAL B 414 -0.82 28.06 22.71
N GLU B 415 -0.38 29.30 22.54
CA GLU B 415 0.04 29.86 21.26
C GLU B 415 1.08 29.02 20.50
N ASP B 416 2.07 28.53 21.26
CA ASP B 416 3.13 27.64 20.81
C ASP B 416 2.51 26.30 20.44
N LEU B 417 1.66 25.73 21.29
CA LEU B 417 1.11 24.42 21.01
C LEU B 417 0.36 24.53 19.73
N LEU B 418 -0.38 25.61 19.57
CA LEU B 418 -1.14 25.90 18.33
C LEU B 418 -0.37 25.94 17.01
N ALA B 419 0.82 26.59 17.02
CA ALA B 419 1.73 26.71 15.89
C ALA B 419 2.31 25.38 15.41
N LEU B 420 2.28 24.32 16.24
CA LEU B 420 3.09 23.11 15.98
C LEU B 420 2.60 22.51 14.77
N ASP B 421 3.54 22.01 14.00
CA ASP B 421 3.29 21.26 12.79
C ASP B 421 3.19 19.77 13.10
N LEU B 422 2.02 19.31 13.49
CA LEU B 422 1.88 17.91 13.82
C LEU B 422 1.64 16.98 12.66
N ALA B 423 1.71 15.71 13.04
CA ALA B 423 1.42 14.66 12.07
C ALA B 423 -0.01 14.20 12.03
N TYR B 424 -0.43 14.14 10.74
CA TYR B 424 -1.76 13.79 10.21
C TYR B 424 -1.72 12.66 9.26
N ALA B 425 -2.59 11.69 9.52
CA ALA B 425 -2.98 10.64 8.60
C ALA B 425 -4.05 9.78 9.20
N PRO B 426 -5.02 9.46 8.40
CA PRO B 426 -6.28 8.89 8.77
C PRO B 426 -6.26 7.85 9.82
N PRO B 427 -5.25 7.04 9.91
CA PRO B 427 -5.16 6.04 10.97
C PRO B 427 -4.72 6.41 12.44
N PHE B 428 -4.32 7.65 12.59
CA PHE B 428 -3.57 8.00 13.72
C PHE B 428 -4.04 9.28 14.32
N SER B 429 -4.67 10.09 13.51
CA SER B 429 -5.14 11.41 13.96
C SER B 429 -6.36 11.94 13.08
N PRO B 430 -7.29 12.62 13.66
CA PRO B 430 -8.15 13.44 12.78
C PRO B 430 -7.27 14.50 12.04
N VAL B 431 -7.84 15.23 11.10
CA VAL B 431 -7.06 16.28 10.41
C VAL B 431 -6.47 17.35 11.38
N TRP B 432 -7.18 17.64 12.42
CA TRP B 432 -6.64 18.49 13.40
C TRP B 432 -6.31 17.60 14.56
N ASP B 433 -5.03 17.56 14.97
CA ASP B 433 -4.58 16.81 16.16
C ASP B 433 -5.29 17.25 17.47
N PRO B 434 -5.82 16.27 18.21
CA PRO B 434 -6.48 16.55 19.47
C PRO B 434 -5.81 17.62 20.20
N LEU B 435 -4.56 17.50 20.54
CA LEU B 435 -3.79 18.64 21.01
C LEU B 435 -4.13 19.98 20.29
N LEU B 436 -4.19 20.03 18.96
CA LEU B 436 -4.49 21.31 18.32
C LEU B 436 -5.91 21.79 18.52
N ILE B 437 -6.87 20.86 18.39
CA ILE B 437 -8.26 21.25 18.57
C ILE B 437 -8.39 21.81 20.05
N ALA B 438 -7.89 21.07 21.08
CA ALA B 438 -7.86 21.51 22.48
C ALA B 438 -7.16 22.84 22.61
N ALA B 439 -6.22 23.16 21.75
CA ALA B 439 -5.54 24.42 21.88
C ALA B 439 -6.43 25.54 21.52
N GLN B 440 -6.49 26.47 22.49
CA GLN B 440 -7.49 27.58 22.76
C GLN B 440 -8.99 27.18 22.45
N GLN B 441 -9.14 27.22 21.09
CA GLN B 441 -9.76 26.27 20.27
C GLN B 441 -10.71 25.47 21.22
N ALA B 442 -11.99 25.43 20.80
CA ALA B 442 -13.13 24.87 21.56
C ALA B 442 -13.00 24.95 23.16
N ARG B 443 -14.09 25.46 23.84
CA ARG B 443 -14.24 25.74 25.31
C ARG B 443 -14.78 24.53 26.12
N MET C 1 -49.53 -39.73 24.83
CA MET C 1 -50.61 -38.73 24.82
C MET C 1 -50.80 -37.92 23.45
N GLY C 2 -50.86 -36.58 23.57
CA GLY C 2 -50.87 -35.59 22.47
C GLY C 2 -49.91 -34.38 22.75
N LYS C 3 -48.69 -34.77 23.09
CA LYS C 3 -47.74 -33.86 23.60
C LYS C 3 -47.07 -33.03 22.46
N ARG C 4 -46.13 -32.19 22.82
CA ARG C 4 -45.37 -31.43 21.89
C ARG C 4 -43.90 -31.95 21.75
N MET C 5 -43.55 -32.26 20.51
CA MET C 5 -42.22 -32.70 20.15
C MET C 5 -41.49 -31.56 19.45
N VAL C 6 -40.44 -31.08 20.06
CA VAL C 6 -39.54 -30.10 19.44
C VAL C 6 -38.22 -30.82 18.97
N VAL C 7 -37.92 -30.70 17.68
CA VAL C 7 -36.62 -31.11 17.14
C VAL C 7 -35.75 -29.88 16.80
N VAL C 8 -34.64 -29.76 17.57
CA VAL C 8 -33.54 -28.83 17.28
C VAL C 8 -32.60 -29.38 16.19
N GLY C 9 -32.64 -28.81 15.00
CA GLY C 9 -31.82 -29.27 13.90
C GLY C 9 -32.64 -30.11 12.99
N GLY C 10 -32.73 -29.79 11.73
CA GLY C 10 -33.63 -30.45 10.87
C GLY C 10 -32.88 -30.96 9.69
N VAL C 11 -31.64 -31.30 9.86
CA VAL C 11 -30.98 -31.81 8.69
C VAL C 11 -31.15 -33.25 8.31
N ALA C 12 -30.83 -34.24 9.13
CA ALA C 12 -31.11 -35.58 8.71
C ALA C 12 -31.57 -36.42 9.81
N GLY C 13 -30.78 -36.43 10.93
CA GLY C 13 -31.21 -37.05 12.18
C GLY C 13 -32.54 -36.38 12.58
N GLY C 14 -32.53 -35.03 12.57
CA GLY C 14 -33.67 -34.23 12.97
C GLY C 14 -34.92 -34.48 12.13
N ALA C 15 -34.86 -34.19 10.81
CA ALA C 15 -35.96 -34.46 9.89
C ALA C 15 -36.38 -35.94 9.98
N SER C 16 -35.47 -36.88 9.98
CA SER C 16 -35.91 -38.26 10.08
C SER C 16 -36.86 -38.50 11.25
N ALA C 17 -36.50 -37.90 12.39
CA ALA C 17 -37.24 -38.08 13.64
C ALA C 17 -38.63 -37.40 13.58
N ALA C 18 -38.63 -36.15 13.12
CA ALA C 18 -39.87 -35.41 13.06
C ALA C 18 -40.87 -36.18 12.12
N ALA C 19 -40.44 -36.63 10.93
CA ALA C 19 -41.34 -37.20 9.94
C ALA C 19 -41.95 -38.55 10.45
N LYS C 20 -41.11 -39.32 11.18
CA LYS C 20 -41.48 -40.68 11.53
C LYS C 20 -42.42 -40.59 12.69
N ALA C 21 -42.20 -39.59 13.55
CA ALA C 21 -43.06 -39.44 14.74
C ALA C 21 -44.42 -38.96 14.29
N LYS C 22 -44.47 -38.09 13.28
CA LYS C 22 -45.76 -37.48 12.91
C LYS C 22 -46.54 -38.52 12.17
N ARG C 23 -45.79 -39.36 11.48
CA ARG C 23 -46.43 -40.47 10.86
C ARG C 23 -47.01 -41.55 11.86
N GLU C 24 -46.29 -41.75 12.95
CA GLU C 24 -46.60 -42.88 13.80
C GLU C 24 -47.63 -42.51 14.86
N ASN C 25 -47.76 -41.25 15.10
CA ASN C 25 -48.75 -40.74 16.01
C ASN C 25 -49.14 -39.29 15.61
N PRO C 26 -50.13 -39.15 14.72
CA PRO C 26 -50.43 -37.83 14.10
C PRO C 26 -51.06 -36.88 15.09
N GLU C 27 -51.29 -37.39 16.33
CA GLU C 27 -51.74 -36.63 17.47
C GLU C 27 -50.71 -35.72 17.98
N LEU C 28 -49.41 -35.91 17.62
CA LEU C 28 -48.30 -35.06 18.16
C LEU C 28 -48.24 -33.70 17.51
N GLU C 29 -47.87 -32.72 18.31
CA GLU C 29 -47.50 -31.42 17.76
C GLU C 29 -46.00 -31.64 17.44
N VAL C 30 -45.67 -31.52 16.14
CA VAL C 30 -44.25 -31.65 15.79
C VAL C 30 -43.67 -30.35 15.15
N VAL C 31 -42.71 -29.74 15.85
CA VAL C 31 -42.04 -28.55 15.39
C VAL C 31 -40.48 -28.81 15.22
N VAL C 32 -39.93 -28.33 14.13
CA VAL C 32 -38.49 -28.37 13.91
C VAL C 32 -37.93 -26.96 13.72
N TYR C 33 -37.01 -26.59 14.62
CA TYR C 33 -36.19 -25.36 14.58
C TYR C 33 -34.78 -25.61 14.04
N GLU C 34 -34.55 -25.14 12.83
CA GLU C 34 -33.31 -25.32 12.08
C GLU C 34 -32.53 -23.97 11.81
N LYS C 35 -31.42 -23.80 12.47
CA LYS C 35 -30.62 -22.59 12.25
C LYS C 35 -30.25 -22.29 10.80
N SER C 36 -29.97 -23.28 9.96
CA SER C 36 -29.40 -23.10 8.63
C SER C 36 -30.40 -22.76 7.52
N GLY C 37 -31.60 -22.42 7.80
CA GLY C 37 -32.25 -22.00 6.55
C GLY C 37 -32.37 -22.92 5.33
N TRP C 38 -31.78 -24.11 5.38
CA TRP C 38 -32.31 -25.23 4.61
C TRP C 38 -32.54 -26.34 5.59
N VAL C 39 -33.36 -27.31 5.17
CA VAL C 39 -33.69 -28.46 6.05
C VAL C 39 -33.86 -29.68 5.18
N SER C 40 -33.70 -30.86 5.74
CA SER C 40 -33.86 -32.10 4.97
C SER C 40 -33.10 -32.12 3.59
N TYR C 41 -31.82 -31.81 3.57
CA TYR C 41 -31.05 -31.96 2.33
C TYR C 41 -29.95 -33.00 2.56
N GLY C 42 -29.51 -33.59 1.46
CA GLY C 42 -28.44 -34.54 1.55
C GLY C 42 -27.05 -33.95 1.33
N ALA C 43 -26.29 -33.74 2.41
CA ALA C 43 -24.97 -33.16 2.30
C ALA C 43 -24.08 -34.04 1.46
N CYS C 44 -24.34 -35.34 1.53
CA CYS C 44 -23.67 -36.43 0.80
C CYS C 44 -23.43 -36.16 -0.69
N GLY C 45 -24.30 -35.33 -1.27
CA GLY C 45 -24.40 -35.16 -2.70
C GLY C 45 -23.66 -33.91 -3.07
N LEU C 46 -23.38 -33.10 -2.08
CA LEU C 46 -22.67 -31.82 -2.37
C LEU C 46 -21.55 -31.86 -3.39
N PRO C 47 -20.61 -32.88 -3.31
CA PRO C 47 -19.54 -33.02 -4.31
C PRO C 47 -20.07 -33.32 -5.67
N TYR C 48 -21.25 -33.86 -5.77
CA TYR C 48 -21.77 -34.10 -7.11
C TYR C 48 -22.43 -32.85 -7.69
N VAL C 49 -22.73 -31.89 -6.88
CA VAL C 49 -23.28 -30.65 -7.37
C VAL C 49 -22.16 -29.69 -7.71
N LEU C 50 -21.08 -29.78 -6.94
CA LEU C 50 -19.84 -29.03 -7.16
C LEU C 50 -19.30 -29.45 -8.52
N SER C 51 -19.26 -30.75 -8.77
CA SER C 51 -18.62 -31.22 -9.99
C SER C 51 -19.44 -30.84 -11.22
N GLY C 52 -20.54 -30.17 -11.03
CA GLY C 52 -21.50 -30.08 -12.09
C GLY C 52 -22.25 -31.34 -12.53
N GLU C 53 -21.90 -32.56 -12.06
CA GLU C 53 -22.72 -33.74 -12.45
C GLU C 53 -24.23 -33.56 -12.17
N ILE C 54 -24.56 -32.82 -11.11
CA ILE C 54 -25.95 -32.54 -10.71
C ILE C 54 -26.16 -31.06 -10.78
N PRO C 55 -26.99 -30.63 -11.78
CA PRO C 55 -27.36 -29.26 -12.30
C PRO C 55 -27.56 -28.28 -11.17
N ARG C 56 -28.68 -28.31 -10.48
CA ARG C 56 -28.90 -27.32 -9.40
C ARG C 56 -28.78 -27.84 -7.97
N LEU C 57 -28.23 -27.05 -7.08
CA LEU C 57 -28.12 -27.35 -5.67
C LEU C 57 -29.39 -27.80 -4.93
N GLU C 58 -30.56 -27.26 -5.29
CA GLU C 58 -31.87 -27.65 -4.68
C GLU C 58 -32.33 -29.11 -4.99
N ARG C 59 -31.54 -29.83 -5.75
CA ARG C 59 -31.95 -31.13 -6.26
C ARG C 59 -31.69 -32.14 -5.13
N LEU C 60 -31.16 -31.62 -4.05
CA LEU C 60 -30.55 -32.38 -2.99
C LEU C 60 -31.38 -32.40 -1.70
N VAL C 61 -32.41 -31.54 -1.61
CA VAL C 61 -33.43 -31.62 -0.54
C VAL C 61 -34.34 -32.76 -0.82
N ALA C 62 -34.86 -33.37 0.22
CA ALA C 62 -35.61 -34.62 0.07
C ALA C 62 -37.09 -34.35 0.35
N ARG C 63 -37.35 -33.30 1.14
CA ARG C 63 -38.69 -32.81 1.52
C ARG C 63 -38.57 -31.32 1.81
N THR C 64 -39.51 -30.55 1.28
CA THR C 64 -39.50 -29.11 1.46
C THR C 64 -40.28 -28.75 2.70
N PRO C 65 -40.10 -27.49 3.18
CA PRO C 65 -40.80 -27.03 4.38
C PRO C 65 -42.32 -27.02 4.12
N GLU C 66 -42.65 -26.80 2.84
CA GLU C 66 -44.00 -26.95 2.38
C GLU C 66 -44.50 -28.39 2.49
N GLU C 67 -43.79 -29.35 1.91
CA GLU C 67 -44.27 -30.73 1.96
C GLU C 67 -44.41 -31.13 3.42
N PHE C 68 -43.41 -30.76 4.22
CA PHE C 68 -43.53 -31.04 5.63
C PHE C 68 -44.80 -30.50 6.22
N ARG C 69 -45.01 -29.18 6.18
CA ARG C 69 -46.30 -28.54 6.58
C ARG C 69 -47.54 -29.38 6.18
N LYS C 70 -47.75 -29.47 4.86
CA LYS C 70 -48.76 -30.32 4.20
C LYS C 70 -48.88 -31.81 4.83
N GLN C 71 -48.11 -32.09 5.91
CA GLN C 71 -47.96 -33.47 6.45
C GLN C 71 -47.88 -33.45 7.94
N GLY C 72 -48.19 -32.30 8.52
CA GLY C 72 -48.35 -32.31 9.97
C GLY C 72 -47.13 -31.81 10.67
N VAL C 73 -46.11 -31.44 9.89
CA VAL C 73 -44.85 -31.01 10.47
C VAL C 73 -44.44 -29.57 10.17
N LEU C 74 -44.16 -28.87 11.24
CA LEU C 74 -43.94 -27.46 11.06
C LEU C 74 -42.49 -27.20 11.21
N VAL C 75 -41.80 -26.94 10.11
CA VAL C 75 -40.40 -26.52 10.23
C VAL C 75 -40.12 -24.98 10.17
N HIS C 76 -39.12 -24.58 10.93
CA HIS C 76 -38.75 -23.18 10.91
C HIS C 76 -37.30 -23.03 10.65
N THR C 77 -36.93 -22.58 9.49
CA THR C 77 -35.54 -22.42 9.17
C THR C 77 -35.05 -21.07 9.63
N ARG C 78 -33.75 -20.88 9.58
CA ARG C 78 -33.21 -19.65 10.10
C ARG C 78 -33.73 -19.37 11.56
N HIS C 79 -34.03 -20.46 12.32
CA HIS C 79 -34.35 -20.33 13.74
C HIS C 79 -33.38 -21.07 14.62
N GLU C 80 -32.81 -20.40 15.59
CA GLU C 80 -31.77 -21.05 16.35
C GLU C 80 -32.19 -21.10 17.79
N VAL C 81 -32.25 -22.29 18.34
CA VAL C 81 -32.47 -22.42 19.78
C VAL C 81 -31.25 -22.11 20.65
N VAL C 82 -31.38 -20.99 21.34
CA VAL C 82 -30.32 -20.37 22.08
C VAL C 82 -30.15 -20.85 23.49
N ASP C 83 -31.23 -21.01 24.20
CA ASP C 83 -31.09 -21.73 25.45
C ASP C 83 -32.17 -22.81 25.63
N VAL C 84 -31.98 -23.71 26.56
CA VAL C 84 -33.05 -24.60 26.91
C VAL C 84 -33.13 -24.63 28.44
N ASP C 85 -34.37 -24.56 28.98
CA ASP C 85 -34.57 -24.47 30.44
C ASP C 85 -35.09 -25.72 30.98
N TYR C 86 -34.87 -26.79 30.25
CA TYR C 86 -34.70 -28.18 30.71
C TYR C 86 -35.35 -28.72 31.91
N GLU C 87 -34.41 -29.13 32.75
CA GLU C 87 -34.55 -29.64 34.16
C GLU C 87 -33.40 -29.20 35.29
N LEU C 88 -33.43 -27.97 35.85
CA LEU C 88 -34.45 -26.91 35.71
C LEU C 88 -35.92 -27.47 35.43
N ARG C 89 -36.69 -26.92 34.49
CA ARG C 89 -38.02 -27.41 34.15
C ARG C 89 -38.70 -26.65 33.08
N THR C 90 -38.80 -27.41 31.98
CA THR C 90 -39.06 -27.03 30.62
C THR C 90 -40.02 -25.93 30.77
N LEU C 91 -39.52 -24.67 30.79
CA LEU C 91 -40.09 -23.57 29.93
C LEU C 91 -39.44 -23.96 28.64
N THR C 92 -38.17 -23.57 28.55
CA THR C 92 -37.17 -24.35 27.86
C THR C 92 -37.30 -23.82 26.51
N VAL C 93 -36.43 -24.14 25.60
CA VAL C 93 -36.46 -23.41 24.30
C VAL C 93 -36.62 -21.82 24.44
N HIS C 94 -35.55 -21.02 24.38
CA HIS C 94 -35.68 -19.64 23.92
C HIS C 94 -35.16 -19.84 22.54
N ASP C 95 -35.83 -19.37 21.47
CA ASP C 95 -35.10 -19.15 20.20
C ASP C 95 -35.35 -17.90 19.33
N HIS C 96 -34.45 -17.71 18.36
CA HIS C 96 -34.38 -16.53 17.54
C HIS C 96 -34.91 -16.66 16.02
N ALA C 97 -35.98 -15.92 15.54
CA ALA C 97 -36.37 -15.91 14.05
C ALA C 97 -35.62 -14.86 13.34
N GLU C 98 -36.28 -14.41 12.26
CA GLU C 98 -35.92 -13.15 11.55
C GLU C 98 -36.82 -11.91 11.88
N GLY C 99 -36.07 -10.99 12.47
CA GLY C 99 -36.56 -10.05 13.44
C GLY C 99 -36.41 -10.51 14.90
N ARG C 100 -37.39 -11.31 15.30
CA ARG C 100 -37.68 -11.56 16.72
C ARG C 100 -36.93 -12.67 17.50
N THR C 101 -37.53 -13.11 18.60
CA THR C 101 -36.90 -14.02 19.53
C THR C 101 -37.93 -14.33 20.66
N PHE C 102 -38.10 -15.61 21.00
CA PHE C 102 -39.27 -16.06 21.75
C PHE C 102 -39.14 -17.32 22.50
N GLN C 103 -40.23 -17.74 23.10
CA GLN C 103 -40.21 -18.94 23.93
C GLN C 103 -41.10 -20.04 23.37
N ASP C 104 -40.90 -21.28 23.84
CA ASP C 104 -41.68 -22.48 23.45
C ASP C 104 -41.41 -23.48 24.49
N ARG C 105 -42.22 -24.51 24.55
CA ARG C 105 -42.08 -25.51 25.64
C ARG C 105 -42.01 -26.77 24.91
N PHE C 106 -41.53 -27.78 25.62
CA PHE C 106 -41.59 -29.06 24.98
C PHE C 106 -42.14 -30.17 25.90
N ASP C 107 -42.52 -31.33 25.36
CA ASP C 107 -42.75 -32.52 26.17
C ASP C 107 -41.67 -33.55 25.82
N HIS C 108 -41.41 -33.61 24.52
CA HIS C 108 -40.28 -34.39 23.98
C HIS C 108 -39.32 -33.43 23.29
N LEU C 109 -38.01 -33.63 23.61
CA LEU C 109 -36.92 -32.94 22.93
C LEU C 109 -35.99 -33.91 22.17
N VAL C 110 -35.98 -33.77 20.83
CA VAL C 110 -34.88 -34.31 20.04
C VAL C 110 -33.75 -33.29 19.64
N LEU C 111 -32.53 -33.44 20.21
CA LEU C 111 -31.27 -32.73 19.87
C LEU C 111 -30.62 -33.30 18.54
N ALA C 112 -30.54 -32.57 17.46
CA ALA C 112 -30.08 -33.22 16.25
C ALA C 112 -29.37 -32.12 15.50
N THR C 113 -28.52 -31.47 16.29
CA THR C 113 -27.74 -30.28 15.96
C THR C 113 -26.48 -30.58 15.19
N GLY C 114 -26.14 -31.86 15.02
CA GLY C 114 -25.07 -32.30 14.15
C GLY C 114 -23.62 -31.96 14.42
N ALA C 115 -22.83 -31.72 13.39
CA ALA C 115 -21.41 -31.48 13.61
C ALA C 115 -20.95 -30.35 12.79
N ARG C 116 -19.88 -29.78 13.22
CA ARG C 116 -19.31 -28.67 12.44
C ARG C 116 -17.82 -28.97 12.17
N PRO C 117 -17.29 -28.41 11.07
CA PRO C 117 -15.88 -28.52 10.67
C PRO C 117 -15.01 -28.36 11.83
N SER C 118 -14.05 -29.26 12.03
CA SER C 118 -13.04 -29.14 13.08
C SER C 118 -11.90 -28.51 12.41
N LEU C 119 -11.59 -27.26 12.78
CA LEU C 119 -10.56 -26.48 12.10
C LEU C 119 -9.19 -26.48 12.76
N PRO C 120 -8.19 -26.85 11.99
CA PRO C 120 -6.86 -26.76 12.54
C PRO C 120 -6.44 -25.25 12.69
N PRO C 121 -5.59 -25.05 13.68
CA PRO C 121 -5.11 -23.72 14.08
C PRO C 121 -4.05 -23.26 13.10
N ILE C 122 -4.52 -22.71 11.99
CA ILE C 122 -3.61 -22.20 10.99
C ILE C 122 -3.90 -20.75 10.75
N PRO C 123 -2.86 -19.91 10.83
CA PRO C 123 -2.94 -18.49 10.43
C PRO C 123 -3.26 -18.29 8.95
N GLY C 124 -4.31 -17.49 8.72
CA GLY C 124 -4.78 -17.05 7.43
C GLY C 124 -6.03 -17.77 7.09
N THR C 125 -6.53 -18.63 7.97
CA THR C 125 -7.74 -19.42 7.68
C THR C 125 -8.95 -18.51 7.44
N GLU C 126 -8.88 -17.37 8.14
CA GLU C 126 -9.93 -16.41 8.37
C GLU C 126 -10.17 -15.75 6.97
N GLN C 127 -9.22 -15.90 6.06
CA GLN C 127 -9.33 -15.39 4.67
C GLN C 127 -10.33 -15.87 3.66
N GLU C 128 -10.12 -15.42 2.46
CA GLU C 128 -11.22 -15.25 1.59
C GLU C 128 -11.34 -16.32 0.57
N GLY C 129 -10.29 -16.95 0.12
CA GLY C 129 -10.62 -18.13 -0.69
C GLY C 129 -10.60 -19.44 0.09
N VAL C 130 -10.74 -19.36 1.39
CA VAL C 130 -10.75 -20.55 2.21
C VAL C 130 -12.20 -20.95 2.53
N TYR C 131 -12.50 -22.23 2.31
CA TYR C 131 -13.84 -22.77 2.19
C TYR C 131 -13.92 -24.14 2.85
N THR C 132 -15.15 -24.52 3.20
CA THR C 132 -15.46 -25.70 3.95
C THR C 132 -16.53 -26.36 3.21
N LEU C 133 -16.64 -27.69 3.33
CA LEU C 133 -17.80 -28.43 2.66
C LEU C 133 -18.67 -29.18 3.59
N ARG C 134 -19.73 -28.59 4.11
CA ARG C 134 -20.49 -29.22 5.17
C ARG C 134 -22.02 -28.94 4.98
N THR C 135 -22.40 -27.71 4.63
CA THR C 135 -23.80 -27.34 4.57
C THR C 135 -24.24 -26.87 3.19
N MET C 136 -25.52 -26.63 2.97
CA MET C 136 -25.89 -26.09 1.65
C MET C 136 -25.28 -24.74 1.36
N GLU C 137 -24.96 -23.96 2.37
CA GLU C 137 -24.46 -22.61 2.16
C GLU C 137 -23.09 -22.82 1.69
N ASP C 138 -22.29 -23.65 2.37
CA ASP C 138 -20.97 -23.99 1.80
C ASP C 138 -21.11 -24.31 0.28
N GLY C 139 -22.05 -25.17 -0.04
CA GLY C 139 -22.34 -25.44 -1.43
C GLY C 139 -22.38 -24.18 -2.25
N GLU C 140 -23.28 -23.27 -1.93
CA GLU C 140 -23.49 -22.06 -2.69
C GLU C 140 -22.20 -21.22 -2.84
N ARG C 141 -21.56 -20.83 -1.71
CA ARG C 141 -20.22 -20.25 -1.69
C ARG C 141 -19.26 -20.89 -2.67
N LEU C 142 -18.94 -22.18 -2.47
CA LEU C 142 -18.02 -22.91 -3.33
C LEU C 142 -18.43 -22.91 -4.82
N LEU C 143 -19.67 -22.63 -5.07
CA LEU C 143 -20.29 -23.03 -6.30
C LEU C 143 -20.16 -21.86 -7.11
N LYS C 144 -20.13 -20.71 -6.40
CA LYS C 144 -19.79 -19.38 -6.93
C LYS C 144 -18.34 -19.28 -7.29
N ALA C 145 -17.45 -19.56 -6.34
CA ALA C 145 -16.01 -19.50 -6.56
C ALA C 145 -15.46 -20.39 -7.73
N LEU C 146 -16.10 -21.51 -8.01
CA LEU C 146 -15.53 -22.56 -8.80
C LEU C 146 -15.35 -22.23 -10.28
N PRO C 147 -16.35 -21.62 -10.96
CA PRO C 147 -15.89 -21.25 -12.32
C PRO C 147 -14.92 -20.08 -12.06
N GLN C 148 -14.03 -19.68 -12.94
CA GLN C 148 -12.91 -18.83 -12.46
C GLN C 148 -11.95 -19.66 -11.66
N ALA C 149 -11.56 -20.81 -12.24
CA ALA C 149 -10.81 -21.90 -11.59
C ALA C 149 -10.09 -21.50 -10.32
N ARG C 150 -8.74 -21.44 -10.31
CA ARG C 150 -7.76 -21.89 -11.30
C ARG C 150 -6.97 -23.10 -10.76
N ARG C 151 -6.63 -22.99 -9.48
CA ARG C 151 -5.81 -23.97 -8.82
C ARG C 151 -6.26 -24.14 -7.38
N ALA C 152 -6.65 -25.37 -6.98
CA ALA C 152 -7.10 -25.68 -5.60
C ALA C 152 -6.14 -26.50 -4.73
N ALA C 153 -6.17 -26.19 -3.42
CA ALA C 153 -5.56 -27.03 -2.36
C ALA C 153 -6.54 -27.67 -1.42
N ILE C 154 -6.63 -29.02 -1.30
CA ILE C 154 -7.48 -29.66 -0.29
C ILE C 154 -6.60 -30.10 0.84
N LEU C 155 -6.95 -29.78 2.09
CA LEU C 155 -6.22 -30.28 3.26
C LEU C 155 -7.03 -31.37 3.83
N GLY C 156 -6.58 -32.62 3.66
CA GLY C 156 -7.13 -33.78 4.35
C GLY C 156 -7.50 -34.82 3.34
N ALA C 157 -7.05 -36.04 3.48
CA ALA C 157 -7.47 -37.01 2.50
C ALA C 157 -8.45 -38.06 3.05
N GLY C 158 -9.48 -37.59 3.75
CA GLY C 158 -10.52 -38.46 4.25
C GLY C 158 -11.55 -38.59 3.15
N TYR C 159 -12.75 -39.05 3.49
CA TYR C 159 -13.67 -39.41 2.39
C TYR C 159 -14.00 -38.10 1.69
N ILE C 160 -14.50 -37.09 2.40
CA ILE C 160 -14.84 -35.84 1.68
C ILE C 160 -13.49 -35.28 1.46
N GLY C 161 -13.21 -34.65 0.36
CA GLY C 161 -11.79 -34.29 0.34
C GLY C 161 -11.11 -35.11 -0.72
N LEU C 162 -11.12 -36.44 -0.58
CA LEU C 162 -10.97 -37.28 -1.79
C LEU C 162 -12.13 -37.07 -2.78
N GLU C 163 -13.35 -37.26 -2.32
CA GLU C 163 -14.56 -36.95 -3.07
C GLU C 163 -14.45 -35.53 -3.68
N ALA C 164 -13.94 -34.63 -2.87
CA ALA C 164 -13.77 -33.24 -3.28
C ALA C 164 -12.84 -33.00 -4.38
N ALA C 165 -11.70 -33.68 -4.35
CA ALA C 165 -10.71 -33.65 -5.43
C ALA C 165 -11.25 -34.09 -6.83
N GLU C 166 -12.02 -35.21 -6.85
CA GLU C 166 -12.82 -35.63 -8.01
C GLU C 166 -13.57 -34.41 -8.50
N ALA C 167 -14.36 -33.85 -7.63
CA ALA C 167 -15.21 -32.79 -7.97
C ALA C 167 -14.47 -31.70 -8.61
N PHE C 168 -13.38 -31.26 -8.03
CA PHE C 168 -12.74 -30.00 -8.45
C PHE C 168 -12.05 -30.23 -9.76
N ARG C 169 -11.58 -31.46 -10.00
CA ARG C 169 -10.83 -31.74 -11.23
C ARG C 169 -11.83 -31.77 -12.32
N LYS C 170 -13.03 -32.29 -12.01
CA LYS C 170 -14.12 -32.31 -13.03
C LYS C 170 -14.48 -30.90 -13.45
N ARG C 171 -14.27 -29.92 -12.60
CA ARG C 171 -14.47 -28.53 -12.98
C ARG C 171 -13.26 -27.91 -13.53
N GLY C 172 -12.31 -28.73 -13.91
CA GLY C 172 -11.15 -28.16 -14.54
C GLY C 172 -9.97 -27.60 -13.75
N LEU C 173 -10.02 -27.50 -12.41
CA LEU C 173 -8.94 -26.93 -11.60
C LEU C 173 -7.71 -27.82 -11.49
N GLN C 174 -6.56 -27.27 -11.24
CA GLN C 174 -5.46 -28.19 -10.92
C GLN C 174 -5.40 -28.46 -9.37
N VAL C 175 -5.54 -29.71 -9.00
CA VAL C 175 -5.72 -29.82 -7.58
C VAL C 175 -4.58 -30.52 -6.95
N THR C 176 -4.30 -30.16 -5.72
CA THR C 176 -3.25 -30.79 -5.04
C THR C 176 -3.71 -31.10 -3.63
N LEU C 177 -3.46 -32.29 -3.16
CA LEU C 177 -4.06 -32.65 -1.90
C LEU C 177 -2.97 -32.70 -0.81
N LEU C 178 -3.24 -32.15 0.37
CA LEU C 178 -2.22 -32.09 1.41
C LEU C 178 -2.66 -32.91 2.59
N GLU C 179 -1.97 -34.00 2.86
CA GLU C 179 -2.28 -34.77 4.05
C GLU C 179 -1.13 -34.69 4.97
N ALA C 180 -1.43 -34.58 6.25
CA ALA C 180 -0.44 -34.67 7.30
C ALA C 180 0.09 -36.07 7.50
N LYS C 181 -0.74 -37.08 7.59
CA LYS C 181 -0.28 -38.41 7.84
C LYS C 181 0.29 -39.02 6.58
N ASP C 182 0.79 -40.26 6.67
CA ASP C 182 1.57 -40.78 5.50
C ASP C 182 0.83 -41.23 4.19
N ARG C 183 -0.46 -41.44 4.20
CA ARG C 183 -1.13 -41.94 2.99
C ARG C 183 -2.52 -41.28 2.86
N PRO C 184 -3.06 -41.26 1.65
CA PRO C 184 -4.50 -41.00 1.56
C PRO C 184 -5.35 -41.98 2.35
N LEU C 185 -6.49 -41.55 2.84
CA LEU C 185 -7.27 -42.43 3.65
C LEU C 185 -6.48 -43.12 4.84
N PRO C 186 -5.83 -42.31 5.65
CA PRO C 186 -4.93 -42.66 6.74
C PRO C 186 -5.58 -43.37 7.76
N HIS C 187 -6.89 -43.36 7.78
CA HIS C 187 -7.62 -44.07 8.85
C HIS C 187 -7.83 -45.54 8.57
N TRP C 188 -7.13 -46.00 7.53
CA TRP C 188 -7.23 -47.33 7.04
C TRP C 188 -5.87 -47.93 6.63
N ASP C 189 -5.65 -49.21 6.95
CA ASP C 189 -4.61 -50.01 6.35
C ASP C 189 -4.11 -49.47 5.01
N PRO C 190 -2.79 -49.44 4.85
CA PRO C 190 -2.04 -48.72 3.84
C PRO C 190 -2.25 -49.16 2.39
N GLU C 191 -2.72 -50.39 2.22
CA GLU C 191 -2.97 -50.98 0.87
C GLU C 191 -4.07 -50.21 0.18
N VAL C 192 -5.15 -49.95 0.89
CA VAL C 192 -6.16 -49.14 0.31
C VAL C 192 -5.62 -47.71 0.05
N GLY C 193 -5.13 -46.98 1.04
CA GLY C 193 -4.50 -45.71 0.76
C GLY C 193 -3.66 -45.73 -0.50
N ALA C 194 -2.76 -46.71 -0.65
CA ALA C 194 -1.91 -46.83 -1.86
C ALA C 194 -2.69 -46.76 -3.20
N LEU C 195 -3.72 -47.58 -3.31
CA LEU C 195 -4.55 -47.71 -4.50
C LEU C 195 -5.11 -46.42 -4.88
N LEU C 196 -5.31 -45.60 -3.88
CA LEU C 196 -6.04 -44.39 -4.04
C LEU C 196 -5.06 -43.36 -4.50
N LYS C 197 -3.82 -43.36 -3.97
CA LYS C 197 -2.79 -42.44 -4.39
C LYS C 197 -2.54 -42.65 -5.90
N GLU C 198 -2.64 -43.89 -6.40
CA GLU C 198 -2.35 -44.18 -7.81
C GLU C 198 -3.49 -43.60 -8.61
N GLU C 199 -4.71 -43.75 -8.07
CA GLU C 199 -5.93 -43.30 -8.75
C GLU C 199 -6.05 -41.81 -8.81
N LEU C 200 -5.64 -41.14 -7.77
CA LEU C 200 -5.63 -39.67 -7.79
C LEU C 200 -4.58 -39.21 -8.73
N GLU C 201 -3.40 -39.82 -8.71
CA GLU C 201 -2.30 -39.42 -9.58
C GLU C 201 -2.61 -39.65 -11.05
N ARG C 202 -3.29 -40.76 -11.29
CA ARG C 202 -3.79 -41.15 -12.61
C ARG C 202 -4.64 -40.05 -13.17
N HIS C 203 -5.25 -39.21 -12.33
CA HIS C 203 -6.26 -38.26 -12.81
C HIS C 203 -5.85 -36.83 -12.69
N GLY C 204 -4.57 -36.60 -12.42
CA GLY C 204 -4.02 -35.27 -12.46
C GLY C 204 -3.97 -34.63 -11.10
N VAL C 205 -4.24 -35.38 -10.03
CA VAL C 205 -4.23 -34.80 -8.68
C VAL C 205 -2.88 -35.05 -8.08
N GLU C 206 -2.27 -34.00 -7.58
CA GLU C 206 -0.99 -34.14 -6.91
C GLU C 206 -1.18 -34.51 -5.44
N VAL C 207 -0.55 -35.58 -4.99
CA VAL C 207 -0.79 -35.82 -3.60
C VAL C 207 0.38 -35.68 -2.68
N TRP C 208 0.42 -34.60 -1.91
CA TRP C 208 1.51 -34.41 -0.93
C TRP C 208 1.26 -35.24 0.35
N THR C 209 2.20 -36.05 0.81
CA THR C 209 1.99 -36.80 2.02
C THR C 209 2.85 -36.22 3.17
N GLY C 210 2.58 -36.60 4.43
CA GLY C 210 3.37 -36.12 5.56
C GLY C 210 3.72 -34.62 5.47
N VAL C 211 2.67 -33.79 5.42
CA VAL C 211 2.82 -32.36 5.18
C VAL C 211 2.37 -31.65 6.39
N LYS C 212 3.18 -30.68 6.80
CA LYS C 212 2.80 -29.85 7.92
C LYS C 212 2.37 -28.56 7.28
N VAL C 213 1.09 -28.21 7.35
CA VAL C 213 0.72 -26.92 6.78
C VAL C 213 0.94 -25.76 7.72
N GLU C 214 1.86 -24.83 7.36
CA GLU C 214 2.33 -23.75 8.21
C GLU C 214 1.48 -22.47 8.22
N ALA C 215 1.07 -21.99 7.04
CA ALA C 215 0.08 -20.93 6.95
C ALA C 215 -0.48 -20.70 5.53
N PHE C 216 -1.54 -19.87 5.42
CA PHE C 216 -2.24 -19.52 4.17
C PHE C 216 -1.92 -18.08 3.80
N ARG C 217 -1.17 -17.89 2.72
CA ARG C 217 -0.53 -16.59 2.48
C ARG C 217 -1.50 -15.78 1.73
N GLY C 218 -1.48 -14.49 2.03
CA GLY C 218 -2.36 -13.54 1.41
C GLY C 218 -2.62 -12.36 2.26
N MET C 219 -3.20 -11.36 1.68
CA MET C 219 -3.59 -10.12 2.35
C MET C 219 -5.11 -10.06 2.44
N GLY C 220 -5.66 -11.16 2.95
CA GLY C 220 -7.08 -11.41 3.13
C GLY C 220 -7.76 -12.05 1.97
N ARG C 221 -7.02 -12.46 0.95
CA ARG C 221 -7.55 -13.25 -0.13
C ARG C 221 -7.14 -14.73 -0.11
N VAL C 222 -5.85 -14.99 -0.17
CA VAL C 222 -5.30 -16.37 -0.21
C VAL C 222 -4.82 -16.63 -1.56
N GLU C 223 -3.62 -17.15 -1.61
CA GLU C 223 -2.98 -17.38 -2.87
C GLU C 223 -1.97 -18.48 -2.75
N ALA C 224 -1.69 -18.91 -1.51
CA ALA C 224 -0.60 -19.84 -1.30
C ALA C 224 -0.81 -21.20 -0.54
N VAL C 225 -0.64 -21.25 0.77
CA VAL C 225 -0.38 -22.51 1.45
C VAL C 225 1.08 -22.78 1.46
N GLU C 226 1.68 -22.25 2.51
CA GLU C 226 3.04 -22.51 2.84
C GLU C 226 2.99 -23.68 3.72
N THR C 227 3.79 -24.68 3.36
CA THR C 227 3.87 -25.98 4.07
C THR C 227 5.34 -26.31 4.33
N SER C 228 5.61 -27.28 5.19
CA SER C 228 6.97 -27.77 5.37
C SER C 228 7.62 -28.23 4.04
N GLU C 229 6.86 -28.87 3.14
CA GLU C 229 7.48 -29.41 1.94
C GLU C 229 7.45 -28.46 0.80
N GLY C 230 7.46 -27.16 1.10
CA GLY C 230 7.34 -26.11 0.08
C GLY C 230 6.02 -25.35 -0.05
N VAL C 231 5.86 -24.61 -1.10
CA VAL C 231 4.80 -23.62 -1.14
C VAL C 231 3.86 -23.93 -2.23
N VAL C 232 2.61 -24.18 -1.89
CA VAL C 232 1.68 -24.50 -2.95
C VAL C 232 0.87 -23.33 -3.47
N PRO C 233 0.95 -23.00 -4.76
CA PRO C 233 0.06 -21.94 -5.22
C PRO C 233 -1.39 -22.45 -5.29
N ALA C 234 -2.34 -21.71 -4.72
CA ALA C 234 -3.76 -22.08 -4.67
C ALA C 234 -4.61 -20.83 -4.39
N ASP C 235 -5.70 -20.67 -5.12
CA ASP C 235 -6.56 -19.52 -5.02
C ASP C 235 -7.91 -19.94 -4.48
N LEU C 236 -8.22 -21.23 -4.55
CA LEU C 236 -9.20 -21.79 -3.65
C LEU C 236 -8.54 -22.92 -2.90
N VAL C 237 -8.70 -22.83 -1.55
CA VAL C 237 -8.38 -23.88 -0.61
C VAL C 237 -9.64 -24.36 0.15
N LEU C 238 -9.74 -25.69 0.44
CA LEU C 238 -10.85 -26.49 1.03
C LEU C 238 -10.33 -27.25 2.28
N LEU C 239 -10.83 -26.99 3.49
CA LEU C 239 -10.41 -27.71 4.68
C LEU C 239 -11.35 -28.88 4.85
N ALA C 240 -10.77 -30.07 4.77
CA ALA C 240 -11.50 -31.30 4.80
C ALA C 240 -10.83 -32.19 5.83
N THR C 241 -10.66 -31.57 7.00
CA THR C 241 -9.86 -32.01 8.12
C THR C 241 -10.68 -32.46 9.27
N GLY C 242 -11.79 -33.09 8.96
CA GLY C 242 -12.63 -33.67 10.01
C GLY C 242 -13.61 -32.75 10.72
N ILE C 243 -14.53 -33.37 11.44
CA ILE C 243 -15.59 -32.65 12.11
C ILE C 243 -15.57 -32.96 13.63
N ARG C 244 -16.38 -32.24 14.38
CA ARG C 244 -16.62 -32.45 15.80
C ARG C 244 -18.13 -32.17 16.06
N PRO C 245 -18.70 -32.89 17.03
CA PRO C 245 -20.13 -32.80 17.24
C PRO C 245 -20.51 -31.48 17.92
N ASN C 246 -21.67 -30.96 17.52
CA ASN C 246 -22.22 -29.69 17.99
C ASN C 246 -22.95 -29.84 19.33
N THR C 247 -22.21 -29.99 20.40
CA THR C 247 -22.79 -30.34 21.65
C THR C 247 -22.96 -29.18 22.61
N GLU C 248 -22.76 -27.92 22.15
CA GLU C 248 -22.61 -26.78 23.11
C GLU C 248 -23.94 -26.63 23.74
N LEU C 249 -24.99 -26.56 22.92
CA LEU C 249 -26.32 -26.41 23.48
C LEU C 249 -26.74 -27.55 24.41
N ALA C 250 -26.46 -28.79 24.03
CA ALA C 250 -26.72 -29.90 24.94
C ALA C 250 -26.05 -29.85 26.39
N GLN C 251 -24.80 -29.41 26.47
CA GLN C 251 -24.14 -29.37 27.75
C GLN C 251 -24.72 -28.22 28.54
N ALA C 252 -25.16 -27.13 27.89
CA ALA C 252 -25.89 -26.04 28.57
C ALA C 252 -26.92 -26.68 29.48
N MET C 253 -27.76 -27.49 28.87
CA MET C 253 -28.88 -28.07 29.57
C MET C 253 -28.57 -29.34 30.39
N GLY C 254 -27.30 -29.72 30.42
CA GLY C 254 -26.88 -30.79 31.30
C GLY C 254 -27.14 -32.19 30.77
N VAL C 255 -27.15 -32.31 29.46
CA VAL C 255 -27.00 -33.59 28.77
C VAL C 255 -25.54 -34.05 28.84
N ALA C 256 -25.42 -35.32 29.20
CA ALA C 256 -24.16 -36.04 29.27
C ALA C 256 -23.60 -36.38 27.87
N LEU C 257 -22.29 -36.18 27.75
CA LEU C 257 -21.52 -36.44 26.56
C LEU C 257 -20.90 -37.78 26.93
N GLY C 258 -20.73 -38.65 25.96
CA GLY C 258 -19.98 -39.89 26.15
C GLY C 258 -18.49 -39.67 25.96
N PRO C 259 -17.77 -40.78 26.01
CA PRO C 259 -16.30 -40.73 26.00
C PRO C 259 -15.79 -40.08 24.75
N THR C 260 -16.44 -40.39 23.60
CA THR C 260 -16.11 -39.78 22.29
C THR C 260 -16.27 -38.24 22.16
N GLY C 261 -17.08 -37.63 23.04
CA GLY C 261 -17.45 -36.22 22.94
C GLY C 261 -18.83 -35.90 22.36
N ALA C 262 -19.52 -36.97 21.94
CA ALA C 262 -20.83 -36.82 21.34
C ALA C 262 -21.79 -37.11 22.45
N ILE C 263 -23.05 -36.71 22.29
CA ILE C 263 -24.09 -37.03 23.28
C ILE C 263 -24.29 -38.53 23.42
N ALA C 264 -24.21 -38.99 24.65
CA ALA C 264 -24.36 -40.41 24.95
C ALA C 264 -25.81 -40.76 24.82
N THR C 265 -26.09 -41.95 24.31
CA THR C 265 -27.46 -42.42 24.24
C THR C 265 -27.61 -43.91 24.59
N ASP C 266 -28.84 -44.33 24.73
CA ASP C 266 -29.15 -45.77 24.92
C ASP C 266 -29.81 -46.31 23.64
N GLU C 267 -30.28 -47.58 23.71
CA GLU C 267 -30.83 -48.27 22.59
C GLU C 267 -32.13 -47.60 22.09
N ARG C 268 -32.66 -46.64 22.84
CA ARG C 268 -33.87 -45.86 22.43
C ARG C 268 -33.56 -44.39 22.13
N MET C 269 -32.27 -44.02 22.15
CA MET C 269 -31.76 -42.70 21.74
C MET C 269 -32.13 -41.69 22.71
N ARG C 270 -32.34 -42.16 23.97
CA ARG C 270 -32.57 -41.30 25.18
C ARG C 270 -31.26 -40.84 25.73
N THR C 271 -31.23 -39.56 26.10
CA THR C 271 -30.08 -39.07 26.85
C THR C 271 -30.31 -39.37 28.33
N ASN C 272 -29.48 -38.81 29.17
CA ASN C 272 -29.63 -38.94 30.59
C ASN C 272 -30.87 -38.20 31.11
N LEU C 273 -31.26 -37.09 30.47
CA LEU C 273 -32.49 -36.38 30.85
C LEU C 273 -33.73 -37.12 30.33
N GLU C 274 -34.62 -37.48 31.25
CA GLU C 274 -36.01 -37.81 30.92
C GLU C 274 -36.55 -36.83 29.94
N GLY C 275 -37.03 -37.40 28.84
CA GLY C 275 -37.71 -36.69 27.80
C GLY C 275 -36.89 -36.16 26.66
N VAL C 276 -35.55 -36.30 26.77
CA VAL C 276 -34.61 -35.64 25.82
C VAL C 276 -33.80 -36.69 25.15
N TYR C 277 -33.92 -36.70 23.80
CA TYR C 277 -33.25 -37.68 22.92
C TYR C 277 -32.15 -37.04 22.06
N ALA C 278 -31.17 -37.83 21.64
CA ALA C 278 -30.30 -37.28 20.61
C ALA C 278 -30.22 -38.10 19.27
N ALA C 279 -30.12 -37.41 18.12
CA ALA C 279 -30.08 -38.08 16.79
C ALA C 279 -29.04 -37.59 15.83
N GLY C 280 -28.37 -38.55 15.17
CA GLY C 280 -27.39 -38.19 14.18
C GLY C 280 -26.02 -37.82 14.70
N ASP C 281 -25.53 -36.65 14.23
CA ASP C 281 -24.12 -36.43 14.20
C ASP C 281 -23.71 -35.93 15.49
N VAL C 282 -24.65 -35.67 16.35
CA VAL C 282 -24.27 -35.18 17.68
C VAL C 282 -24.28 -36.31 18.61
N ALA C 283 -24.70 -37.47 18.11
CA ALA C 283 -24.85 -38.69 18.93
C ALA C 283 -23.86 -39.86 18.73
N GLU C 284 -23.53 -40.37 19.88
CA GLU C 284 -22.83 -41.63 19.93
C GLU C 284 -23.71 -42.84 19.54
N SER C 285 -23.09 -43.75 18.88
CA SER C 285 -23.77 -44.97 18.49
C SER C 285 -22.93 -46.07 19.15
N PHE C 286 -23.51 -47.26 19.30
CA PHE C 286 -22.76 -48.32 19.94
C PHE C 286 -22.04 -49.27 18.93
N HIS C 287 -20.69 -49.22 18.86
CA HIS C 287 -19.93 -50.14 18.03
C HIS C 287 -19.96 -51.62 18.44
N ARG C 288 -20.42 -52.48 17.57
CA ARG C 288 -20.66 -53.87 18.00
C ARG C 288 -19.43 -54.78 17.89
N VAL C 289 -18.44 -54.30 17.18
CA VAL C 289 -17.19 -55.02 17.19
C VAL C 289 -16.36 -54.58 18.40
N LEU C 290 -16.12 -53.28 18.52
CA LEU C 290 -15.47 -52.80 19.76
C LEU C 290 -16.26 -52.98 21.18
N LYS C 291 -17.50 -53.45 21.09
CA LYS C 291 -18.45 -53.44 22.21
C LYS C 291 -18.33 -52.19 23.08
N ARG C 292 -18.43 -50.99 22.52
CA ARG C 292 -18.51 -49.77 23.32
C ARG C 292 -19.04 -48.57 22.54
N PRO C 293 -19.27 -47.41 23.20
CA PRO C 293 -19.62 -46.21 22.45
C PRO C 293 -18.46 -45.62 21.58
N TYR C 294 -18.94 -45.05 20.50
CA TYR C 294 -18.18 -44.81 19.30
C TYR C 294 -18.91 -43.75 18.48
N TRP C 295 -18.17 -42.93 17.74
CA TRP C 295 -18.84 -41.88 16.99
C TRP C 295 -18.78 -42.20 15.49
N LEU C 296 -19.94 -42.34 14.83
CA LEU C 296 -20.00 -42.64 13.39
C LEU C 296 -20.96 -41.70 12.69
N PRO C 297 -20.46 -40.47 12.43
CA PRO C 297 -21.12 -39.35 11.75
C PRO C 297 -21.40 -39.59 10.25
N LEU C 298 -22.16 -40.68 10.00
CA LEU C 298 -22.64 -40.94 8.67
C LEU C 298 -24.16 -40.75 8.48
N GLY C 299 -24.59 -40.52 7.25
CA GLY C 299 -25.96 -40.19 7.02
C GLY C 299 -26.91 -41.32 7.32
N ASP C 300 -26.47 -42.52 7.02
CA ASP C 300 -27.35 -43.63 7.15
C ASP C 300 -27.50 -43.80 8.62
N VAL C 301 -26.46 -43.60 9.41
CA VAL C 301 -26.76 -43.69 10.82
C VAL C 301 -27.61 -42.53 11.29
N ALA C 302 -27.50 -41.33 10.75
CA ALA C 302 -28.33 -40.27 11.29
C ALA C 302 -29.73 -40.72 11.10
N ASN C 303 -30.07 -41.11 9.93
CA ASN C 303 -31.44 -41.55 9.72
C ASN C 303 -31.94 -42.65 10.75
N LYS C 304 -31.10 -43.61 11.06
CA LYS C 304 -31.56 -44.64 11.95
C LYS C 304 -31.83 -44.01 13.40
N HIS C 305 -30.96 -43.12 13.87
CA HIS C 305 -31.11 -42.49 15.15
C HIS C 305 -32.43 -41.86 15.14
N GLY C 306 -32.71 -41.11 14.07
CA GLY C 306 -33.85 -40.23 13.92
C GLY C 306 -35.09 -41.05 13.88
N ARG C 307 -35.08 -42.11 13.10
CA ARG C 307 -36.27 -42.94 12.99
C ARG C 307 -36.58 -43.60 14.33
N THR C 308 -35.55 -44.04 15.04
CA THR C 308 -35.72 -44.62 16.40
C THR C 308 -36.31 -43.66 17.45
N ALA C 309 -35.72 -42.47 17.59
CA ALA C 309 -36.23 -41.41 18.44
C ALA C 309 -37.67 -41.19 18.20
N GLY C 310 -38.02 -40.93 16.93
CA GLY C 310 -39.38 -40.62 16.50
C GLY C 310 -40.39 -41.75 16.77
N SER C 311 -40.03 -42.97 16.37
CA SER C 311 -40.88 -44.08 16.73
C SER C 311 -41.06 -44.20 18.24
N VAL C 312 -40.01 -44.16 19.03
CA VAL C 312 -40.21 -44.24 20.45
C VAL C 312 -41.14 -43.12 20.98
N ILE C 313 -40.91 -41.87 20.55
CA ILE C 313 -41.76 -40.77 20.97
C ILE C 313 -43.23 -41.03 20.58
N ALA C 314 -43.54 -41.18 19.32
CA ALA C 314 -44.87 -41.58 18.99
C ALA C 314 -45.41 -42.87 19.71
N GLY C 315 -44.60 -43.47 20.58
CA GLY C 315 -44.99 -44.69 21.27
C GLY C 315 -45.00 -46.07 20.58
N ARG C 316 -44.32 -46.21 19.45
CA ARG C 316 -43.97 -47.51 18.93
C ARG C 316 -42.76 -48.01 19.63
N GLU C 317 -42.66 -49.33 19.69
CA GLU C 317 -41.48 -50.00 20.22
C GLU C 317 -40.43 -49.99 19.13
N ALA C 318 -39.31 -49.33 19.43
CA ALA C 318 -38.16 -49.23 18.47
C ALA C 318 -36.91 -49.22 19.25
N ARG C 319 -35.91 -49.83 18.65
CA ARG C 319 -34.59 -49.98 19.26
C ARG C 319 -33.45 -49.78 18.23
N PHE C 320 -32.41 -49.05 18.61
CA PHE C 320 -31.25 -48.92 17.76
C PHE C 320 -30.13 -49.83 18.26
N LEU C 321 -29.71 -50.75 17.41
CA LEU C 321 -28.94 -51.81 18.00
C LEU C 321 -27.46 -51.67 17.86
N GLY C 322 -27.02 -50.62 17.23
CA GLY C 322 -25.63 -50.23 17.16
C GLY C 322 -25.16 -50.31 15.70
N VAL C 323 -23.92 -49.85 15.48
CA VAL C 323 -23.27 -49.95 14.20
C VAL C 323 -22.00 -50.78 14.28
N VAL C 324 -21.44 -51.07 13.11
CA VAL C 324 -20.27 -51.88 12.95
C VAL C 324 -19.26 -51.08 12.13
N GLY C 325 -19.55 -49.84 11.76
CA GLY C 325 -18.50 -49.07 11.12
C GLY C 325 -18.48 -49.07 9.57
N THR C 326 -19.51 -49.62 8.94
CA THR C 326 -19.59 -49.66 7.47
C THR C 326 -19.57 -48.30 6.88
N ALA C 327 -18.74 -48.07 5.87
CA ALA C 327 -18.68 -46.79 5.10
C ALA C 327 -18.37 -47.09 3.61
N ILE C 328 -18.97 -46.40 2.68
CA ILE C 328 -18.47 -46.42 1.30
C ILE C 328 -18.42 -45.01 0.61
N PHE C 329 -17.46 -44.82 -0.28
CA PHE C 329 -17.37 -43.51 -0.92
C PHE C 329 -16.74 -43.65 -2.35
N LYS C 330 -16.98 -42.77 -3.30
CA LYS C 330 -16.47 -42.98 -4.62
C LYS C 330 -15.43 -41.85 -4.95
N ALA C 331 -14.17 -42.22 -5.24
CA ALA C 331 -13.13 -41.32 -5.77
C ALA C 331 -12.76 -41.78 -7.15
N PHE C 332 -13.13 -41.02 -8.17
CA PHE C 332 -12.85 -41.27 -9.57
C PHE C 332 -13.39 -42.58 -9.95
N ASP C 333 -12.51 -43.51 -10.29
CA ASP C 333 -12.96 -44.75 -10.93
C ASP C 333 -13.01 -45.82 -9.90
N LEU C 334 -12.78 -45.40 -8.68
CA LEU C 334 -12.80 -46.34 -7.60
C LEU C 334 -13.92 -46.07 -6.67
N ALA C 335 -14.38 -47.17 -6.13
CA ALA C 335 -15.40 -47.22 -5.16
C ALA C 335 -14.78 -47.99 -3.97
N VAL C 336 -14.55 -47.30 -2.86
CA VAL C 336 -13.91 -47.87 -1.67
C VAL C 336 -14.81 -48.10 -0.42
N ALA C 337 -15.02 -49.37 -0.03
CA ALA C 337 -15.92 -49.69 1.09
C ALA C 337 -15.16 -50.27 2.27
N THR C 338 -15.36 -49.79 3.48
CA THR C 338 -14.62 -50.36 4.62
C THR C 338 -15.61 -50.75 5.64
N THR C 339 -15.21 -51.52 6.64
CA THR C 339 -16.13 -51.85 7.70
C THR C 339 -15.36 -52.36 8.94
N GLY C 340 -15.92 -52.20 10.13
CA GLY C 340 -15.28 -52.83 11.27
C GLY C 340 -14.01 -52.10 11.54
N LEU C 341 -13.02 -52.79 12.12
CA LEU C 341 -11.69 -52.27 12.37
C LEU C 341 -10.73 -52.60 11.27
N SER C 342 -9.79 -51.70 11.04
CA SER C 342 -8.64 -52.05 10.24
C SER C 342 -7.67 -52.87 11.10
N LEU C 343 -6.67 -53.48 10.44
CA LEU C 343 -5.67 -54.20 11.16
C LEU C 343 -4.93 -53.30 12.11
N GLU C 344 -4.49 -52.15 11.61
CA GLU C 344 -3.85 -51.17 12.42
C GLU C 344 -4.64 -51.01 13.75
N GLY C 345 -5.94 -50.75 13.65
CA GLY C 345 -6.72 -50.38 14.80
C GLY C 345 -7.11 -51.59 15.56
N ALA C 346 -7.16 -52.74 14.90
CA ALA C 346 -7.61 -53.87 15.62
C ALA C 346 -6.50 -54.18 16.61
N LEU C 347 -5.28 -53.82 16.17
CA LEU C 347 -4.07 -54.03 16.98
C LEU C 347 -3.94 -53.07 18.15
N LYS C 348 -4.14 -51.79 17.87
CA LYS C 348 -4.42 -50.84 18.92
C LYS C 348 -5.39 -51.37 20.01
N GLU C 349 -6.47 -52.03 19.61
CA GLU C 349 -7.40 -52.63 20.58
C GLU C 349 -6.89 -53.89 21.29
N GLY C 350 -5.71 -54.36 20.88
CA GLY C 350 -5.14 -55.57 21.47
C GLY C 350 -5.78 -56.88 21.08
N PHE C 351 -6.20 -57.00 19.83
CA PHE C 351 -6.52 -58.31 19.32
C PHE C 351 -5.23 -58.88 18.71
N TRP C 352 -4.99 -60.19 18.89
CA TRP C 352 -3.93 -60.70 18.01
C TRP C 352 -4.44 -60.79 16.51
N ALA C 353 -4.18 -59.78 15.73
CA ALA C 353 -5.04 -59.68 14.58
C ALA C 353 -4.24 -59.84 13.28
N LYS C 354 -4.67 -60.56 12.31
CA LYS C 354 -3.86 -60.53 11.11
C LYS C 354 -4.74 -59.92 10.03
N LYS C 355 -4.30 -59.96 8.80
CA LYS C 355 -5.02 -59.38 7.71
C LYS C 355 -4.63 -60.09 6.51
N VAL C 356 -5.48 -60.06 5.55
CA VAL C 356 -5.13 -60.62 4.22
C VAL C 356 -5.69 -59.70 3.16
N PHE C 357 -4.89 -59.45 2.17
CA PHE C 357 -5.32 -58.52 1.14
C PHE C 357 -5.20 -59.22 -0.22
N ILE C 358 -6.27 -59.29 -0.92
CA ILE C 358 -6.12 -59.98 -2.15
C ILE C 358 -6.68 -59.21 -3.31
N GLN C 359 -6.19 -59.48 -4.53
CA GLN C 359 -6.75 -58.76 -5.70
C GLN C 359 -7.39 -59.70 -6.65
N SER C 360 -8.70 -59.53 -6.91
CA SER C 360 -9.49 -60.40 -7.78
C SER C 360 -10.11 -59.70 -8.95
N ARG C 361 -11.17 -60.24 -9.55
CA ARG C 361 -11.87 -59.49 -10.59
C ARG C 361 -13.34 -59.29 -10.25
N ASP C 362 -14.02 -58.42 -11.03
CA ASP C 362 -15.43 -58.10 -10.78
C ASP C 362 -16.20 -58.81 -11.82
N GLY C 363 -15.95 -60.09 -12.00
CA GLY C 363 -16.39 -60.81 -13.22
C GLY C 363 -15.45 -61.89 -13.83
N ALA C 364 -15.94 -62.87 -14.59
CA ALA C 364 -15.02 -63.93 -14.99
C ALA C 364 -13.79 -63.36 -15.69
N HIS C 365 -12.64 -64.05 -15.61
CA HIS C 365 -11.43 -63.53 -16.25
C HIS C 365 -11.77 -63.09 -17.66
N TYR C 366 -12.62 -63.87 -18.34
CA TYR C 366 -12.94 -63.75 -19.76
C TYR C 366 -14.11 -62.88 -20.14
N TYR C 367 -14.81 -62.33 -19.19
CA TYR C 367 -15.87 -61.46 -19.55
C TYR C 367 -15.41 -59.97 -19.81
N PRO C 368 -15.88 -59.43 -20.95
CA PRO C 368 -15.56 -58.06 -21.43
C PRO C 368 -15.76 -57.00 -20.36
N GLY C 369 -14.68 -56.27 -20.08
CA GLY C 369 -14.78 -55.12 -19.21
C GLY C 369 -14.84 -55.44 -17.71
N SER C 370 -14.49 -56.69 -17.39
CA SER C 370 -14.49 -57.12 -16.00
C SER C 370 -13.34 -56.29 -15.33
N GLY C 371 -13.68 -55.68 -14.21
CA GLY C 371 -12.70 -54.88 -13.52
C GLY C 371 -11.86 -55.61 -12.51
N PRO C 372 -10.95 -54.90 -11.90
CA PRO C 372 -10.30 -55.51 -10.77
C PRO C 372 -11.24 -55.31 -9.60
N LEU C 373 -10.90 -55.97 -8.51
CA LEU C 373 -11.65 -55.91 -7.28
C LEU C 373 -10.82 -56.40 -6.12
N TRP C 374 -10.47 -55.60 -5.22
CA TRP C 374 -9.66 -56.10 -4.12
C TRP C 374 -10.56 -56.35 -2.90
N VAL C 375 -10.01 -57.10 -1.98
CA VAL C 375 -10.74 -57.27 -0.74
C VAL C 375 -9.72 -57.65 0.32
N GLU C 376 -10.00 -57.11 1.51
CA GLU C 376 -9.22 -57.25 2.75
C GLU C 376 -10.04 -57.86 3.82
N LEU C 377 -9.35 -58.48 4.71
CA LEU C 377 -10.05 -59.21 5.71
C LEU C 377 -9.21 -59.03 6.96
N VAL C 378 -9.80 -58.56 8.05
CA VAL C 378 -9.00 -58.28 9.27
C VAL C 378 -9.60 -59.18 10.26
N TYR C 379 -8.80 -60.16 10.68
CA TYR C 379 -9.35 -61.19 11.56
C TYR C 379 -8.58 -61.45 12.89
N GLU C 380 -9.20 -62.19 13.81
CA GLU C 380 -8.53 -62.47 15.03
C GLU C 380 -7.84 -63.83 14.87
N GLU C 381 -6.58 -63.91 15.33
CA GLU C 381 -5.65 -65.03 15.06
C GLU C 381 -6.16 -66.47 15.43
N GLY C 382 -6.65 -66.58 16.62
CA GLY C 382 -6.92 -67.92 17.00
C GLY C 382 -8.25 -68.38 16.54
N THR C 383 -9.25 -67.58 16.97
CA THR C 383 -10.69 -67.81 16.81
C THR C 383 -11.16 -67.72 15.36
N GLY C 384 -10.54 -66.79 14.60
CA GLY C 384 -10.92 -66.60 13.21
C GLY C 384 -12.03 -65.63 13.09
N ARG C 385 -12.29 -64.96 14.21
CA ARG C 385 -13.31 -63.90 14.30
C ARG C 385 -13.11 -62.79 13.22
N LEU C 386 -14.10 -62.50 12.39
CA LEU C 386 -13.97 -61.27 11.67
C LEU C 386 -13.92 -60.06 12.57
N LEU C 387 -13.00 -59.10 12.25
CA LEU C 387 -12.89 -57.80 12.91
C LEU C 387 -13.02 -56.62 12.02
N GLY C 388 -12.79 -56.79 10.79
CA GLY C 388 -12.95 -55.66 9.90
C GLY C 388 -12.74 -56.18 8.47
N GLY C 389 -12.90 -55.29 7.46
CA GLY C 389 -12.68 -55.72 6.09
C GLY C 389 -12.94 -54.54 5.15
N ALA C 390 -12.43 -54.66 3.94
CA ALA C 390 -12.67 -53.62 2.97
C ALA C 390 -12.94 -54.30 1.64
N VAL C 391 -13.51 -53.59 0.67
CA VAL C 391 -13.47 -54.11 -0.68
C VAL C 391 -13.45 -52.91 -1.48
N VAL C 392 -12.67 -52.94 -2.55
CA VAL C 392 -12.71 -51.86 -3.54
C VAL C 392 -12.91 -52.33 -5.01
N ALA C 393 -13.56 -51.52 -5.85
CA ALA C 393 -13.93 -52.02 -7.17
C ALA C 393 -14.08 -50.74 -7.89
N ARG C 394 -14.25 -50.81 -9.22
CA ARG C 394 -14.87 -49.75 -10.01
C ARG C 394 -16.38 -49.76 -9.69
N GLY C 395 -16.93 -50.96 -9.50
CA GLY C 395 -18.35 -51.33 -9.41
C GLY C 395 -19.41 -50.59 -8.61
N HIS C 396 -20.61 -50.32 -9.23
CA HIS C 396 -21.77 -49.46 -8.74
C HIS C 396 -22.79 -50.34 -8.00
N GLY C 397 -22.17 -51.57 -7.93
CA GLY C 397 -21.69 -52.28 -6.74
C GLY C 397 -20.33 -53.06 -6.55
N ALA C 398 -20.31 -53.67 -5.37
CA ALA C 398 -19.23 -54.35 -4.59
C ALA C 398 -18.64 -53.30 -3.61
N LEU C 399 -19.25 -53.06 -2.43
CA LEU C 399 -20.70 -53.25 -2.01
C LEU C 399 -21.00 -54.64 -1.57
N ARG C 400 -20.13 -55.56 -2.02
CA ARG C 400 -19.88 -56.84 -1.37
C ARG C 400 -19.55 -56.65 0.18
N ILE C 401 -19.35 -55.40 0.59
CA ILE C 401 -18.93 -55.06 1.93
C ILE C 401 -20.05 -55.40 2.86
N ASP C 402 -21.24 -55.18 2.37
CA ASP C 402 -22.45 -55.41 3.07
C ASP C 402 -22.44 -56.87 3.53
N VAL C 403 -21.72 -57.80 2.91
CA VAL C 403 -21.70 -59.17 3.45
C VAL C 403 -20.90 -59.20 4.77
N LEU C 404 -19.81 -58.44 4.78
CA LEU C 404 -18.92 -58.50 5.93
C LEU C 404 -19.52 -57.78 7.13
N ALA C 405 -20.19 -56.66 6.87
CA ALA C 405 -21.01 -55.97 7.86
C ALA C 405 -22.02 -56.96 8.53
N ALA C 406 -22.64 -57.73 7.70
CA ALA C 406 -23.59 -58.73 8.22
C ALA C 406 -22.92 -59.67 9.14
N LEU C 407 -21.75 -60.16 8.71
CA LEU C 407 -21.03 -61.17 9.43
C LEU C 407 -20.61 -60.58 10.76
N LEU C 408 -20.14 -59.34 10.67
CA LEU C 408 -19.57 -58.58 11.78
C LEU C 408 -20.68 -58.34 12.82
N HIS C 409 -21.91 -58.20 12.32
CA HIS C 409 -23.04 -57.88 13.15
C HIS C 409 -23.31 -58.91 14.27
N ARG C 410 -23.60 -60.20 13.93
CA ARG C 410 -23.49 -61.33 14.89
C ARG C 410 -21.95 -61.58 14.90
N GLU C 411 -21.27 -62.29 15.82
CA GLU C 411 -19.79 -62.13 15.65
C GLU C 411 -19.19 -63.22 14.78
N GLY C 412 -19.19 -62.92 13.49
CA GLY C 412 -19.06 -63.96 12.48
C GLY C 412 -17.60 -64.15 12.37
N SER C 413 -17.23 -65.27 11.75
CA SER C 413 -15.85 -65.70 11.57
C SER C 413 -15.54 -65.99 10.08
N VAL C 414 -14.24 -66.20 9.87
CA VAL C 414 -13.75 -66.46 8.55
C VAL C 414 -14.32 -67.76 8.09
N GLU C 415 -14.40 -68.74 8.99
CA GLU C 415 -15.08 -70.01 8.72
C GLU C 415 -16.49 -69.80 8.17
N ASP C 416 -17.21 -68.85 8.77
CA ASP C 416 -18.61 -68.54 8.36
C ASP C 416 -18.69 -67.91 6.96
N LEU C 417 -17.79 -66.97 6.73
CA LEU C 417 -17.65 -66.32 5.44
C LEU C 417 -17.48 -67.39 4.37
N LEU C 418 -16.54 -68.26 4.64
CA LEU C 418 -16.21 -69.39 3.80
C LEU C 418 -17.41 -70.34 3.44
N ALA C 419 -18.31 -70.55 4.36
CA ALA C 419 -19.46 -71.38 4.13
C ALA C 419 -20.55 -70.74 3.25
N LEU C 420 -20.58 -69.43 3.24
CA LEU C 420 -21.65 -68.79 2.57
C LEU C 420 -21.82 -69.25 1.13
N ASP C 421 -23.07 -69.16 0.73
CA ASP C 421 -23.46 -69.55 -0.62
C ASP C 421 -23.69 -68.30 -1.49
N LEU C 422 -22.63 -67.79 -2.05
CA LEU C 422 -22.85 -66.55 -2.83
C LEU C 422 -23.21 -66.70 -4.35
N ALA C 423 -23.38 -65.56 -4.96
CA ALA C 423 -23.95 -65.56 -6.28
C ALA C 423 -22.81 -65.43 -7.20
N TYR C 424 -22.87 -66.28 -8.20
CA TYR C 424 -21.93 -66.32 -9.28
C TYR C 424 -22.67 -66.13 -10.60
N ALA C 425 -22.14 -65.34 -11.49
CA ALA C 425 -22.37 -65.53 -12.92
C ALA C 425 -21.40 -64.56 -13.57
N PRO C 426 -21.00 -64.85 -14.79
CA PRO C 426 -19.81 -64.28 -15.40
C PRO C 426 -19.67 -62.74 -15.42
N PRO C 427 -20.76 -62.03 -15.41
CA PRO C 427 -20.65 -60.58 -15.47
C PRO C 427 -20.38 -59.95 -14.17
N PHE C 428 -20.56 -60.67 -13.07
CA PHE C 428 -20.65 -60.05 -11.79
C PHE C 428 -19.67 -60.59 -10.80
N SER C 429 -19.17 -61.78 -11.07
CA SER C 429 -18.24 -62.36 -10.13
C SER C 429 -17.38 -63.37 -10.80
N PRO C 430 -16.13 -63.60 -10.29
CA PRO C 430 -15.40 -64.84 -10.65
C PRO C 430 -16.13 -66.06 -10.06
N VAL C 431 -15.76 -67.26 -10.40
CA VAL C 431 -16.57 -68.36 -9.95
C VAL C 431 -16.43 -68.56 -8.44
N TRP C 432 -15.29 -68.15 -7.88
CA TRP C 432 -15.16 -67.96 -6.44
C TRP C 432 -15.24 -66.43 -6.22
N ASP C 433 -16.29 -65.98 -5.53
CA ASP C 433 -16.40 -64.56 -5.16
C ASP C 433 -15.16 -64.18 -4.38
N PRO C 434 -14.58 -63.03 -4.77
CA PRO C 434 -13.52 -62.36 -4.13
C PRO C 434 -13.52 -62.54 -2.60
N LEU C 435 -14.57 -62.11 -1.86
CA LEU C 435 -14.85 -62.51 -0.46
C LEU C 435 -14.46 -63.94 -0.16
N LEU C 436 -14.95 -64.93 -0.89
CA LEU C 436 -14.43 -66.29 -0.65
C LEU C 436 -12.91 -66.49 -0.88
N ILE C 437 -12.41 -66.12 -2.07
CA ILE C 437 -11.00 -66.38 -2.34
C ILE C 437 -10.24 -65.73 -1.10
N ALA C 438 -10.58 -64.50 -0.75
CA ALA C 438 -10.04 -63.92 0.52
C ALA C 438 -10.12 -64.82 1.76
N ALA C 439 -11.19 -65.59 1.85
CA ALA C 439 -11.46 -66.21 3.13
C ALA C 439 -10.48 -67.32 3.21
N GLN C 440 -9.75 -67.24 4.36
CA GLN C 440 -8.49 -67.99 4.74
C GLN C 440 -7.51 -67.99 3.51
N GLN C 441 -7.82 -69.02 2.67
CA GLN C 441 -7.77 -68.96 1.26
C GLN C 441 -6.74 -67.75 0.92
N ALA C 442 -5.69 -68.11 0.11
CA ALA C 442 -4.59 -67.29 -0.35
C ALA C 442 -4.12 -66.23 0.73
N ARG C 443 -2.77 -66.14 0.95
CA ARG C 443 -2.07 -65.31 2.02
C ARG C 443 -1.75 -63.84 1.56
N MET D 1 38.47 12.47 -71.10
CA MET D 1 39.82 11.95 -70.92
C MET D 1 39.94 10.94 -69.71
N GLY D 2 40.95 11.20 -68.85
CA GLY D 2 41.26 10.52 -67.57
C GLY D 2 41.61 11.48 -66.40
N LYS D 3 40.82 12.55 -66.37
CA LYS D 3 40.97 13.65 -65.46
C LYS D 3 40.60 13.32 -64.04
N ARG D 4 40.71 14.36 -63.21
CA ARG D 4 40.42 14.29 -61.76
C ARG D 4 39.16 15.08 -61.35
N MET D 5 38.19 14.35 -60.84
CA MET D 5 36.98 14.89 -60.29
C MET D 5 37.10 14.98 -58.77
N VAL D 6 37.03 16.23 -58.30
CA VAL D 6 36.85 16.50 -56.89
C VAL D 6 35.40 16.89 -56.45
N VAL D 7 34.80 16.09 -55.55
CA VAL D 7 33.51 16.45 -54.98
C VAL D 7 33.65 17.01 -53.48
N VAL D 8 33.36 18.31 -53.33
CA VAL D 8 33.21 18.96 -52.03
C VAL D 8 31.83 18.66 -51.41
N GLY D 9 31.77 17.87 -50.36
CA GLY D 9 30.47 17.53 -49.79
C GLY D 9 30.05 16.18 -50.32
N GLY D 10 29.69 15.26 -49.49
CA GLY D 10 29.42 13.92 -49.97
C GLY D 10 28.14 13.33 -49.39
N VAL D 11 27.16 14.22 -49.24
CA VAL D 11 26.03 13.74 -48.50
C VAL D 11 25.00 13.18 -49.38
N ALA D 12 24.62 13.86 -50.44
CA ALA D 12 23.59 13.27 -51.26
C ALA D 12 23.75 13.63 -52.75
N GLY D 13 23.87 14.93 -53.03
CA GLY D 13 24.10 15.42 -54.35
C GLY D 13 25.53 15.00 -54.66
N GLY D 14 26.40 15.15 -53.66
CA GLY D 14 27.80 14.82 -53.83
C GLY D 14 28.01 13.35 -54.00
N ALA D 15 27.59 12.52 -53.07
CA ALA D 15 27.80 11.10 -53.24
C ALA D 15 27.10 10.71 -54.53
N SER D 16 25.89 11.16 -54.77
CA SER D 16 25.28 10.86 -56.08
C SER D 16 26.18 11.01 -57.40
N ALA D 17 26.80 12.21 -57.47
CA ALA D 17 27.63 12.66 -58.52
C ALA D 17 28.80 11.75 -58.61
N ALA D 18 29.42 11.48 -57.47
CA ALA D 18 30.67 10.73 -57.47
C ALA D 18 30.50 9.25 -57.92
N ALA D 19 29.40 8.63 -57.44
CA ALA D 19 29.15 7.24 -57.70
C ALA D 19 28.81 7.09 -59.17
N LYS D 20 28.00 7.99 -59.71
CA LYS D 20 27.54 7.76 -61.06
C LYS D 20 28.67 8.01 -62.03
N ALA D 21 29.57 8.97 -61.69
CA ALA D 21 30.63 9.37 -62.63
C ALA D 21 31.64 8.21 -62.73
N LYS D 22 32.01 7.63 -61.58
CA LYS D 22 33.04 6.58 -61.54
C LYS D 22 32.48 5.43 -62.34
N ARG D 23 31.14 5.24 -62.26
CA ARG D 23 30.41 4.16 -62.96
C ARG D 23 30.42 4.35 -64.51
N GLU D 24 30.33 5.61 -64.92
CA GLU D 24 30.04 5.93 -66.33
C GLU D 24 31.36 6.09 -67.08
N ASN D 25 32.39 6.34 -66.30
CA ASN D 25 33.71 6.37 -66.85
C ASN D 25 34.79 6.06 -65.73
N PRO D 26 35.09 4.78 -65.61
CA PRO D 26 35.91 4.25 -64.53
C PRO D 26 37.32 4.77 -64.61
N GLU D 27 37.64 5.38 -65.77
CA GLU D 27 38.89 6.11 -66.04
C GLU D 27 39.16 7.36 -65.21
N LEU D 28 38.10 7.95 -64.64
CA LEU D 28 38.30 9.08 -63.75
C LEU D 28 38.92 8.75 -62.35
N GLU D 29 39.62 9.76 -61.84
CA GLU D 29 40.08 9.75 -60.47
C GLU D 29 38.94 10.50 -59.79
N VAL D 30 38.28 9.87 -58.86
CA VAL D 30 37.18 10.56 -58.23
C VAL D 30 37.35 10.56 -56.71
N VAL D 31 37.54 11.77 -56.21
CA VAL D 31 37.70 12.00 -54.79
C VAL D 31 36.58 12.86 -54.16
N VAL D 32 36.20 12.47 -52.94
CA VAL D 32 35.14 13.14 -52.18
C VAL D 32 35.70 13.60 -50.81
N TYR D 33 35.63 14.94 -50.67
CA TYR D 33 36.00 15.66 -49.48
C TYR D 33 34.74 16.04 -48.74
N GLU D 34 34.54 15.43 -47.55
CA GLU D 34 33.39 15.63 -46.66
C GLU D 34 33.76 16.15 -45.26
N LYS D 35 33.23 17.30 -44.93
CA LYS D 35 33.53 17.87 -43.64
C LYS D 35 33.00 17.01 -42.50
N SER D 36 31.80 16.46 -42.64
CA SER D 36 31.06 15.90 -41.52
C SER D 36 31.49 14.53 -41.10
N GLY D 37 32.42 13.90 -41.75
CA GLY D 37 32.65 12.59 -41.14
C GLY D 37 31.59 11.46 -41.17
N TRP D 38 30.43 11.77 -41.66
CA TRP D 38 29.66 10.69 -42.27
C TRP D 38 29.45 11.07 -43.73
N VAL D 39 29.24 10.09 -44.55
CA VAL D 39 29.02 10.46 -45.97
C VAL D 39 27.86 9.54 -46.57
N SER D 40 27.17 9.99 -47.64
CA SER D 40 26.07 9.18 -48.15
C SER D 40 25.07 8.59 -47.13
N TYR D 41 24.44 9.43 -46.30
CA TYR D 41 23.36 9.06 -45.34
C TYR D 41 22.07 9.79 -45.69
N GLY D 42 20.94 9.15 -45.42
CA GLY D 42 19.64 9.81 -45.61
C GLY D 42 19.15 10.66 -44.42
N ALA D 43 19.37 11.97 -44.46
CA ALA D 43 18.95 12.77 -43.35
C ALA D 43 17.44 12.64 -43.13
N CYS D 44 16.75 12.31 -44.21
CA CYS D 44 15.30 12.15 -44.24
C CYS D 44 14.81 11.18 -43.21
N GLY D 45 15.62 10.24 -42.78
CA GLY D 45 15.18 9.26 -41.86
C GLY D 45 15.53 9.59 -40.42
N LEU D 46 16.06 10.78 -40.20
CA LEU D 46 16.50 11.12 -38.85
C LEU D 46 15.36 11.10 -37.77
N PRO D 47 14.22 11.68 -38.08
CA PRO D 47 13.09 11.55 -37.17
C PRO D 47 12.81 10.06 -36.91
N TYR D 48 12.84 9.16 -37.85
CA TYR D 48 12.52 7.77 -37.52
C TYR D 48 13.52 7.07 -36.57
N VAL D 49 14.68 7.67 -36.41
CA VAL D 49 15.68 7.08 -35.57
C VAL D 49 15.46 7.66 -34.18
N LEU D 50 15.12 8.94 -34.20
CA LEU D 50 14.87 9.69 -32.98
C LEU D 50 13.73 9.03 -32.29
N SER D 51 12.68 8.79 -33.02
CA SER D 51 11.50 8.15 -32.52
C SER D 51 11.73 6.75 -32.04
N GLY D 52 12.83 6.10 -32.39
CA GLY D 52 13.00 4.72 -31.93
C GLY D 52 12.52 3.64 -32.85
N GLU D 53 11.68 4.03 -33.82
CA GLU D 53 11.23 3.13 -34.88
C GLU D 53 12.44 2.47 -35.56
N ILE D 54 13.48 3.25 -35.83
CA ILE D 54 14.70 2.68 -36.36
C ILE D 54 15.79 2.57 -35.32
N PRO D 55 16.17 1.32 -34.92
CA PRO D 55 17.16 0.93 -33.89
C PRO D 55 18.38 1.84 -33.96
N ARG D 56 19.31 1.66 -34.91
CA ARG D 56 20.57 2.40 -34.77
C ARG D 56 20.75 3.43 -35.86
N LEU D 57 21.36 4.56 -35.51
CA LEU D 57 21.58 5.63 -36.41
C LEU D 57 22.31 5.25 -37.76
N GLU D 58 23.27 4.33 -37.69
CA GLU D 58 24.03 3.93 -38.91
C GLU D 58 23.17 3.20 -39.95
N ARG D 59 21.94 2.86 -39.61
CA ARG D 59 21.05 2.11 -40.51
C ARG D 59 20.58 3.01 -41.64
N LEU D 60 21.09 4.23 -41.59
CA LEU D 60 20.72 5.34 -42.44
C LEU D 60 21.66 5.59 -43.67
N VAL D 61 22.91 5.13 -43.51
CA VAL D 61 23.90 5.22 -44.58
C VAL D 61 23.52 4.29 -45.68
N ALA D 62 23.68 4.76 -46.91
CA ALA D 62 23.41 4.00 -48.10
C ALA D 62 24.64 3.32 -48.70
N ARG D 63 25.81 3.95 -48.51
CA ARG D 63 27.09 3.35 -48.90
C ARG D 63 28.20 3.77 -47.89
N THR D 64 29.08 2.86 -47.47
CA THR D 64 30.15 3.24 -46.52
C THR D 64 31.33 3.71 -47.34
N PRO D 65 32.26 4.48 -46.72
CA PRO D 65 33.50 4.88 -47.39
C PRO D 65 34.26 3.64 -47.87
N GLU D 66 34.14 2.55 -47.09
CA GLU D 66 34.62 1.27 -47.52
C GLU D 66 34.06 0.81 -48.85
N GLU D 67 32.73 0.71 -48.95
CA GLU D 67 32.04 0.27 -50.22
C GLU D 67 32.42 1.16 -51.40
N PHE D 68 32.47 2.47 -51.08
CA PHE D 68 33.01 3.43 -51.95
C PHE D 68 34.41 3.09 -52.49
N ARG D 69 35.40 3.07 -51.61
CA ARG D 69 36.76 2.62 -52.00
C ARG D 69 36.74 1.37 -52.90
N LYS D 70 36.06 0.31 -52.46
CA LYS D 70 35.96 -0.93 -53.16
C LYS D 70 35.36 -0.72 -54.54
N GLN D 71 35.05 0.50 -54.95
CA GLN D 71 34.31 0.70 -56.20
C GLN D 71 34.93 1.79 -56.91
N GLY D 72 36.16 2.18 -56.57
CA GLY D 72 36.90 3.22 -57.28
C GLY D 72 36.81 4.66 -56.81
N VAL D 73 36.10 4.82 -55.71
CA VAL D 73 35.80 6.12 -55.17
C VAL D 73 36.39 6.32 -53.75
N LEU D 74 37.10 7.41 -53.61
CA LEU D 74 37.88 7.52 -52.42
C LEU D 74 37.20 8.65 -51.73
N VAL D 75 36.71 8.34 -50.53
CA VAL D 75 36.13 9.41 -49.73
C VAL D 75 36.97 9.75 -48.50
N HIS D 76 36.96 11.03 -48.15
CA HIS D 76 37.65 11.48 -46.97
C HIS D 76 36.73 12.30 -46.15
N THR D 77 36.37 11.70 -45.03
CA THR D 77 35.48 12.37 -44.08
C THR D 77 36.27 13.24 -43.10
N ARG D 78 35.60 14.20 -42.47
CA ARG D 78 36.32 15.02 -41.53
C ARG D 78 37.49 15.73 -42.31
N HIS D 79 37.26 15.90 -43.65
CA HIS D 79 38.04 16.80 -44.55
C HIS D 79 37.29 18.00 -45.07
N GLU D 80 37.78 19.22 -44.78
CA GLU D 80 37.01 20.42 -45.15
C GLU D 80 37.73 21.27 -46.12
N VAL D 81 37.14 21.44 -47.28
CA VAL D 81 37.79 22.33 -48.20
C VAL D 81 37.59 23.83 -47.84
N VAL D 82 38.73 24.49 -47.61
CA VAL D 82 38.83 25.80 -47.02
C VAL D 82 38.98 26.86 -48.04
N ASP D 83 39.76 26.58 -49.08
CA ASP D 83 39.80 27.51 -50.20
C ASP D 83 39.78 26.76 -51.52
N VAL D 84 39.42 27.46 -52.58
CA VAL D 84 39.65 26.96 -53.93
C VAL D 84 40.36 28.06 -54.79
N ASP D 85 41.44 27.69 -55.48
CA ASP D 85 42.15 28.62 -56.32
C ASP D 85 41.75 28.55 -57.76
N TYR D 86 40.56 28.10 -57.98
CA TYR D 86 39.81 28.29 -59.22
C TYR D 86 40.44 28.74 -60.51
N GLU D 87 39.90 29.89 -60.84
CA GLU D 87 40.16 30.71 -62.04
C GLU D 87 40.15 32.31 -61.76
N LEU D 88 41.23 32.87 -61.15
CA LEU D 88 42.53 32.21 -60.78
C LEU D 88 42.99 30.99 -61.60
N ARG D 89 43.47 29.92 -61.00
CA ARG D 89 43.81 28.80 -61.83
C ARG D 89 44.28 27.61 -61.05
N THR D 90 43.35 26.61 -61.13
CA THR D 90 43.17 25.48 -60.30
C THR D 90 44.55 25.05 -60.00
N LEU D 91 45.16 25.63 -58.97
CA LEU D 91 45.89 24.75 -58.04
C LEU D 91 44.71 24.17 -57.32
N THR D 92 44.23 24.98 -56.39
CA THR D 92 42.84 25.02 -56.15
C THR D 92 42.75 24.08 -55.01
N VAL D 93 41.69 24.13 -54.25
CA VAL D 93 41.56 23.09 -53.19
C VAL D 93 42.84 23.15 -52.27
N HIS D 94 42.66 23.87 -51.17
CA HIS D 94 43.42 23.69 -49.92
C HIS D 94 42.42 22.99 -49.07
N ASP D 95 42.76 21.88 -48.45
CA ASP D 95 41.92 21.44 -47.39
C ASP D 95 42.55 20.86 -46.13
N HIS D 96 41.73 20.78 -45.07
CA HIS D 96 42.10 20.26 -43.78
C HIS D 96 41.74 18.75 -43.26
N ALA D 97 42.71 17.75 -43.10
CA ALA D 97 42.40 16.35 -42.47
C ALA D 97 42.33 16.50 -40.99
N GLU D 98 42.64 15.33 -40.37
CA GLU D 98 42.94 15.21 -38.91
C GLU D 98 44.40 15.06 -38.50
N GLY D 99 44.82 16.20 -37.95
CA GLY D 99 46.18 16.70 -37.93
C GLY D 99 46.45 17.80 -38.94
N ARG D 100 46.64 17.36 -40.19
CA ARG D 100 47.28 18.19 -41.25
C ARG D 100 46.39 19.11 -42.08
N THR D 101 46.95 19.49 -43.20
CA THR D 101 46.27 20.38 -44.12
C THR D 101 47.08 20.51 -45.47
N PHE D 102 46.46 20.35 -46.64
CA PHE D 102 47.23 20.15 -47.84
C PHE D 102 46.52 20.67 -49.06
N GLN D 103 47.05 20.38 -50.23
CA GLN D 103 46.51 20.89 -51.49
C GLN D 103 46.07 19.72 -52.35
N ASP D 104 45.22 20.03 -53.33
CA ASP D 104 44.92 19.07 -54.40
C ASP D 104 44.62 19.91 -55.60
N ARG D 105 44.65 19.35 -56.80
CA ARG D 105 44.14 20.00 -58.01
C ARG D 105 42.84 19.40 -58.42
N PHE D 106 42.09 20.07 -59.23
CA PHE D 106 41.08 19.33 -59.92
C PHE D 106 41.08 19.47 -61.44
N ASP D 107 40.29 18.73 -62.16
CA ASP D 107 39.97 19.16 -63.53
C ASP D 107 38.46 19.43 -63.58
N HIS D 108 37.73 18.58 -62.84
CA HIS D 108 36.30 18.73 -62.59
C HIS D 108 36.05 18.94 -61.08
N LEU D 109 35.28 20.01 -60.80
CA LEU D 109 34.73 20.25 -59.47
C LEU D 109 33.17 20.14 -59.39
N VAL D 110 32.72 19.30 -58.47
CA VAL D 110 31.34 19.37 -58.02
C VAL D 110 31.29 20.00 -56.61
N LEU D 111 30.65 21.16 -56.53
CA LEU D 111 30.18 21.72 -55.29
C LEU D 111 28.78 21.17 -54.79
N ALA D 112 28.81 20.52 -53.65
CA ALA D 112 27.65 19.83 -53.12
C ALA D 112 27.70 19.88 -51.59
N THR D 113 27.90 21.12 -51.18
CA THR D 113 28.08 21.54 -49.81
C THR D 113 26.77 21.80 -49.07
N GLY D 114 25.69 21.70 -49.82
CA GLY D 114 24.41 21.64 -49.20
C GLY D 114 23.90 22.83 -48.43
N ALA D 115 23.24 22.55 -47.34
CA ALA D 115 22.67 23.62 -46.62
C ALA D 115 22.74 23.46 -45.06
N ARG D 116 22.45 24.51 -44.34
CA ARG D 116 22.70 24.52 -42.95
C ARG D 116 21.52 25.33 -42.41
N PRO D 117 21.17 25.05 -41.16
CA PRO D 117 20.13 25.67 -40.35
C PRO D 117 20.17 27.17 -40.46
N SER D 118 19.05 27.78 -40.88
CA SER D 118 18.92 29.22 -40.76
C SER D 118 18.43 29.55 -39.39
N LEU D 119 19.25 30.25 -38.60
CA LEU D 119 18.89 30.52 -37.21
C LEU D 119 18.27 31.93 -36.85
N PRO D 120 17.03 31.92 -36.35
CA PRO D 120 16.53 33.24 -35.97
C PRO D 120 17.40 33.73 -34.77
N PRO D 121 17.56 35.07 -34.75
CA PRO D 121 18.32 35.89 -33.77
C PRO D 121 17.56 35.91 -32.41
N ILE D 122 17.91 34.92 -31.58
CA ILE D 122 17.26 34.75 -30.30
C ILE D 122 18.32 34.51 -29.29
N PRO D 123 18.28 35.34 -28.25
CA PRO D 123 19.21 35.29 -27.12
C PRO D 123 19.01 34.04 -26.38
N GLY D 124 20.10 33.33 -26.18
CA GLY D 124 20.03 32.06 -25.49
C GLY D 124 20.11 30.78 -26.34
N THR D 125 20.14 30.98 -27.66
CA THR D 125 20.22 29.88 -28.60
C THR D 125 21.50 29.13 -28.37
N GLU D 126 22.49 29.87 -27.98
CA GLU D 126 23.85 29.41 -27.77
C GLU D 126 23.87 28.25 -26.68
N GLN D 127 22.81 28.16 -25.86
CA GLN D 127 22.80 27.25 -24.68
C GLN D 127 22.73 25.74 -24.92
N GLU D 128 22.23 25.03 -23.95
CA GLU D 128 22.63 23.66 -23.86
C GLU D 128 21.58 22.62 -24.15
N GLY D 129 20.33 22.91 -23.96
CA GLY D 129 19.41 21.89 -24.46
C GLY D 129 18.76 22.34 -25.79
N VAL D 130 19.47 23.23 -26.47
CA VAL D 130 19.00 23.70 -27.76
C VAL D 130 19.68 22.89 -28.78
N TYR D 131 18.88 22.35 -29.67
CA TYR D 131 19.31 21.44 -30.72
C TYR D 131 18.76 21.78 -32.15
N THR D 132 19.44 21.11 -33.08
CA THR D 132 19.08 21.28 -34.46
C THR D 132 18.97 19.92 -35.12
N LEU D 133 18.24 19.83 -36.21
CA LEU D 133 18.20 18.51 -36.86
C LEU D 133 18.56 18.58 -38.33
N ARG D 134 19.79 18.26 -38.63
CA ARG D 134 20.17 18.41 -39.97
C ARG D 134 21.19 17.31 -40.38
N THR D 135 22.14 16.97 -39.50
CA THR D 135 23.23 16.04 -39.82
C THR D 135 23.24 14.78 -38.97
N MET D 136 24.05 13.77 -39.26
CA MET D 136 24.13 12.63 -38.32
C MET D 136 24.54 12.98 -36.88
N GLU D 137 25.25 14.10 -36.76
CA GLU D 137 25.82 14.51 -35.53
C GLU D 137 24.70 15.01 -34.63
N ASP D 138 23.85 15.85 -35.22
CA ASP D 138 22.58 16.28 -34.63
C ASP D 138 21.83 15.04 -34.20
N GLY D 139 21.62 14.10 -35.11
CA GLY D 139 21.14 12.82 -34.72
C GLY D 139 21.72 12.32 -33.43
N GLU D 140 23.03 12.02 -33.39
CA GLU D 140 23.70 11.59 -32.14
C GLU D 140 23.38 12.47 -30.89
N ARG D 141 23.57 13.80 -30.98
CA ARG D 141 23.31 14.69 -29.90
C ARG D 141 21.93 14.45 -29.37
N LEU D 142 20.94 14.70 -30.21
CA LEU D 142 19.53 14.63 -29.85
C LEU D 142 19.19 13.22 -29.31
N LEU D 143 19.96 12.22 -29.73
CA LEU D 143 19.64 10.87 -29.45
C LEU D 143 20.08 10.52 -28.03
N LYS D 144 21.12 11.20 -27.56
CA LYS D 144 21.62 11.13 -26.17
C LYS D 144 20.63 11.79 -25.24
N ALA D 145 20.20 13.01 -25.60
CA ALA D 145 19.34 13.84 -24.77
C ALA D 145 17.98 13.26 -24.55
N LEU D 146 17.50 12.45 -25.50
CA LEU D 146 16.08 12.02 -25.60
C LEU D 146 15.55 11.19 -24.47
N PRO D 147 16.26 10.10 -24.12
CA PRO D 147 15.73 9.46 -22.90
C PRO D 147 16.02 10.40 -21.70
N GLN D 148 15.37 10.37 -20.54
CA GLN D 148 15.48 11.65 -19.73
C GLN D 148 14.63 12.80 -20.36
N ALA D 149 13.40 12.45 -20.76
CA ALA D 149 12.51 13.33 -21.53
C ALA D 149 12.89 14.79 -21.40
N ARG D 150 12.10 15.69 -20.81
CA ARG D 150 10.74 15.50 -20.23
C ARG D 150 9.72 16.33 -20.97
N ARG D 151 10.11 17.55 -21.35
CA ARG D 151 9.20 18.42 -22.08
C ARG D 151 9.85 19.19 -23.20
N ALA D 152 9.39 18.99 -24.48
CA ALA D 152 10.00 19.64 -25.67
C ALA D 152 9.26 20.81 -26.31
N ALA D 153 10.09 21.77 -26.79
CA ALA D 153 9.57 22.92 -27.53
C ALA D 153 10.19 22.88 -28.98
N ILE D 154 9.39 22.85 -30.06
CA ILE D 154 9.91 22.87 -31.42
C ILE D 154 9.48 24.16 -32.04
N LEU D 155 10.43 24.96 -32.48
CA LEU D 155 10.09 26.16 -33.22
C LEU D 155 10.02 25.86 -34.77
N GLY D 156 8.80 25.87 -35.36
CA GLY D 156 8.60 25.93 -36.80
C GLY D 156 7.66 24.78 -37.03
N ALA D 157 6.65 24.97 -37.84
CA ALA D 157 5.85 23.81 -38.18
C ALA D 157 5.97 23.60 -39.69
N GLY D 158 7.23 23.51 -40.18
CA GLY D 158 7.56 23.06 -41.51
C GLY D 158 7.54 21.52 -41.57
N TYR D 159 8.00 20.95 -42.67
CA TYR D 159 7.92 19.50 -42.73
C TYR D 159 8.80 18.90 -41.58
N ILE D 160 10.08 19.16 -41.49
CA ILE D 160 10.77 18.54 -40.40
C ILE D 160 10.15 19.31 -39.26
N GLY D 161 10.11 18.82 -38.05
CA GLY D 161 9.52 19.83 -37.18
C GLY D 161 8.12 19.33 -36.92
N LEU D 162 7.22 19.33 -37.88
CA LEU D 162 6.03 18.40 -37.71
C LEU D 162 6.50 16.97 -37.54
N GLU D 163 7.31 16.47 -38.47
CA GLU D 163 7.94 15.14 -38.46
C GLU D 163 8.60 15.02 -37.12
N ALA D 164 9.23 16.06 -36.68
CA ALA D 164 9.90 15.95 -35.34
C ALA D 164 9.02 15.67 -34.10
N ALA D 165 7.95 16.49 -33.93
CA ALA D 165 6.84 16.28 -33.01
C ALA D 165 6.31 14.82 -32.98
N GLU D 166 5.94 14.25 -34.13
CA GLU D 166 5.64 12.82 -34.11
C GLU D 166 6.71 12.09 -33.33
N ALA D 167 7.97 12.32 -33.72
CA ALA D 167 9.09 11.62 -33.16
C ALA D 167 9.21 11.78 -31.59
N PHE D 168 9.18 13.03 -31.13
CA PHE D 168 9.34 13.34 -29.73
C PHE D 168 8.18 12.82 -29.00
N ARG D 169 6.97 12.92 -29.53
CA ARG D 169 5.85 12.30 -28.82
C ARG D 169 6.08 10.77 -28.71
N LYS D 170 6.60 10.11 -29.72
CA LYS D 170 6.69 8.67 -29.64
C LYS D 170 7.67 8.33 -28.50
N ARG D 171 8.52 9.30 -28.09
CA ARG D 171 9.56 9.05 -27.06
C ARG D 171 9.02 9.43 -25.69
N GLY D 172 7.74 9.69 -25.65
CA GLY D 172 7.12 10.04 -24.42
C GLY D 172 7.06 11.51 -24.12
N LEU D 173 7.86 12.39 -24.72
CA LEU D 173 7.92 13.78 -24.23
C LEU D 173 6.61 14.56 -24.32
N GLN D 174 6.43 15.61 -23.51
CA GLN D 174 5.31 16.48 -23.84
C GLN D 174 5.79 17.43 -24.89
N VAL D 175 5.05 17.56 -25.96
CA VAL D 175 5.65 18.46 -26.91
C VAL D 175 4.74 19.61 -27.23
N THR D 176 5.35 20.80 -27.30
CA THR D 176 4.55 21.93 -27.71
C THR D 176 5.26 22.64 -28.85
N LEU D 177 4.50 22.87 -29.97
CA LEU D 177 5.00 23.42 -31.22
C LEU D 177 4.73 24.92 -31.26
N LEU D 178 5.78 25.79 -31.47
CA LEU D 178 5.68 27.28 -31.64
C LEU D 178 5.88 27.69 -33.12
N GLU D 179 4.84 28.10 -33.83
CA GLU D 179 5.00 28.72 -35.14
C GLU D 179 4.68 30.24 -35.11
N ALA D 180 5.34 31.05 -35.92
CA ALA D 180 5.13 32.45 -35.83
C ALA D 180 3.98 32.81 -36.74
N LYS D 181 3.85 32.15 -37.87
CA LYS D 181 2.74 32.45 -38.76
C LYS D 181 1.42 31.78 -38.25
N ASP D 182 0.30 31.91 -38.97
CA ASP D 182 -1.00 31.53 -38.35
C ASP D 182 -1.40 30.06 -38.33
N ARG D 183 -0.62 29.18 -38.92
CA ARG D 183 -1.06 27.80 -39.05
C ARG D 183 0.17 26.90 -39.12
N PRO D 184 0.01 25.58 -38.80
CA PRO D 184 1.06 24.64 -39.18
C PRO D 184 1.13 24.52 -40.75
N LEU D 185 2.31 24.17 -41.23
CA LEU D 185 2.51 24.17 -42.66
C LEU D 185 1.99 25.43 -43.36
N PRO D 186 2.58 26.57 -42.95
CA PRO D 186 2.21 27.92 -43.33
C PRO D 186 2.53 28.15 -44.79
N HIS D 187 3.24 27.21 -45.39
CA HIS D 187 3.70 27.49 -46.75
C HIS D 187 2.68 27.02 -47.79
N TRP D 188 1.56 26.63 -47.25
CA TRP D 188 0.53 26.00 -48.01
C TRP D 188 -0.87 26.51 -47.54
N ASP D 189 -1.73 26.75 -48.51
CA ASP D 189 -3.15 26.92 -48.22
C ASP D 189 -3.60 26.32 -46.86
N PRO D 190 -4.45 27.08 -46.17
CA PRO D 190 -4.78 26.89 -44.75
C PRO D 190 -5.58 25.63 -44.42
N GLU D 191 -6.28 25.07 -45.40
CA GLU D 191 -7.08 23.83 -45.26
C GLU D 191 -6.23 22.65 -44.82
N VAL D 192 -5.08 22.49 -45.49
CA VAL D 192 -4.14 21.49 -45.08
C VAL D 192 -3.56 21.80 -43.64
N GLY D 193 -3.06 23.04 -43.45
CA GLY D 193 -2.68 23.43 -42.09
C GLY D 193 -3.70 22.96 -41.01
N ALA D 194 -4.97 23.29 -41.24
CA ALA D 194 -6.07 22.93 -40.36
C ALA D 194 -6.06 21.45 -40.04
N LEU D 195 -5.95 20.66 -41.07
CA LEU D 195 -6.09 19.22 -40.93
C LEU D 195 -5.09 18.66 -39.94
N LEU D 196 -3.92 19.34 -39.95
CA LEU D 196 -2.70 18.93 -39.24
C LEU D 196 -2.80 19.38 -37.80
N LYS D 197 -3.24 20.63 -37.57
CA LYS D 197 -3.58 21.15 -36.21
C LYS D 197 -4.49 20.16 -35.50
N GLU D 198 -5.51 19.69 -36.19
CA GLU D 198 -6.40 18.66 -35.62
C GLU D 198 -5.63 17.42 -35.30
N GLU D 199 -4.82 16.94 -36.24
CA GLU D 199 -4.06 15.72 -36.00
C GLU D 199 -2.98 15.81 -34.91
N LEU D 200 -2.32 16.97 -34.82
CA LEU D 200 -1.28 17.17 -33.80
C LEU D 200 -1.94 17.12 -32.39
N GLU D 201 -3.13 17.72 -32.32
CA GLU D 201 -3.74 18.03 -31.06
C GLU D 201 -4.28 16.71 -30.69
N ARG D 202 -4.88 16.02 -31.68
CA ARG D 202 -5.36 14.61 -31.49
C ARG D 202 -4.36 13.71 -30.73
N HIS D 203 -3.08 14.07 -30.86
CA HIS D 203 -1.96 13.22 -30.45
C HIS D 203 -1.19 13.75 -29.29
N GLY D 204 -1.74 14.79 -28.68
CA GLY D 204 -1.13 15.33 -27.48
C GLY D 204 -0.27 16.55 -27.74
N VAL D 205 -0.31 17.04 -28.96
CA VAL D 205 0.71 18.04 -29.25
C VAL D 205 0.07 19.37 -29.08
N GLU D 206 0.68 20.21 -28.30
CA GLU D 206 0.18 21.54 -28.13
C GLU D 206 0.59 22.47 -29.28
N VAL D 207 -0.36 23.02 -30.02
CA VAL D 207 0.15 23.91 -31.06
C VAL D 207 -0.11 25.42 -30.88
N TRP D 208 0.93 26.23 -30.50
CA TRP D 208 0.93 27.72 -30.43
C TRP D 208 1.02 28.41 -31.81
N THR D 209 0.04 29.20 -32.18
CA THR D 209 0.09 29.81 -33.49
C THR D 209 0.41 31.33 -33.29
N GLY D 210 0.90 32.02 -34.32
CA GLY D 210 1.21 33.44 -34.22
C GLY D 210 1.99 33.83 -32.98
N VAL D 211 3.12 33.16 -32.78
CA VAL D 211 3.91 33.32 -31.57
C VAL D 211 5.18 34.00 -31.88
N LYS D 212 5.54 35.01 -31.10
CA LYS D 212 6.85 35.66 -31.29
C LYS D 212 7.76 35.08 -30.18
N VAL D 213 8.80 34.37 -30.55
CA VAL D 213 9.69 33.85 -29.54
C VAL D 213 10.75 34.86 -29.13
N GLU D 214 10.61 35.30 -27.88
CA GLU D 214 11.45 36.35 -27.29
C GLU D 214 12.84 35.80 -26.92
N ALA D 215 12.95 34.78 -26.08
CA ALA D 215 14.30 34.28 -25.75
C ALA D 215 14.23 32.90 -25.08
N PHE D 216 15.39 32.26 -24.93
CA PHE D 216 15.52 30.95 -24.26
C PHE D 216 16.10 30.98 -22.81
N ARG D 217 15.20 30.86 -21.83
CA ARG D 217 15.60 31.17 -20.46
C ARG D 217 16.49 30.08 -20.03
N GLY D 218 17.57 30.47 -19.37
CA GLY D 218 18.52 29.54 -18.80
C GLY D 218 19.85 30.17 -18.42
N MET D 219 20.60 29.43 -17.62
CA MET D 219 21.90 29.87 -17.15
C MET D 219 22.95 29.08 -17.92
N GLY D 220 22.76 29.03 -19.25
CA GLY D 220 23.51 28.11 -20.09
C GLY D 220 22.97 26.67 -20.20
N ARG D 221 21.78 26.37 -19.65
CA ARG D 221 21.12 25.06 -19.88
C ARG D 221 19.91 25.16 -20.79
N VAL D 222 18.95 25.93 -20.31
CA VAL D 222 17.67 26.12 -20.98
C VAL D 222 16.62 25.42 -20.17
N GLU D 223 15.50 26.10 -20.11
CA GLU D 223 14.45 25.53 -19.35
C GLU D 223 13.21 26.25 -19.78
N ALA D 224 13.36 27.34 -20.57
CA ALA D 224 12.12 27.99 -20.85
C ALA D 224 11.63 28.18 -22.23
N VAL D 225 12.18 29.05 -23.02
CA VAL D 225 11.36 29.70 -24.05
C VAL D 225 10.23 30.64 -23.57
N GLU D 226 10.62 31.92 -23.42
CA GLU D 226 9.73 33.07 -23.27
C GLU D 226 9.24 33.57 -24.65
N THR D 227 7.93 33.66 -24.76
CA THR D 227 7.24 34.00 -25.98
C THR D 227 6.32 35.21 -25.69
N SER D 228 5.80 35.83 -26.77
CA SER D 228 4.68 36.78 -26.62
C SER D 228 3.36 36.18 -25.96
N GLU D 229 3.03 34.93 -26.26
CA GLU D 229 1.84 34.34 -25.68
C GLU D 229 2.15 33.58 -24.38
N GLY D 230 3.12 34.05 -23.61
CA GLY D 230 3.42 33.43 -22.31
C GLY D 230 4.63 32.53 -22.31
N VAL D 231 4.91 31.87 -21.20
CA VAL D 231 6.15 31.15 -21.09
C VAL D 231 6.04 29.58 -21.17
N VAL D 232 6.82 28.94 -22.06
CA VAL D 232 6.76 27.46 -22.19
C VAL D 232 7.88 26.68 -21.47
N PRO D 233 7.55 26.04 -20.39
CA PRO D 233 8.69 25.30 -19.84
C PRO D 233 9.10 24.26 -20.84
N ALA D 234 10.42 24.10 -20.99
CA ALA D 234 11.03 23.13 -21.91
C ALA D 234 12.48 22.80 -21.55
N ASP D 235 12.89 21.55 -21.65
CA ASP D 235 14.25 21.22 -21.27
C ASP D 235 15.06 20.71 -22.41
N LEU D 236 14.31 20.39 -23.47
CA LEU D 236 14.87 20.30 -24.81
C LEU D 236 14.09 21.19 -25.80
N VAL D 237 14.86 21.95 -26.55
CA VAL D 237 14.22 22.70 -27.58
C VAL D 237 14.89 22.40 -28.97
N LEU D 238 14.09 22.44 -30.04
CA LEU D 238 14.50 22.12 -31.39
C LEU D 238 14.26 23.25 -32.35
N LEU D 239 15.30 23.69 -33.02
CA LEU D 239 15.06 24.67 -34.07
C LEU D 239 14.75 24.11 -35.50
N ALA D 240 13.51 24.18 -35.93
CA ALA D 240 13.16 23.71 -37.23
C ALA D 240 12.62 24.83 -38.01
N THR D 241 13.43 25.86 -38.06
CA THR D 241 13.11 27.20 -38.61
C THR D 241 13.69 27.47 -40.02
N GLY D 242 13.77 26.42 -40.84
CA GLY D 242 14.27 26.54 -42.20
C GLY D 242 15.80 26.43 -42.28
N ILE D 243 16.22 26.35 -43.56
CA ILE D 243 17.62 26.26 -43.95
C ILE D 243 18.05 27.34 -44.97
N ARG D 244 19.35 27.45 -45.16
CA ARG D 244 19.89 28.35 -46.13
C ARG D 244 21.11 27.63 -46.78
N PRO D 245 21.29 27.85 -48.11
CA PRO D 245 22.31 27.05 -48.78
C PRO D 245 23.70 27.45 -48.33
N ASN D 246 24.56 26.44 -48.21
CA ASN D 246 25.97 26.64 -47.96
C ASN D 246 26.80 27.17 -49.13
N THR D 247 26.79 28.48 -49.36
CA THR D 247 27.44 29.02 -50.53
C THR D 247 28.75 29.73 -50.29
N GLU D 248 29.30 29.68 -49.08
CA GLU D 248 30.38 30.64 -48.70
C GLU D 248 31.52 30.28 -49.58
N LEU D 249 31.89 29.01 -49.54
CA LEU D 249 33.02 28.54 -50.34
C LEU D 249 32.90 28.84 -51.85
N ALA D 250 31.68 28.75 -52.38
CA ALA D 250 31.40 28.94 -53.80
C ALA D 250 31.56 30.39 -54.19
N GLN D 251 31.25 31.31 -53.28
CA GLN D 251 31.49 32.71 -53.60
C GLN D 251 32.97 33.05 -53.52
N ALA D 252 33.73 32.38 -52.63
CA ALA D 252 35.17 32.59 -52.53
C ALA D 252 35.65 32.54 -53.95
N MET D 253 35.24 31.52 -54.68
CA MET D 253 35.86 31.21 -55.96
C MET D 253 35.13 31.81 -57.11
N GLY D 254 34.15 32.63 -56.81
CA GLY D 254 33.57 33.44 -57.86
C GLY D 254 32.53 32.75 -58.69
N VAL D 255 31.91 31.73 -58.08
CA VAL D 255 30.72 31.10 -58.61
C VAL D 255 29.61 32.08 -58.35
N ALA D 256 28.86 32.32 -59.41
CA ALA D 256 27.58 33.06 -59.35
C ALA D 256 26.40 32.42 -58.57
N LEU D 257 25.75 33.19 -57.70
CA LEU D 257 24.56 32.78 -57.01
C LEU D 257 23.41 33.25 -57.88
N GLY D 258 22.29 32.57 -57.92
CA GLY D 258 21.16 33.09 -58.67
C GLY D 258 20.31 33.88 -57.71
N PRO D 259 19.09 34.24 -58.14
CA PRO D 259 18.16 35.09 -57.38
C PRO D 259 17.79 34.53 -56.03
N THR D 260 17.67 33.21 -55.89
CA THR D 260 17.35 32.61 -54.58
C THR D 260 18.52 32.65 -53.56
N GLY D 261 19.72 32.95 -54.04
CA GLY D 261 20.85 32.81 -53.20
C GLY D 261 21.51 31.44 -53.27
N ALA D 262 20.88 30.45 -53.92
CA ALA D 262 21.56 29.17 -54.07
C ALA D 262 22.53 29.34 -55.30
N ILE D 263 23.49 28.41 -55.49
CA ILE D 263 24.25 28.42 -56.77
C ILE D 263 23.34 28.32 -58.01
N ALA D 264 23.66 29.06 -59.05
CA ALA D 264 22.87 29.06 -60.29
C ALA D 264 23.46 27.99 -61.09
N THR D 265 22.58 27.31 -61.79
CA THR D 265 23.05 26.19 -62.63
C THR D 265 22.29 26.19 -64.00
N ASP D 266 22.89 25.57 -65.05
CA ASP D 266 22.20 25.25 -66.31
C ASP D 266 21.66 23.76 -66.31
N GLU D 267 21.21 23.27 -67.46
CA GLU D 267 20.51 22.04 -67.49
C GLU D 267 21.54 20.96 -67.34
N ARG D 268 22.82 21.35 -67.37
CA ARG D 268 23.93 20.36 -67.15
C ARG D 268 24.63 20.50 -65.76
N MET D 269 24.00 21.29 -64.87
CA MET D 269 24.45 21.52 -63.50
C MET D 269 25.79 22.18 -63.49
N ARG D 270 26.12 22.85 -64.59
CA ARG D 270 27.37 23.63 -64.68
C ARG D 270 27.08 24.98 -64.09
N THR D 271 28.05 25.51 -63.36
CA THR D 271 28.02 26.91 -62.94
C THR D 271 28.52 27.83 -64.04
N ASN D 272 28.75 29.07 -63.70
CA ASN D 272 29.37 30.08 -64.60
C ASN D 272 30.87 29.74 -64.93
N LEU D 273 31.60 29.22 -63.94
CA LEU D 273 32.95 28.74 -64.18
C LEU D 273 33.02 27.43 -64.98
N GLU D 274 33.81 27.48 -66.07
CA GLU D 274 34.23 26.27 -66.77
C GLU D 274 34.73 25.26 -65.74
N GLY D 275 34.11 24.04 -65.80
CA GLY D 275 34.59 22.81 -65.15
C GLY D 275 34.06 22.59 -63.77
N VAL D 276 33.23 23.55 -63.33
CA VAL D 276 32.66 23.56 -61.99
C VAL D 276 31.12 23.44 -62.04
N TYR D 277 30.60 22.37 -61.42
CA TYR D 277 29.19 22.11 -61.34
C TYR D 277 28.65 22.22 -59.89
N ALA D 278 27.35 22.52 -59.74
CA ALA D 278 26.74 22.41 -58.42
C ALA D 278 25.68 21.35 -58.32
N ALA D 279 25.56 20.73 -57.13
CA ALA D 279 24.48 19.73 -57.02
C ALA D 279 23.84 19.60 -55.57
N GLY D 280 22.49 19.42 -55.59
CA GLY D 280 21.74 19.30 -54.37
C GLY D 280 21.31 20.59 -53.78
N ASP D 281 21.73 20.84 -52.54
CA ASP D 281 21.00 21.79 -51.71
C ASP D 281 21.65 23.11 -51.75
N VAL D 282 22.77 23.16 -52.43
CA VAL D 282 23.41 24.43 -52.58
C VAL D 282 22.94 24.96 -53.95
N ALA D 283 22.11 24.13 -54.61
CA ALA D 283 21.80 24.41 -56.01
C ALA D 283 20.36 24.81 -56.35
N GLU D 284 20.31 25.68 -57.34
CA GLU D 284 19.02 26.17 -57.81
C GLU D 284 18.60 25.14 -58.73
N SER D 285 17.30 24.91 -58.76
CA SER D 285 16.71 24.13 -59.77
C SER D 285 15.72 25.06 -60.54
N PHE D 286 15.39 24.71 -61.76
CA PHE D 286 14.46 25.50 -62.53
C PHE D 286 13.01 25.02 -62.24
N HIS D 287 12.08 25.86 -61.81
CA HIS D 287 10.72 25.41 -61.53
C HIS D 287 9.84 25.57 -62.81
N ARG D 288 9.08 24.53 -63.15
CA ARG D 288 8.52 24.46 -64.49
C ARG D 288 7.13 25.02 -64.51
N VAL D 289 6.65 25.35 -63.30
CA VAL D 289 5.36 26.05 -63.23
C VAL D 289 5.65 27.52 -63.30
N LEU D 290 6.50 27.95 -62.40
CA LEU D 290 6.90 29.40 -62.35
C LEU D 290 7.75 29.80 -63.52
N LYS D 291 8.19 28.86 -64.35
CA LYS D 291 9.20 29.19 -65.38
C LYS D 291 10.44 30.12 -64.89
N ARG D 292 11.06 29.72 -63.77
CA ARG D 292 12.26 30.41 -63.32
C ARG D 292 13.11 29.69 -62.30
N PRO D 293 14.26 30.23 -62.01
CA PRO D 293 14.99 29.52 -60.99
C PRO D 293 14.28 29.66 -59.58
N TYR D 294 14.57 28.61 -58.77
CA TYR D 294 13.81 28.30 -57.56
C TYR D 294 14.62 27.36 -56.69
N TRP D 295 14.48 27.47 -55.37
CA TRP D 295 15.34 26.63 -54.55
C TRP D 295 14.40 25.52 -54.06
N LEU D 296 14.74 24.21 -54.29
CA LEU D 296 13.97 23.05 -53.79
C LEU D 296 14.99 22.13 -53.20
N PRO D 297 15.37 22.34 -51.93
CA PRO D 297 16.28 21.56 -51.13
C PRO D 297 15.70 20.22 -50.70
N LEU D 298 15.43 19.35 -51.67
CA LEU D 298 14.98 18.02 -51.28
C LEU D 298 15.91 16.93 -51.73
N GLY D 299 15.65 15.74 -51.25
CA GLY D 299 16.57 14.65 -51.42
C GLY D 299 16.52 14.02 -52.78
N ASP D 300 15.32 13.92 -53.33
CA ASP D 300 15.11 13.34 -54.66
C ASP D 300 15.68 14.27 -55.64
N VAL D 301 15.54 15.58 -55.43
CA VAL D 301 16.27 16.57 -56.27
C VAL D 301 17.80 16.61 -56.14
N ALA D 302 18.36 16.43 -54.91
CA ALA D 302 19.82 16.34 -54.75
C ALA D 302 20.41 15.21 -55.62
N ASN D 303 19.76 14.03 -55.56
CA ASN D 303 20.13 12.85 -56.32
C ASN D 303 20.03 13.05 -57.87
N LYS D 304 19.02 13.76 -58.29
CA LYS D 304 18.91 14.00 -59.66
C LYS D 304 20.07 14.95 -59.90
N HIS D 305 20.26 16.01 -59.12
CA HIS D 305 21.38 16.93 -59.50
C HIS D 305 22.64 16.10 -59.68
N GLY D 306 23.09 15.45 -58.60
CA GLY D 306 24.32 14.70 -58.60
C GLY D 306 24.39 13.75 -59.79
N ARG D 307 23.39 12.93 -59.98
CA ARG D 307 23.55 12.05 -61.10
C ARG D 307 23.74 12.79 -62.44
N THR D 308 23.20 14.00 -62.59
CA THR D 308 23.28 14.70 -63.85
C THR D 308 24.69 15.20 -63.93
N ALA D 309 25.28 15.76 -62.88
CA ALA D 309 26.66 16.26 -62.91
C ALA D 309 27.57 15.18 -63.27
N GLY D 310 27.35 14.09 -62.56
CA GLY D 310 28.20 12.89 -62.70
C GLY D 310 28.25 12.38 -64.10
N SER D 311 27.06 12.13 -64.62
CA SER D 311 26.91 11.72 -66.02
C SER D 311 27.59 12.60 -66.99
N VAL D 312 27.34 13.90 -66.86
CA VAL D 312 27.98 14.91 -67.69
C VAL D 312 29.52 14.94 -67.71
N ILE D 313 30.13 14.92 -66.54
CA ILE D 313 31.56 14.73 -66.33
C ILE D 313 32.06 13.43 -66.96
N ALA D 314 31.44 12.26 -66.68
CA ALA D 314 31.88 11.01 -67.33
C ALA D 314 31.68 11.01 -68.88
N GLY D 315 31.29 12.15 -69.45
CA GLY D 315 30.92 12.28 -70.87
C GLY D 315 29.65 11.68 -71.47
N ARG D 316 28.73 11.10 -70.69
CA ARG D 316 27.35 10.85 -71.12
C ARG D 316 26.57 12.14 -71.30
N GLU D 317 25.66 12.14 -72.24
CA GLU D 317 24.72 13.22 -72.37
C GLU D 317 23.63 13.01 -71.32
N ALA D 318 23.45 14.07 -70.55
CA ALA D 318 22.52 14.12 -69.43
C ALA D 318 22.10 15.51 -69.23
N ARG D 319 20.86 15.70 -68.84
CA ARG D 319 20.32 17.05 -68.58
C ARG D 319 19.36 16.96 -67.41
N PHE D 320 19.21 18.04 -66.69
CA PHE D 320 18.24 18.14 -65.64
C PHE D 320 17.19 19.16 -66.07
N LEU D 321 15.97 18.73 -66.13
CA LEU D 321 14.99 19.51 -66.83
C LEU D 321 14.07 20.31 -65.95
N GLY D 322 14.33 20.23 -64.66
CA GLY D 322 13.72 21.11 -63.68
C GLY D 322 12.74 20.36 -62.82
N VAL D 323 12.15 21.13 -61.92
CA VAL D 323 11.28 20.58 -60.89
C VAL D 323 9.96 21.36 -60.98
N VAL D 324 8.95 20.83 -60.26
CA VAL D 324 7.57 21.24 -60.27
C VAL D 324 7.18 21.37 -58.82
N GLY D 325 8.09 21.07 -57.91
CA GLY D 325 7.87 21.38 -56.48
C GLY D 325 7.19 20.31 -55.65
N THR D 326 7.07 19.07 -56.16
CA THR D 326 6.43 17.96 -55.41
C THR D 326 7.16 17.56 -54.13
N ALA D 327 6.39 17.48 -53.07
CA ALA D 327 6.93 17.21 -51.70
C ALA D 327 5.96 16.30 -50.89
N ILE D 328 6.49 15.43 -50.03
CA ILE D 328 5.59 14.64 -49.22
C ILE D 328 6.25 14.28 -47.89
N PHE D 329 5.43 14.20 -46.87
CA PHE D 329 5.92 13.92 -45.55
C PHE D 329 4.83 13.30 -44.68
N LYS D 330 5.22 12.70 -43.58
CA LYS D 330 4.28 12.01 -42.72
C LYS D 330 4.28 12.48 -41.28
N ALA D 331 3.12 12.97 -40.89
CA ALA D 331 2.84 13.47 -39.51
C ALA D 331 1.79 12.68 -38.83
N PHE D 332 2.20 11.85 -37.89
CA PHE D 332 1.30 10.86 -37.28
C PHE D 332 0.54 9.94 -38.20
N ASP D 333 -0.75 10.16 -38.32
CA ASP D 333 -1.60 9.28 -39.17
C ASP D 333 -1.95 9.92 -40.50
N LEU D 334 -1.28 11.03 -40.77
CA LEU D 334 -1.59 11.73 -41.98
C LEU D 334 -0.37 11.73 -42.80
N ALA D 335 -0.63 11.67 -44.11
CA ALA D 335 0.39 11.68 -45.11
C ALA D 335 0.05 12.94 -45.93
N VAL D 336 0.94 13.95 -45.92
CA VAL D 336 0.70 15.21 -46.65
C VAL D 336 1.57 15.47 -47.91
N ALA D 337 0.92 15.54 -49.09
CA ALA D 337 1.62 15.64 -50.37
C ALA D 337 1.17 16.94 -50.97
N THR D 338 2.12 17.87 -51.24
CA THR D 338 1.92 19.02 -52.11
C THR D 338 2.69 19.03 -53.52
N THR D 339 2.35 20.02 -54.32
CA THR D 339 3.03 20.10 -55.57
C THR D 339 2.65 21.39 -56.31
N GLY D 340 3.62 21.92 -57.02
CA GLY D 340 3.36 23.20 -57.67
C GLY D 340 3.15 24.28 -56.66
N LEU D 341 2.38 25.28 -57.10
CA LEU D 341 2.02 26.42 -56.25
C LEU D 341 0.73 26.15 -55.50
N SER D 342 0.66 26.70 -54.28
CA SER D 342 -0.61 26.85 -53.56
C SER D 342 -1.36 28.04 -54.16
N LEU D 343 -2.67 28.09 -53.87
CA LEU D 343 -3.45 29.23 -54.30
C LEU D 343 -2.88 30.55 -53.81
N GLU D 344 -2.60 30.61 -52.50
CA GLU D 344 -1.94 31.78 -51.88
C GLU D 344 -0.83 32.30 -52.81
N GLY D 345 0.09 31.37 -53.14
CA GLY D 345 1.26 31.67 -53.91
C GLY D 345 0.99 31.85 -55.39
N ALA D 346 0.03 31.13 -55.89
CA ALA D 346 -0.32 31.27 -57.31
C ALA D 346 -0.84 32.69 -57.57
N LEU D 347 -1.41 33.31 -56.51
CA LEU D 347 -1.99 34.61 -56.61
C LEU D 347 -0.90 35.68 -56.54
N LYS D 348 0.01 35.53 -55.56
CA LYS D 348 1.26 36.29 -55.43
C LYS D 348 2.02 36.34 -56.75
N GLU D 349 1.95 35.33 -57.59
CA GLU D 349 2.54 35.44 -58.93
C GLU D 349 1.60 36.00 -59.93
N GLY D 350 0.39 36.33 -59.54
CA GLY D 350 -0.50 37.02 -60.45
C GLY D 350 -1.23 36.17 -61.46
N PHE D 351 -1.53 34.95 -61.07
CA PHE D 351 -2.50 34.20 -61.85
C PHE D 351 -3.92 34.54 -61.40
N TRP D 352 -4.85 34.59 -62.33
CA TRP D 352 -6.21 34.55 -61.84
C TRP D 352 -6.50 33.09 -61.45
N ALA D 353 -6.32 32.80 -60.15
CA ALA D 353 -6.23 31.42 -59.66
C ALA D 353 -7.37 31.02 -58.74
N LYS D 354 -7.98 29.90 -59.08
CA LYS D 354 -8.99 29.41 -58.17
C LYS D 354 -8.43 28.16 -57.44
N LYS D 355 -9.08 27.73 -56.34
CA LYS D 355 -8.71 26.50 -55.71
C LYS D 355 -10.00 25.66 -55.57
N VAL D 356 -9.86 24.35 -55.48
CA VAL D 356 -10.98 23.52 -54.95
C VAL D 356 -10.52 22.45 -53.93
N PHE D 357 -11.26 22.25 -52.87
CA PHE D 357 -10.77 21.41 -51.81
C PHE D 357 -11.94 20.46 -51.46
N ILE D 358 -11.74 19.14 -51.63
CA ILE D 358 -12.80 18.16 -51.45
C ILE D 358 -12.24 17.12 -50.55
N GLN D 359 -13.15 16.39 -49.96
CA GLN D 359 -12.76 15.34 -49.09
C GLN D 359 -13.47 14.05 -49.51
N SER D 360 -12.68 13.04 -49.86
CA SER D 360 -13.23 11.76 -50.31
C SER D 360 -12.72 10.59 -49.49
N ARG D 361 -12.83 9.39 -50.01
CA ARG D 361 -12.31 8.19 -49.32
C ARG D 361 -11.11 7.58 -49.99
N ASP D 362 -10.43 6.70 -49.32
CA ASP D 362 -9.28 6.01 -49.91
C ASP D 362 -9.74 4.57 -50.13
N GLY D 363 -10.80 4.39 -50.89
CA GLY D 363 -11.50 3.12 -50.90
C GLY D 363 -13.00 3.30 -50.95
N ALA D 364 -13.73 2.30 -51.46
CA ALA D 364 -15.17 2.40 -51.65
C ALA D 364 -15.79 2.73 -50.29
N HIS D 365 -16.94 3.46 -50.28
CA HIS D 365 -17.63 3.79 -49.01
C HIS D 365 -17.72 2.62 -48.06
N TYR D 366 -18.06 1.44 -48.61
CA TYR D 366 -18.33 0.18 -47.92
C TYR D 366 -17.17 -0.69 -47.54
N TYR D 367 -15.93 -0.33 -47.92
CA TYR D 367 -14.81 -1.24 -47.76
C TYR D 367 -14.19 -0.96 -46.40
N PRO D 368 -14.01 -2.01 -45.61
CA PRO D 368 -13.46 -2.00 -44.23
C PRO D 368 -12.17 -1.24 -44.18
N GLY D 369 -12.18 -0.20 -43.37
CA GLY D 369 -10.96 0.51 -43.02
C GLY D 369 -10.56 1.53 -44.03
N SER D 370 -11.49 1.86 -44.90
CA SER D 370 -11.21 2.82 -45.91
C SER D 370 -11.09 4.14 -45.12
N GLY D 371 -10.02 4.94 -45.39
CA GLY D 371 -9.82 6.20 -44.70
C GLY D 371 -10.46 7.35 -45.41
N PRO D 372 -10.25 8.56 -44.90
CA PRO D 372 -10.49 9.79 -45.65
C PRO D 372 -9.31 10.06 -46.54
N LEU D 373 -9.61 10.77 -47.60
CA LEU D 373 -8.59 11.26 -48.53
C LEU D 373 -9.01 12.62 -49.08
N TRP D 374 -8.26 13.71 -48.78
CA TRP D 374 -8.62 15.04 -49.29
C TRP D 374 -7.81 15.30 -50.53
N VAL D 375 -8.39 15.97 -51.54
CA VAL D 375 -7.46 16.41 -52.58
C VAL D 375 -7.86 17.85 -52.88
N GLU D 376 -6.86 18.82 -52.92
CA GLU D 376 -6.87 20.19 -53.44
C GLU D 376 -6.34 20.24 -54.92
N LEU D 377 -6.83 21.20 -55.70
CA LEU D 377 -6.43 21.52 -57.05
C LEU D 377 -6.31 23.09 -57.10
N VAL D 378 -5.14 23.63 -57.43
CA VAL D 378 -5.01 25.06 -57.59
C VAL D 378 -4.88 25.29 -59.10
N TYR D 379 -5.82 26.04 -59.71
CA TYR D 379 -5.93 26.19 -61.17
C TYR D 379 -6.15 27.62 -61.63
N GLU D 380 -5.89 27.83 -62.91
CA GLU D 380 -5.92 29.16 -63.51
C GLU D 380 -7.30 29.30 -64.14
N GLU D 381 -8.00 30.33 -63.70
CA GLU D 381 -9.39 30.60 -64.01
C GLU D 381 -9.79 30.39 -65.46
N GLY D 382 -9.02 30.95 -66.38
CA GLY D 382 -9.54 31.01 -67.76
C GLY D 382 -9.41 29.68 -68.49
N THR D 383 -8.10 29.39 -68.58
CA THR D 383 -7.50 28.24 -69.25
C THR D 383 -7.84 26.87 -68.62
N GLY D 384 -7.93 26.87 -67.31
CA GLY D 384 -8.03 25.62 -66.57
C GLY D 384 -6.69 24.94 -66.37
N ARG D 385 -5.60 25.71 -66.54
CA ARG D 385 -4.26 25.18 -66.44
C ARG D 385 -4.05 24.88 -65.00
N LEU D 386 -3.37 23.77 -64.71
CA LEU D 386 -3.08 23.30 -63.35
C LEU D 386 -1.92 24.13 -62.89
N LEU D 387 -1.89 24.49 -61.60
CA LEU D 387 -0.78 25.28 -61.02
C LEU D 387 -0.25 24.72 -59.67
N GLY D 388 -1.03 23.87 -59.08
CA GLY D 388 -0.61 23.36 -57.83
C GLY D 388 -1.70 22.36 -57.45
N GLY D 389 -1.46 21.71 -56.31
CA GLY D 389 -2.39 20.78 -55.74
C GLY D 389 -1.71 20.05 -54.53
N ALA D 390 -2.55 19.34 -53.79
CA ALA D 390 -2.16 18.65 -52.59
C ALA D 390 -3.10 17.43 -52.52
N VAL D 391 -2.64 16.30 -51.99
CA VAL D 391 -3.57 15.33 -51.52
C VAL D 391 -3.07 14.96 -50.13
N VAL D 392 -3.95 14.83 -49.12
CA VAL D 392 -3.55 14.18 -47.84
C VAL D 392 -4.45 12.95 -47.49
N ALA D 393 -3.87 11.84 -46.98
CA ALA D 393 -4.54 10.58 -46.80
C ALA D 393 -3.86 10.11 -45.53
N ARG D 394 -4.25 8.89 -45.10
CA ARG D 394 -3.49 8.12 -44.10
C ARG D 394 -2.42 7.38 -44.90
N GLY D 395 -2.81 7.05 -46.14
CA GLY D 395 -2.23 6.05 -47.04
C GLY D 395 -0.75 6.00 -47.40
N HIS D 396 -0.12 4.81 -47.41
CA HIS D 396 1.37 4.54 -47.54
C HIS D 396 1.68 4.37 -49.00
N GLY D 397 0.52 4.84 -49.65
CA GLY D 397 0.28 5.76 -50.76
C GLY D 397 -0.97 6.70 -50.74
N ALA D 398 -1.07 7.43 -51.85
CA ALA D 398 -1.88 8.70 -52.15
C ALA D 398 -1.05 9.94 -51.67
N LEU D 399 -0.12 10.52 -52.51
CA LEU D 399 0.83 9.80 -53.51
C LEU D 399 0.27 9.79 -54.89
N ARG D 400 -1.02 10.06 -54.84
CA ARG D 400 -1.79 10.26 -56.01
C ARG D 400 -1.25 11.63 -56.45
N ILE D 401 -0.40 12.21 -55.61
CA ILE D 401 0.13 13.53 -55.91
C ILE D 401 0.91 13.50 -57.14
N ASP D 402 1.56 12.34 -57.32
CA ASP D 402 2.45 12.05 -58.45
C ASP D 402 1.74 12.28 -59.83
N VAL D 403 0.41 12.22 -59.86
CA VAL D 403 -0.36 12.36 -61.06
C VAL D 403 -0.34 13.85 -61.38
N LEU D 404 -0.48 14.66 -60.35
CA LEU D 404 -0.65 16.08 -60.58
C LEU D 404 0.69 16.62 -61.02
N ALA D 405 1.74 15.94 -60.56
CA ALA D 405 3.12 16.35 -60.80
C ALA D 405 3.40 16.12 -62.27
N ALA D 406 2.79 15.07 -62.77
CA ALA D 406 2.99 14.62 -64.14
C ALA D 406 2.24 15.56 -64.98
N LEU D 407 1.07 15.94 -64.52
CA LEU D 407 0.30 16.85 -65.32
C LEU D 407 1.02 18.24 -65.34
N LEU D 408 1.55 18.67 -64.19
CA LEU D 408 2.23 19.97 -64.06
C LEU D 408 3.37 20.06 -65.00
N HIS D 409 4.01 18.94 -65.27
CA HIS D 409 5.28 18.89 -65.92
C HIS D 409 5.20 19.37 -67.35
N ARG D 410 4.36 18.77 -68.21
CA ARG D 410 3.90 19.39 -69.48
C ARG D 410 2.83 20.41 -68.98
N GLU D 411 2.25 21.33 -69.70
CA GLU D 411 1.42 22.23 -68.84
C GLU D 411 -0.02 21.85 -68.85
N GLY D 412 -0.34 20.79 -68.14
CA GLY D 412 -1.62 20.13 -68.27
C GLY D 412 -2.66 20.96 -67.54
N SER D 413 -3.90 20.55 -67.72
CA SER D 413 -5.08 21.29 -67.27
C SER D 413 -6.09 20.42 -66.56
N VAL D 414 -7.09 21.09 -66.01
CA VAL D 414 -8.15 20.35 -65.33
C VAL D 414 -8.88 19.38 -66.27
N GLU D 415 -9.18 19.87 -67.50
CA GLU D 415 -9.73 19.03 -68.59
C GLU D 415 -8.96 17.71 -68.73
N ASP D 416 -7.63 17.88 -68.77
CA ASP D 416 -6.68 16.77 -68.94
C ASP D 416 -6.84 15.81 -67.81
N LEU D 417 -6.84 16.35 -66.59
CA LEU D 417 -6.90 15.52 -65.42
C LEU D 417 -8.22 14.71 -65.54
N LEU D 418 -9.27 15.44 -65.97
CA LEU D 418 -10.60 14.84 -66.03
C LEU D 418 -10.64 13.65 -66.97
N ALA D 419 -9.88 13.74 -68.05
CA ALA D 419 -9.82 12.66 -69.05
C ALA D 419 -9.14 11.40 -68.63
N LEU D 420 -8.28 11.48 -67.61
CA LEU D 420 -7.40 10.35 -67.33
C LEU D 420 -8.18 9.08 -66.98
N ASP D 421 -7.64 7.96 -67.38
CA ASP D 421 -8.23 6.70 -67.08
C ASP D 421 -7.51 6.11 -65.84
N LEU D 422 -7.93 6.50 -64.62
CA LEU D 422 -7.35 5.90 -63.38
C LEU D 422 -7.87 4.49 -62.91
N ALA D 423 -7.24 4.15 -61.82
CA ALA D 423 -7.38 2.79 -61.38
C ALA D 423 -8.33 2.79 -60.25
N TYR D 424 -9.28 1.86 -60.41
CA TYR D 424 -10.37 1.64 -59.51
C TYR D 424 -10.42 0.20 -59.04
N ALA D 425 -10.51 0.05 -57.73
CA ALA D 425 -11.04 -1.12 -57.08
C ALA D 425 -11.27 -0.77 -55.59
N PRO D 426 -12.26 -1.43 -55.01
CA PRO D 426 -12.82 -1.10 -53.71
C PRO D 426 -11.78 -0.81 -52.63
N PRO D 427 -10.59 -1.39 -52.73
CA PRO D 427 -9.77 -1.22 -51.54
C PRO D 427 -8.82 0.03 -51.52
N PHE D 428 -8.81 0.68 -52.67
CA PHE D 428 -7.84 1.68 -52.94
C PHE D 428 -8.42 3.02 -53.43
N SER D 429 -9.64 2.99 -53.91
CA SER D 429 -10.22 4.18 -54.44
C SER D 429 -11.73 3.99 -54.48
N PRO D 430 -12.53 5.04 -54.18
CA PRO D 430 -13.94 5.08 -54.60
C PRO D 430 -14.06 4.99 -56.11
N VAL D 431 -15.27 4.78 -56.57
CA VAL D 431 -15.43 4.57 -58.00
C VAL D 431 -14.91 5.71 -58.85
N TRP D 432 -15.03 6.95 -58.38
CA TRP D 432 -14.42 8.13 -59.00
C TRP D 432 -13.25 8.44 -58.12
N ASP D 433 -12.04 8.40 -58.71
CA ASP D 433 -10.79 8.75 -57.99
C ASP D 433 -10.91 10.17 -57.47
N PRO D 434 -10.69 10.35 -56.15
CA PRO D 434 -10.62 11.67 -55.52
C PRO D 434 -10.13 12.72 -56.50
N LEU D 435 -8.86 12.65 -56.93
CA LEU D 435 -8.39 13.39 -58.12
C LEU D 435 -9.48 13.73 -59.13
N LEU D 436 -10.32 12.79 -59.61
CA LEU D 436 -11.32 13.13 -60.65
C LEU D 436 -12.57 13.82 -60.09
N ILE D 437 -12.96 13.45 -58.86
CA ILE D 437 -14.10 14.17 -58.27
C ILE D 437 -13.58 15.63 -58.09
N ALA D 438 -12.36 15.84 -57.66
CA ALA D 438 -11.85 17.21 -57.49
C ALA D 438 -11.92 17.93 -58.76
N ALA D 439 -11.53 17.29 -59.85
CA ALA D 439 -11.44 17.92 -61.15
C ALA D 439 -12.78 18.54 -61.54
N GLN D 440 -12.71 19.85 -61.78
CA GLN D 440 -13.87 20.81 -62.00
C GLN D 440 -15.01 20.59 -60.99
N GLN D 441 -15.77 19.54 -61.36
CA GLN D 441 -16.26 18.51 -60.44
C GLN D 441 -16.24 19.04 -58.87
N ALA D 442 -17.48 19.11 -58.29
CA ALA D 442 -17.87 19.72 -57.00
C ALA D 442 -16.97 20.90 -56.54
N ARG D 443 -17.63 21.96 -55.99
CA ARG D 443 -17.04 23.32 -55.61
C ARG D 443 -16.48 23.40 -54.13
PA FAD E . -6.94 19.69 -3.73
O1A FAD E . -5.83 19.26 -4.77
O2A FAD E . -7.37 18.70 -2.60
O5B FAD E . -8.24 20.02 -4.72
C5B FAD E . -8.68 21.26 -5.34
C4B FAD E . -9.93 20.93 -6.19
O4B FAD E . -10.37 22.17 -6.78
C3B FAD E . -9.69 19.86 -7.30
O3B FAD E . -10.37 18.56 -7.22
C2B FAD E . -9.92 20.65 -8.61
O2B FAD E . -10.68 19.90 -9.61
C1B FAD E . -10.53 22.04 -8.21
N9A FAD E . -10.02 23.14 -9.19
C8A FAD E . -8.76 23.19 -9.83
N7A FAD E . -8.61 24.23 -10.73
C5A FAD E . -9.82 24.91 -10.70
C6A FAD E . -10.38 26.12 -11.41
N6A FAD E . -9.49 26.74 -12.28
N1A FAD E . -11.71 26.49 -11.11
C2A FAD E . -12.55 25.85 -10.21
N3A FAD E . -12.11 24.77 -9.51
C4A FAD E . -10.79 24.22 -9.70
N1 FAD E . -2.13 14.33 3.34
C2 FAD E . -1.77 14.06 4.60
O2 FAD E . -1.53 15.09 5.25
N3 FAD E . -1.66 12.77 5.10
C4 FAD E . -1.91 11.64 4.39
O4 FAD E . -1.79 10.46 4.88
C4X FAD E . -2.35 11.85 2.95
N5 FAD E . -2.65 10.82 2.08
C5X FAD E . -3.01 11.08 0.79
C6 FAD E . -3.32 10.04 -0.06
C7 FAD E . -3.71 10.26 -1.39
C7M FAD E . -4.02 9.07 -2.25
C8 FAD E . -3.81 11.65 -1.93
C8M FAD E . -4.21 11.95 -3.34
C9 FAD E . -3.49 12.71 -1.09
C9A FAD E . -3.11 12.49 0.25
N10 FAD E . -2.83 13.62 1.11
C10 FAD E . -2.43 13.31 2.47
C1' FAD E . -2.84 15.04 0.62
C2' FAD E . -4.10 15.90 0.43
O2' FAD E . -4.97 15.30 -0.53
C3' FAD E . -3.87 17.37 -0.01
O3' FAD E . -2.60 17.91 0.37
C4' FAD E . -5.14 18.17 0.47
O4' FAD E . -6.41 17.55 0.03
C5' FAD E . -5.12 19.69 0.10
O5' FAD E . -6.26 20.09 -0.72
P FAD E . -6.51 21.53 -1.34
O1P FAD E . -7.82 22.09 -0.81
O2P FAD E . -5.35 22.51 -1.28
O3P FAD E . -6.76 21.16 -2.92
N1A COA F . -14.23 18.82 20.60
C2A COA F . -14.36 20.17 20.83
N3A COA F . -14.28 21.03 19.78
C4A COA F . -14.01 20.68 18.40
C5A COA F . -13.86 19.24 18.12
C6A COA F . -13.97 18.27 19.30
N6A COA F . -13.80 16.89 19.11
N7A COA F . -13.64 19.15 16.77
C8A COA F . -13.66 20.41 16.25
N9A COA F . -13.89 21.31 17.19
C1B COA F . -14.05 22.73 16.91
C2B COA F . -12.80 23.42 16.50
O2B COA F . -12.27 23.80 17.73
C3B COA F . -13.28 24.64 15.72
O3B COA F . -13.46 25.76 16.61
P3B COA F . -13.59 27.29 16.19
O7A COA F . -12.68 28.00 17.15
O8A COA F . -13.09 27.32 14.81
O9A COA F . -15.06 27.54 16.39
C4B COA F . -14.61 24.15 15.15
O4B COA F . -14.92 22.90 15.81
C5B COA F . -14.57 23.92 13.64
O5B COA F . -14.36 22.55 13.60
P1A COA F . -14.96 21.76 12.36
O1A COA F . -14.43 20.32 12.32
O2A COA F . -16.47 22.07 12.36
O3A COA F . -14.19 22.50 11.16
P2A COA F . -14.81 23.42 10.02
O4A COA F . -13.84 24.61 9.95
O5A COA F . -16.28 23.67 10.23
O6A COA F . -14.71 22.36 8.79
CBP COA F . -14.21 21.55 6.63
CCP COA F . -14.31 22.78 7.50
CDP COA F . -14.70 20.46 7.56
CEP COA F . -15.00 21.72 5.33
CAP COA F . -12.76 21.21 6.26
OAP COA F . -12.04 21.16 7.52
C9P COA F . -12.58 19.90 5.52
O9P COA F . -13.18 19.71 4.45
N8P COA F . -11.66 19.09 6.13
C7P COA F . -11.75 17.70 6.53
C6P COA F . -10.59 16.86 6.01
C5P COA F . -10.45 17.36 4.61
O5P COA F . -11.40 17.43 3.82
N4P COA F . -9.23 17.74 4.32
C3P COA F . -8.08 17.27 5.06
C2P COA F . -7.89 15.79 4.76
S1P COA F . -6.70 15.44 3.43
C1K VK3 G . 16.48 -2.24 29.11
O1K VK3 G . 17.31 -2.20 30.05
C2K VK3 G . 17.05 -2.37 27.84
C3K VK3 G . 16.31 -2.42 26.65
C4K VK3 G . 14.81 -2.37 26.74
O4K VK3 G . 14.12 -2.46 25.70
C5K VK3 G . 14.12 -2.23 28.09
C6K VK3 G . 12.74 -2.16 28.30
C7K VK3 G . 12.23 -2.03 29.60
C8K VK3 G . 12.99 -1.97 30.77
C9K VK3 G . 14.38 -2.03 30.59
C10 VK3 G . 14.99 -2.16 29.31
C11 VK3 G . 17.13 -2.53 25.39
C1K VK3 H . -13.61 16.58 10.64
O1K VK3 H . -13.98 17.45 9.80
C2K VK3 H . -14.21 16.69 11.89
C3K VK3 H . -13.91 15.82 12.94
C4K VK3 H . -12.93 14.69 12.72
O4K VK3 H . -12.73 13.93 13.69
C5K VK3 H . -12.26 14.52 11.38
C6K VK3 H . -11.32 13.53 11.04
C7K VK3 H . -10.74 13.50 9.77
C8K VK3 H . -11.08 14.39 8.74
C9K VK3 H . -12.01 15.38 9.02
C10 VK3 H . -12.61 15.50 10.29
C11 VK3 H . -14.61 16.10 14.25
PA FAD I . 13.35 0.96 44.66
O1A FAD I . 12.22 1.46 45.66
O2A FAD I . 12.81 0.34 43.33
O5B FAD I . 14.28 -0.22 45.38
C5B FAD I . 15.44 -0.14 46.25
C4B FAD I . 15.79 -1.53 46.79
O4B FAD I . 16.94 -1.24 47.59
C3B FAD I . 14.62 -2.21 47.63
O3B FAD I . 13.93 -3.46 47.14
C2B FAD I . 15.22 -2.28 49.04
O2B FAD I . 14.95 -3.57 49.67
C1B FAD I . 16.73 -1.85 48.88
N9A FAD I . 17.24 -1.19 50.17
C8A FAD I . 16.44 -0.38 50.95
N7A FAD I . 17.08 0.00 52.11
C5A FAD I . 18.34 -0.60 52.14
C6A FAD I . 19.51 -0.59 53.13
N6A FAD I . 19.33 0.16 54.28
N1A FAD I . 20.65 -1.35 52.76
C2A FAD I . 20.74 -2.07 51.55
N3A FAD I . 19.71 -2.12 50.61
C4A FAD I . 18.47 -1.41 50.84
N1 FAD I . 7.12 3.77 37.27
C2 FAD I . 6.83 4.27 36.00
O2 FAD I . 7.63 5.22 35.63
N3 FAD I . 5.75 3.76 35.21
C4 FAD I . 4.88 2.72 35.57
O4 FAD I . 3.92 2.29 34.84
C4X FAD I . 5.16 2.15 36.95
N5 FAD I . 4.39 1.13 37.46
C5X FAD I . 4.63 0.64 38.72
C6 FAD I . 3.83 -0.42 39.20
C7 FAD I . 4.07 -0.98 40.47
C7M FAD I . 3.17 -2.11 40.95
C8 FAD I . 5.20 -0.43 41.35
C8M FAD I . 5.54 -0.95 42.75
C9 FAD I . 5.97 0.64 40.87
C9A FAD I . 5.74 1.18 39.60
N10 FAD I . 6.60 2.24 39.14
C10 FAD I . 6.32 2.75 37.80
C1' FAD I . 7.70 2.84 40.00
C2' FAD I . 9.11 2.22 40.14
O2' FAD I . 9.08 0.99 40.87
C3' FAD I . 10.15 3.09 40.89
O3' FAD I . 9.96 4.55 40.80
C4' FAD I . 11.61 2.58 40.49
O4' FAD I . 11.68 1.09 40.45
C5' FAD I . 12.80 3.30 41.26
O5' FAD I . 13.81 2.48 41.96
P FAD I . 15.04 2.88 42.99
O1P FAD I . 16.33 2.16 42.49
O2P FAD I . 15.06 4.38 43.46
O3P FAD I . 14.55 2.11 44.35
N1A COA J . 19.84 0.89 20.17
C2A COA J . 21.02 1.50 20.31
N3A COA J . 21.59 1.79 21.52
C4A COA J . 21.02 1.51 22.72
C5A COA J . 19.68 0.86 22.66
C6A COA J . 19.10 0.54 21.28
N6A COA J . 17.84 -0.11 21.20
N7A COA J . 19.26 0.68 23.98
C8A COA J . 20.23 1.19 24.81
N9A COA J . 21.29 1.67 24.04
C1B COA J . 22.49 2.21 24.66
C2B COA J . 22.23 3.52 25.41
O2B COA J . 22.30 4.55 24.37
C3B COA J . 23.33 3.63 26.49
O3B COA J . 24.33 4.46 25.90
P3B COA J . 25.65 4.95 26.59
O7A COA J . 25.87 6.31 26.01
O8A COA J . 25.41 4.91 28.06
O9A COA J . 26.70 3.95 26.17
C4B COA J . 23.69 2.14 26.67
O4B COA J . 23.05 1.32 25.67
C5B COA J . 23.24 1.62 28.00
O5B COA J . 21.98 1.01 27.73
P1A COA J . 21.65 -0.33 28.56
O1A COA J . 20.21 -0.70 28.44
O2A COA J . 22.74 -1.31 28.13
O3A COA J . 21.65 0.31 30.06
P2A COA J . 22.64 0.19 31.32
O4A COA J . 22.84 1.56 31.98
O5A COA J . 23.73 -0.80 30.95
O6A COA J . 21.55 -0.54 32.21
CBP COA J . 20.28 -1.27 34.07
CCP COA J . 21.44 -0.35 33.61
CDP COA J . 19.78 -2.16 32.94
CEP COA J . 20.73 -2.08 35.27
CAP COA J . 19.16 -0.38 34.58
OAP COA J . 18.92 0.58 33.52
C9P COA J . 17.87 -1.06 34.99
O9P COA J . 17.82 -1.84 35.95
N8P COA J . 16.81 -0.61 34.33
C7P COA J . 15.79 -1.38 33.60
C6P COA J . 14.37 -1.01 34.10
C5P COA J . 14.59 -1.03 35.60
O5P COA J . 15.16 -1.97 36.18
N4P COA J . 14.19 0.08 36.20
C3P COA J . 13.21 0.97 35.65
C2P COA J . 11.86 0.23 35.52
S1P COA J . 10.77 0.50 36.92
PA FAD K . -26.07 -32.16 10.54
O1A FAD K . -24.62 -31.86 10.98
O2A FAD K . -26.29 -32.72 9.13
O5B FAD K . -26.89 -30.75 10.64
C5B FAD K . -27.67 -30.22 11.71
C4B FAD K . -28.11 -28.79 11.32
O4B FAD K . -28.72 -28.30 12.53
C3B FAD K . -27.00 -27.75 10.84
O3B FAD K . -26.89 -27.26 9.43
C2B FAD K . -27.10 -26.60 11.88
O2B FAD K . -27.07 -25.27 11.28
C1B FAD K . -28.32 -26.92 12.84
N9A FAD K . -28.03 -26.50 14.31
C8A FAD K . -26.81 -26.65 15.02
N7A FAD K . -26.85 -26.13 16.30
C5A FAD K . -28.12 -25.59 16.44
C6A FAD K . -28.81 -24.89 17.57
N6A FAD K . -28.07 -24.71 18.69
N1A FAD K . -30.15 -24.49 17.34
C2A FAD K . -30.84 -24.72 16.14
N3A FAD K . -30.29 -25.37 15.04
C4A FAD K . -28.93 -25.82 15.14
N1 FAD K . -22.50 -39.84 4.91
C2 FAD K . -22.58 -41.08 4.37
O2 FAD K . -23.14 -41.90 5.13
N3 FAD K . -22.10 -41.38 3.08
C4 FAD K . -21.49 -40.46 2.26
O4 FAD K . -21.07 -40.80 1.10
C4X FAD K . -21.34 -39.03 2.82
N5 FAD K . -20.75 -37.99 2.13
C5X FAD K . -20.65 -36.75 2.70
C6 FAD K . -20.07 -35.69 1.96
C7 FAD K . -19.93 -34.36 2.47
C7M FAD K . -19.28 -33.33 1.55
C8 FAD K . -20.46 -34.10 3.88
C8M FAD K . -20.36 -32.75 4.54
C9 FAD K . -21.03 -35.14 4.62
C9A FAD K . -21.15 -36.44 4.11
N10 FAD K . -21.80 -37.48 4.90
C10 FAD K . -21.90 -38.78 4.24
C1' FAD K . -22.31 -37.29 6.31
C2' FAD K . -23.69 -36.67 6.63
O2' FAD K . -23.74 -35.27 6.28
C3' FAD K . -24.06 -36.54 8.10
O3' FAD K . -23.40 -37.57 8.79
C4' FAD K . -25.60 -36.51 8.19
O4' FAD K . -26.11 -35.46 7.36
C5' FAD K . -26.11 -36.32 9.63
O5' FAD K . -26.95 -35.16 9.85
P FAD K . -27.58 -34.68 11.25
O1P FAD K . -29.10 -34.61 11.15
O2P FAD K . -26.95 -35.36 12.46
O3P FAD K . -27.00 -33.15 11.46
N1A COA L . -40.93 -48.78 -1.83
C2A COA L . -41.75 -49.07 -0.79
N3A COA L . -41.72 -48.35 0.41
C4A COA L . -40.86 -47.32 0.69
C5A COA L . -39.96 -46.92 -0.41
C6A COA L . -40.03 -47.72 -1.66
N6A COA L . -39.15 -47.35 -2.60
N7A COA L . -39.21 -45.92 0.01
C8A COA L . -39.60 -45.72 1.29
N9A COA L . -40.60 -46.53 1.74
C1B COA L . -41.26 -46.45 3.09
C2B COA L . -40.32 -46.66 4.22
O2B COA L . -40.47 -48.01 4.16
C3B COA L . -40.99 -46.12 5.46
O3B COA L . -41.99 -46.94 6.08
P3B COA L . -42.67 -46.83 7.58
O7A COA L . -42.77 -48.27 8.11
O8A COA L . -41.77 -45.86 8.26
O9A COA L . -44.03 -46.16 7.34
C4B COA L . -41.63 -44.91 4.83
O4B COA L . -41.64 -45.13 3.43
C5B COA L . -40.90 -43.59 5.12
O5B COA L . -39.99 -43.34 4.06
P1A COA L . -39.69 -41.82 3.55
O1A COA L . -38.68 -42.07 2.45
O2A COA L . -40.90 -41.02 3.17
O3A COA L . -38.98 -41.23 4.85
P2A COA L . -39.47 -40.23 5.98
O4A COA L . -39.06 -40.88 7.35
O5A COA L . -40.83 -39.67 5.67
O6A COA L . -38.46 -39.06 5.61
CBP COA L . -36.74 -37.47 5.77
CCP COA L . -37.69 -38.32 6.57
CDP COA L . -36.99 -37.86 4.31
CEP COA L . -36.97 -35.99 5.99
CAP COA L . -35.32 -37.80 6.18
OAP COA L . -35.21 -39.23 6.10
C9P COA L . -34.23 -37.07 5.34
O9P COA L . -34.12 -35.81 5.31
N8P COA L . -33.40 -37.98 4.73
C7P COA L . -32.92 -38.08 3.33
C6P COA L . -31.38 -37.98 3.17
C5P COA L . -30.98 -36.94 4.19
O5P COA L . -31.60 -35.87 4.14
N4P COA L . -30.07 -37.28 5.13
C3P COA L . -29.18 -38.39 4.94
C2P COA L . -28.35 -38.22 3.68
S1P COA L . -26.77 -37.47 4.13
C1K VK3 M . -35.46 -40.48 0.25
O1K VK3 M . -35.77 -39.75 1.22
C2K VK3 M . -36.45 -41.24 -0.39
C3K VK3 M . -36.24 -42.08 -1.48
C4K VK3 M . -34.86 -42.22 -2.06
O4K VK3 M . -34.67 -42.96 -3.05
C5K VK3 M . -33.74 -41.42 -1.43
C6K VK3 M . -32.41 -41.40 -1.85
C7K VK3 M . -31.40 -40.66 -1.20
C8K VK3 M . -31.69 -39.86 -0.10
C9K VK3 M . -33.01 -39.79 0.34
C10 VK3 M . -34.03 -40.53 -0.26
C11 VK3 M . -37.47 -42.77 -1.99
PA FAD N . 23.56 18.27 -47.48
O1A FAD N . 22.97 19.58 -46.93
O2A FAD N . 22.75 17.01 -47.18
O5B FAD N . 25.10 18.00 -46.91
C5B FAD N . 26.42 18.41 -47.38
C4B FAD N . 27.53 17.97 -46.39
O4B FAD N . 28.74 18.47 -46.99
C3B FAD N . 27.34 18.54 -44.93
O3B FAD N . 27.05 17.60 -43.81
C2B FAD N . 28.57 19.47 -44.72
O2B FAD N . 29.16 19.36 -43.36
C1B FAD N . 29.49 19.24 -46.02
N9A FAD N . 30.22 20.55 -46.39
C8A FAD N . 29.65 21.83 -46.26
N7A FAD N . 30.57 22.80 -46.57
C5A FAD N . 31.78 22.17 -46.87
C6A FAD N . 33.17 22.66 -47.26
N6A FAD N . 33.27 24.04 -47.34
N1A FAD N . 34.17 21.69 -47.48
C2A FAD N . 33.88 20.30 -47.35
N3A FAD N . 32.64 19.74 -47.00
C4A FAD N . 31.56 20.64 -46.75
N1 FAD N . 13.94 15.43 -48.32
C2 FAD N . 12.92 14.77 -49.00
O2 FAD N . 12.95 14.81 -50.32
N3 FAD N . 11.93 14.10 -48.22
C4 FAD N . 11.88 14.02 -46.82
O4 FAD N . 10.98 13.39 -46.13
C4X FAD N . 12.97 14.74 -46.10
N5 FAD N . 13.01 14.75 -44.73
C5X FAD N . 14.05 15.41 -44.09
C6 FAD N . 14.14 15.42 -42.68
C7 FAD N . 15.16 16.08 -41.96
C7M FAD N . 15.13 16.02 -40.44
C8 FAD N . 16.20 16.83 -42.71
C8M FAD N . 17.35 17.57 -42.04
C9 FAD N . 16.11 16.83 -44.11
C9A FAD N . 15.11 16.18 -44.87
N10 FAD N . 15.11 16.20 -46.34
C10 FAD N . 14.02 15.47 -46.95
C1' FAD N . 16.12 16.96 -47.20
C2' FAD N . 17.55 16.45 -47.45
O2' FAD N . 18.40 16.52 -46.29
C3' FAD N . 18.41 17.25 -48.41
O3' FAD N . 17.59 18.00 -49.29
C4' FAD N . 19.48 16.36 -49.14
O4' FAD N . 20.22 15.49 -48.23
C5' FAD N . 20.49 17.14 -50.04
O5' FAD N . 21.91 17.03 -49.69
P FAD N . 23.19 17.72 -50.42
O1P FAD N . 24.19 16.65 -50.85
O2P FAD N . 23.00 18.87 -51.38
O3P FAD N . 23.88 18.38 -49.10
N1A COA O . 16.28 -2.77 -59.51
C2A COA O . 17.04 -2.59 -60.64
N3A COA O . 17.97 -1.61 -60.82
C4A COA O . 18.20 -0.68 -59.87
C5A COA O . 17.41 -0.81 -58.61
C6A COA O . 16.40 -1.92 -58.45
N6A COA O . 15.65 -2.04 -57.30
N7A COA O . 17.82 0.18 -57.81
C8A COA O . 18.76 0.87 -58.50
N9A COA O . 19.01 0.37 -59.72
C1B COA O . 20.03 0.94 -60.66
C2B COA O . 19.77 2.39 -61.02
O2B COA O . 18.80 2.30 -62.04
C3B COA O . 21.08 3.00 -61.51
O3B COA O . 21.28 2.67 -62.90
P3B COA O . 22.37 3.22 -63.95
O7A COA O . 21.68 3.23 -65.30
O8A COA O . 22.87 4.52 -63.38
O9A COA O . 23.48 2.22 -63.89
C4B COA O . 22.02 2.22 -60.67
O4B COA O . 21.30 1.11 -60.09
C5B COA O . 22.57 3.05 -59.55
O5B COA O . 21.81 2.74 -58.35
P1A COA O . 22.41 2.86 -56.86
O1A COA O . 21.19 2.75 -55.98
O2A COA O . 23.49 1.84 -56.74
O3A COA O . 22.92 4.42 -56.94
P2A COA O . 24.39 5.17 -56.99
O4A COA O . 24.12 6.50 -57.62
O5A COA O . 25.55 4.13 -57.06
O6A COA O . 24.39 5.75 -55.52
CBP COA O . 24.42 7.04 -53.62
CCP COA O . 24.69 7.06 -55.12
CDP COA O . 23.74 5.78 -53.17
CEP COA O . 25.67 7.25 -52.80
CAP COA O . 23.44 8.17 -53.39
OAP COA O . 22.40 7.99 -54.41
C9P COA O . 22.94 8.35 -51.94
O9P COA O . 23.63 8.50 -50.92
N8P COA O . 21.61 8.41 -51.85
C7P COA O . 20.75 7.63 -50.94
C6P COA O . 19.87 8.49 -50.02
C5P COA O . 20.79 9.67 -49.79
O5P COA O . 21.94 9.45 -49.38
N4P COA O . 20.38 10.90 -50.06
C3P COA O . 19.02 11.27 -50.28
C2P COA O . 18.19 10.99 -49.04
S1P COA O . 17.73 12.53 -48.20
C1K VK3 P . 19.41 3.44 -52.24
O1K VK3 P . 20.49 4.06 -52.44
C2K VK3 P . 19.21 2.21 -52.90
C3K VK3 P . 18.07 1.38 -52.82
C4K VK3 P . 16.94 1.84 -51.92
O4K VK3 P . 15.92 1.10 -51.78
C5K VK3 P . 17.08 3.15 -51.19
C6K VK3 P . 16.14 3.74 -50.32
C7K VK3 P . 16.34 4.97 -49.67
C8K VK3 P . 17.50 5.72 -49.81
C9K VK3 P . 18.49 5.20 -50.66
C10 VK3 P . 18.33 3.99 -51.34
C11 VK3 P . 18.13 0.12 -53.65
#